data_1ZMX
#
_entry.id   1ZMX
#
_cell.length_a   69.712
_cell.length_b   70.340
_cell.length_c   224.528
_cell.angle_alpha   90.00
_cell.angle_beta   90.69
_cell.angle_gamma   90.00
#
_symmetry.space_group_name_H-M   'P 1 21 1'
#
loop_
_entity.id
_entity.type
_entity.pdbx_description
1 polymer 'Deoxynucleoside kinase'
2 non-polymer 'SULFATE ION'
3 non-polymer THYMIDINE
#
_entity_poly.entity_id   1
_entity_poly.type   'polypeptide(L)'
_entity_poly.pdbx_seq_one_letter_code
;MAEAASCARKGTKYAEGTQPFTVLIEGNIGSGKTTYLNHFEKYKNDICLLTEPVEKWRNVNGVDLLELMYKDPKKWAMPF
QSYVTLTMLQSHTAPTNKKLKIMERSIFSARYCFVENMRRNGSLEQGMYNTLEEWYKFIEESIHVQADLIIYLRTSPEVA
YERIRQRARSEESCVPLKYLQELHELHEDWLIHQRRPQSCKVLVLDADLNLENIGTEYQRSESSIFDAIS
;
_entity_poly.pdbx_strand_id   A,B,C,D,E,F,G,H
#
loop_
_chem_comp.id
_chem_comp.type
_chem_comp.name
_chem_comp.formula
SO4 non-polymer 'SULFATE ION' 'O4 S -2'
THM DNA OH 5 prime terminus THYMIDINE 'C10 H14 N2 O5'
#
# COMPACT_ATOMS: atom_id res chain seq x y z
N THR A 12 9.52 29.53 -14.93
CA THR A 12 10.37 30.31 -15.89
C THR A 12 10.15 29.91 -17.36
N LYS A 13 9.79 30.90 -18.18
CA LYS A 13 9.27 30.70 -19.53
C LYS A 13 10.31 30.30 -20.58
N TYR A 14 9.82 29.77 -21.70
CA TYR A 14 10.66 29.43 -22.84
C TYR A 14 11.18 30.70 -23.49
N ALA A 15 12.45 30.68 -23.88
CA ALA A 15 13.12 31.83 -24.50
C ALA A 15 13.30 33.08 -23.59
N GLU A 16 13.16 32.92 -22.27
CA GLU A 16 13.50 33.97 -21.32
C GLU A 16 14.95 34.42 -21.49
N GLY A 17 15.17 35.72 -21.35
CA GLY A 17 16.48 36.32 -21.54
C GLY A 17 17.29 35.84 -22.74
N THR A 18 16.63 35.59 -23.87
CA THR A 18 17.37 35.22 -25.09
C THR A 18 17.14 36.24 -26.19
N GLN A 19 16.45 37.33 -25.84
CA GLN A 19 15.93 38.26 -26.83
C GLN A 19 16.40 39.69 -26.58
N PRO A 20 16.78 40.40 -27.65
CA PRO A 20 17.24 41.79 -27.53
C PRO A 20 16.06 42.74 -27.38
N PHE A 21 16.34 44.04 -27.31
CA PHE A 21 15.27 45.04 -27.35
C PHE A 21 14.36 44.76 -28.56
N THR A 22 13.05 44.65 -28.32
CA THR A 22 12.15 44.32 -29.40
C THR A 22 11.09 45.41 -29.67
N VAL A 23 11.01 45.82 -30.94
CA VAL A 23 10.02 46.79 -31.37
C VAL A 23 8.96 46.11 -32.24
N LEU A 24 7.70 46.32 -31.91
CA LEU A 24 6.60 45.78 -32.69
C LEU A 24 5.92 46.86 -33.54
N ILE A 25 5.82 46.63 -34.85
CA ILE A 25 5.14 47.56 -35.72
C ILE A 25 3.69 47.13 -35.83
N GLU A 26 2.78 47.97 -35.35
CA GLU A 26 1.35 47.65 -35.36
C GLU A 26 0.55 48.65 -36.19
N GLY A 27 -0.58 48.22 -36.73
CA GLY A 27 -1.41 49.09 -37.53
C GLY A 27 -2.43 48.30 -38.32
N ASN A 28 -3.42 49.01 -38.84
CA ASN A 28 -4.49 48.42 -39.66
C ASN A 28 -3.94 47.86 -40.96
N ILE A 29 -4.73 47.03 -41.64
CA ILE A 29 -4.37 46.61 -42.98
C ILE A 29 -4.29 47.88 -43.80
N GLY A 30 -3.21 48.03 -44.57
CA GLY A 30 -3.02 49.21 -45.39
C GLY A 30 -2.62 50.45 -44.64
N SER A 31 -1.97 50.30 -43.48
CA SER A 31 -1.46 51.46 -42.76
C SER A 31 -0.02 51.81 -43.18
N GLY A 32 0.50 51.07 -44.15
CA GLY A 32 1.82 51.31 -44.70
C GLY A 32 2.94 50.69 -43.89
N LYS A 33 2.67 49.55 -43.25
CA LYS A 33 3.66 48.85 -42.47
C LYS A 33 4.79 48.29 -43.34
N THR A 34 4.43 47.65 -44.44
CA THR A 34 5.43 47.03 -45.33
C THR A 34 6.35 48.07 -45.92
N THR A 35 5.79 49.21 -46.30
CA THR A 35 6.56 50.35 -46.79
C THR A 35 7.48 50.88 -45.68
N TYR A 36 6.92 51.03 -44.48
CA TYR A 36 7.67 51.54 -43.34
C TYR A 36 8.86 50.67 -43.02
N LEU A 37 8.67 49.35 -43.07
CA LEU A 37 9.71 48.41 -42.70
C LEU A 37 10.83 48.27 -43.73
N ASN A 38 10.52 48.59 -44.99
CA ASN A 38 11.52 48.61 -46.06
C ASN A 38 12.60 49.64 -45.81
N HIS A 39 12.27 50.67 -45.03
CA HIS A 39 13.25 51.71 -44.70
C HIS A 39 14.34 51.15 -43.78
N PHE A 40 14.06 50.02 -43.14
CA PHE A 40 15.00 49.42 -42.21
C PHE A 40 15.87 48.37 -42.88
N GLU A 41 15.54 48.04 -44.12
CA GLU A 41 16.23 47.04 -44.93
C GLU A 41 17.75 47.16 -44.91
N LYS A 42 18.24 48.38 -45.02
CA LYS A 42 19.68 48.62 -45.14
C LYS A 42 20.45 48.43 -43.83
N TYR A 43 19.79 47.92 -42.80
CA TYR A 43 20.44 47.70 -41.51
C TYR A 43 20.40 46.26 -41.07
N LYS A 44 20.11 45.38 -42.03
CA LYS A 44 20.00 43.94 -41.79
C LYS A 44 21.14 43.37 -40.95
N ASN A 45 22.35 43.90 -41.12
CA ASN A 45 23.51 43.41 -40.37
C ASN A 45 23.44 43.76 -38.90
N ASP A 46 22.58 44.70 -38.56
CA ASP A 46 22.54 45.25 -37.21
C ASP A 46 21.22 45.04 -36.52
N ILE A 47 20.20 44.71 -37.30
CA ILE A 47 18.84 44.64 -36.82
C ILE A 47 18.19 43.35 -37.29
N CYS A 48 17.64 42.59 -36.36
CA CYS A 48 16.84 41.42 -36.73
C CYS A 48 15.47 41.92 -37.13
N LEU A 49 15.12 41.67 -38.39
CA LEU A 49 14.01 42.35 -39.00
C LEU A 49 13.03 41.37 -39.61
N LEU A 50 11.98 41.06 -38.86
CA LEU A 50 11.03 40.02 -39.26
C LEU A 50 9.71 40.61 -39.71
N THR A 51 9.44 40.48 -40.99
CA THR A 51 8.16 40.94 -41.56
C THR A 51 7.07 39.95 -41.19
N GLU A 52 5.81 40.40 -41.28
CA GLU A 52 4.67 39.54 -41.06
C GLU A 52 4.80 38.27 -41.90
N PRO A 53 4.70 37.09 -41.28
CA PRO A 53 4.90 35.83 -42.01
C PRO A 53 3.70 35.40 -42.87
N VAL A 54 3.36 36.20 -43.88
CA VAL A 54 2.25 35.87 -44.77
C VAL A 54 2.60 34.69 -45.66
N GLU A 55 3.86 34.63 -46.09
CA GLU A 55 4.35 33.57 -46.96
C GLU A 55 4.07 32.19 -46.35
N LYS A 56 4.31 32.07 -45.04
CA LYS A 56 4.00 30.86 -44.30
C LYS A 56 2.52 30.55 -44.33
N TRP A 57 1.67 31.56 -44.19
CA TRP A 57 0.23 31.36 -44.11
C TRP A 57 -0.33 30.95 -45.45
N ARG A 58 0.33 31.39 -46.51
CA ARG A 58 -0.14 31.16 -47.87
C ARG A 58 0.37 29.81 -48.39
N ASN A 59 1.37 29.25 -47.72
CA ASN A 59 1.94 27.97 -48.12
C ASN A 59 2.27 27.08 -46.90
N VAL A 60 1.26 26.42 -46.37
CA VAL A 60 1.43 25.47 -45.26
C VAL A 60 1.42 24.07 -45.88
N ASN A 61 2.61 23.55 -46.16
CA ASN A 61 2.77 22.35 -46.99
C ASN A 61 1.86 22.36 -48.21
N GLY A 62 1.85 23.48 -48.93
CA GLY A 62 1.04 23.59 -50.13
C GLY A 62 -0.31 24.24 -49.94
N VAL A 63 -0.89 24.08 -48.75
CA VAL A 63 -2.19 24.66 -48.44
C VAL A 63 -2.09 26.16 -48.19
N ASP A 64 -3.01 26.92 -48.75
CA ASP A 64 -3.08 28.36 -48.51
C ASP A 64 -4.15 28.68 -47.49
N LEU A 65 -3.75 28.79 -46.24
CA LEU A 65 -4.70 28.99 -45.16
C LEU A 65 -5.36 30.35 -45.26
N LEU A 66 -4.58 31.36 -45.63
CA LEU A 66 -5.10 32.73 -45.73
C LEU A 66 -6.25 32.81 -46.73
N GLU A 67 -6.06 32.18 -47.88
CA GLU A 67 -7.08 32.13 -48.92
C GLU A 67 -8.32 31.39 -48.46
N LEU A 68 -8.13 30.19 -47.91
CA LEU A 68 -9.23 29.38 -47.40
C LEU A 68 -10.03 30.12 -46.33
N MET A 69 -9.38 31.06 -45.66
CA MET A 69 -10.03 31.83 -44.61
C MET A 69 -10.96 32.90 -45.18
N TYR A 70 -10.47 33.64 -46.17
CA TYR A 70 -11.28 34.66 -46.84
C TYR A 70 -12.39 34.01 -47.67
N LYS A 71 -12.13 32.81 -48.21
CA LYS A 71 -13.11 32.04 -48.97
C LYS A 71 -14.25 31.49 -48.10
N ASP A 72 -13.94 31.00 -46.90
CA ASP A 72 -14.93 30.31 -46.06
C ASP A 72 -14.57 30.45 -44.56
N PRO A 73 -14.87 31.62 -43.99
CA PRO A 73 -14.40 31.95 -42.64
C PRO A 73 -14.94 31.03 -41.55
N LYS A 74 -16.21 30.65 -41.62
CA LYS A 74 -16.81 29.84 -40.55
C LYS A 74 -16.03 28.54 -40.30
N LYS A 75 -15.34 28.07 -41.35
CA LYS A 75 -14.64 26.80 -41.32
C LYS A 75 -13.13 26.94 -41.11
N TRP A 76 -12.53 27.94 -41.74
CA TRP A 76 -11.07 28.06 -41.77
C TRP A 76 -10.48 29.14 -40.86
N ALA A 77 -11.31 29.99 -40.26
CA ALA A 77 -10.80 31.03 -39.38
C ALA A 77 -10.04 30.44 -38.20
N MET A 78 -10.63 29.41 -37.59
CA MET A 78 -10.07 28.75 -36.42
C MET A 78 -8.66 28.18 -36.67
N PRO A 79 -8.47 27.29 -37.66
CA PRO A 79 -7.12 26.81 -37.97
C PRO A 79 -6.21 27.93 -38.46
N PHE A 80 -6.72 28.83 -39.30
CA PHE A 80 -5.88 29.90 -39.80
C PHE A 80 -5.31 30.74 -38.66
N GLN A 81 -6.18 31.27 -37.81
CA GLN A 81 -5.75 32.08 -36.66
C GLN A 81 -4.83 31.30 -35.72
N SER A 82 -5.19 30.05 -35.47
CA SER A 82 -4.32 29.14 -34.72
C SER A 82 -2.93 29.09 -35.34
N TYR A 83 -2.86 28.93 -36.65
CA TYR A 83 -1.59 28.95 -37.34
C TYR A 83 -0.87 30.30 -37.25
N VAL A 84 -1.61 31.39 -37.37
CA VAL A 84 -1.04 32.72 -37.21
C VAL A 84 -0.35 32.82 -35.85
N THR A 85 -1.07 32.43 -34.80
CA THR A 85 -0.52 32.42 -33.46
C THR A 85 0.82 31.70 -33.42
N LEU A 86 0.86 30.52 -34.03
CA LEU A 86 2.08 29.75 -34.06
C LEU A 86 3.25 30.51 -34.72
N THR A 87 3.02 31.02 -35.93
CA THR A 87 4.07 31.72 -36.66
C THR A 87 4.55 32.94 -35.90
N MET A 88 3.63 33.60 -35.21
CA MET A 88 4.00 34.74 -34.38
C MET A 88 4.98 34.29 -33.31
N LEU A 89 4.63 33.25 -32.57
CA LEU A 89 5.51 32.67 -31.54
C LEU A 89 6.86 32.27 -32.12
N GLN A 90 6.83 31.75 -33.35
CA GLN A 90 8.06 31.40 -34.04
C GLN A 90 8.98 32.60 -34.22
N SER A 91 8.40 33.75 -34.58
CA SER A 91 9.14 35.00 -34.70
C SER A 91 9.56 35.57 -33.35
N HIS A 92 8.62 35.57 -32.40
CA HIS A 92 8.85 36.12 -31.09
C HIS A 92 10.00 35.45 -30.34
N THR A 93 10.28 34.19 -30.67
CA THR A 93 11.26 33.39 -29.92
C THR A 93 12.48 33.04 -30.75
N ALA A 94 12.38 33.22 -32.07
CA ALA A 94 13.52 32.99 -32.96
C ALA A 94 14.77 33.62 -32.38
N PRO A 95 15.84 32.84 -32.30
CA PRO A 95 17.06 33.32 -31.64
C PRO A 95 17.78 34.32 -32.55
N THR A 96 18.48 35.28 -31.95
CA THR A 96 19.28 36.22 -32.74
C THR A 96 20.42 36.86 -31.98
N ASN A 97 21.47 37.15 -32.73
CA ASN A 97 22.65 37.79 -32.16
C ASN A 97 22.60 39.31 -32.16
N LYS A 98 21.77 39.88 -33.02
CA LYS A 98 21.60 41.32 -33.12
C LYS A 98 21.12 41.97 -31.81
N LYS A 99 21.34 43.28 -31.68
CA LYS A 99 20.99 44.00 -30.45
C LYS A 99 19.62 44.67 -30.50
N LEU A 100 18.96 44.62 -31.65
CA LEU A 100 17.63 45.13 -31.81
C LEU A 100 16.80 44.24 -32.74
N LYS A 101 15.54 44.00 -32.37
CA LYS A 101 14.63 43.19 -33.15
C LYS A 101 13.36 43.96 -33.46
N ILE A 102 12.96 43.96 -34.73
CA ILE A 102 11.75 44.66 -35.16
C ILE A 102 10.83 43.66 -35.85
N MET A 103 9.61 43.55 -35.32
CA MET A 103 8.62 42.62 -35.83
C MET A 103 7.42 43.35 -36.38
N GLU A 104 6.99 42.98 -37.58
CA GLU A 104 5.76 43.51 -38.11
C GLU A 104 4.60 42.69 -37.55
N ARG A 105 3.70 43.37 -36.85
CA ARG A 105 2.59 42.72 -36.13
C ARG A 105 3.10 41.77 -35.06
N SER A 106 2.20 41.10 -34.35
CA SER A 106 2.60 40.31 -33.18
C SER A 106 1.50 39.36 -32.76
N ILE A 107 1.82 38.49 -31.81
CA ILE A 107 0.81 37.67 -31.18
C ILE A 107 -0.32 38.52 -30.61
N PHE A 108 0.01 39.74 -30.15
CA PHE A 108 -0.98 40.64 -29.57
C PHE A 108 -2.02 41.16 -30.56
N SER A 109 -1.59 41.70 -31.69
CA SER A 109 -2.54 42.14 -32.70
C SER A 109 -3.42 40.98 -33.18
N ALA A 110 -2.83 39.80 -33.29
CA ALA A 110 -3.57 38.61 -33.69
C ALA A 110 -4.69 38.36 -32.71
N ARG A 111 -4.36 38.40 -31.42
CA ARG A 111 -5.32 38.08 -30.37
C ARG A 111 -6.36 39.20 -30.18
N TYR A 112 -5.88 40.41 -29.92
CA TYR A 112 -6.72 41.51 -29.49
C TYR A 112 -7.51 42.16 -30.60
N CYS A 113 -7.04 42.03 -31.84
CA CYS A 113 -7.74 42.66 -32.95
C CYS A 113 -8.36 41.63 -33.87
N PHE A 114 -7.52 40.80 -34.50
CA PHE A 114 -8.04 39.88 -35.48
C PHE A 114 -8.95 38.80 -34.89
N VAL A 115 -8.46 38.05 -33.91
CA VAL A 115 -9.28 37.00 -33.32
C VAL A 115 -10.57 37.60 -32.75
N GLU A 116 -10.42 38.68 -31.97
CA GLU A 116 -11.56 39.35 -31.35
C GLU A 116 -12.60 39.76 -32.37
N ASN A 117 -12.16 40.37 -33.48
CA ASN A 117 -13.09 40.79 -34.50
C ASN A 117 -13.79 39.62 -35.17
N MET A 118 -13.04 38.55 -35.41
CA MET A 118 -13.59 37.33 -35.99
C MET A 118 -14.67 36.69 -35.11
N ARG A 119 -14.50 36.80 -33.78
CA ARG A 119 -15.52 36.38 -32.84
C ARG A 119 -16.75 37.25 -32.98
N ARG A 120 -16.54 38.56 -32.95
CA ARG A 120 -17.61 39.55 -33.03
C ARG A 120 -18.50 39.39 -34.26
N ASN A 121 -17.91 39.16 -35.42
CA ASN A 121 -18.72 39.01 -36.63
C ASN A 121 -19.11 37.56 -36.92
N GLY A 122 -18.91 36.70 -35.94
CA GLY A 122 -19.32 35.30 -36.03
C GLY A 122 -18.55 34.39 -36.98
N SER A 123 -17.36 34.78 -37.40
CA SER A 123 -16.50 33.87 -38.16
C SER A 123 -15.99 32.77 -37.23
N LEU A 124 -15.55 33.14 -36.04
CA LEU A 124 -15.21 32.18 -35.00
C LEU A 124 -16.42 31.95 -34.13
N GLU A 125 -16.91 30.72 -34.10
CA GLU A 125 -17.98 30.37 -33.17
C GLU A 125 -17.42 30.34 -31.74
N GLN A 126 -18.31 30.33 -30.76
CA GLN A 126 -17.91 30.43 -29.35
C GLN A 126 -16.84 29.41 -28.94
N GLY A 127 -17.08 28.14 -29.24
CA GLY A 127 -16.16 27.08 -28.90
C GLY A 127 -14.79 27.26 -29.53
N MET A 128 -14.79 27.77 -30.76
CA MET A 128 -13.55 28.03 -31.47
C MET A 128 -12.78 29.17 -30.86
N TYR A 129 -13.47 30.27 -30.59
CA TYR A 129 -12.88 31.41 -29.90
C TYR A 129 -12.33 30.96 -28.56
N ASN A 130 -13.15 30.26 -27.77
CA ASN A 130 -12.72 29.79 -26.46
C ASN A 130 -11.45 28.95 -26.45
N THR A 131 -11.30 28.09 -27.45
CA THR A 131 -10.08 27.31 -27.64
C THR A 131 -8.89 28.20 -27.91
N LEU A 132 -9.02 29.12 -28.86
CA LEU A 132 -7.94 30.06 -29.12
C LEU A 132 -7.54 30.80 -27.87
N GLU A 133 -8.53 31.28 -27.10
CA GLU A 133 -8.25 32.06 -25.91
C GLU A 133 -7.56 31.24 -24.83
N GLU A 134 -7.98 29.99 -24.66
CA GLU A 134 -7.36 29.11 -23.65
C GLU A 134 -5.88 28.94 -23.95
N TRP A 135 -5.55 28.81 -25.24
CA TRP A 135 -4.18 28.76 -25.70
C TRP A 135 -3.44 30.05 -25.35
N TYR A 136 -3.98 31.20 -25.74
CA TYR A 136 -3.31 32.47 -25.44
C TYR A 136 -2.95 32.55 -23.96
N LYS A 137 -3.87 32.11 -23.11
CA LYS A 137 -3.65 32.16 -21.67
C LYS A 137 -2.53 31.22 -21.28
N PHE A 138 -2.50 30.04 -21.88
CA PHE A 138 -1.42 29.11 -21.59
C PHE A 138 -0.12 29.64 -22.16
N ILE A 139 -0.20 30.28 -23.33
CA ILE A 139 1.00 30.79 -23.99
C ILE A 139 1.68 31.85 -23.15
N GLU A 140 0.93 32.73 -22.52
CA GLU A 140 1.66 33.77 -21.78
C GLU A 140 2.22 33.23 -20.44
N GLU A 141 1.74 32.10 -19.95
CA GLU A 141 2.36 31.50 -18.77
C GLU A 141 3.60 30.71 -19.11
N SER A 142 3.79 30.37 -20.38
CA SER A 142 4.81 29.39 -20.73
C SER A 142 5.85 29.84 -21.77
N ILE A 143 5.49 30.79 -22.61
CA ILE A 143 6.42 31.29 -23.62
C ILE A 143 6.69 32.76 -23.40
N HIS A 144 7.95 33.17 -23.55
CA HIS A 144 8.33 34.56 -23.32
C HIS A 144 8.19 35.42 -24.57
N VAL A 145 7.30 36.40 -24.52
CA VAL A 145 7.14 37.32 -25.64
C VAL A 145 7.74 38.69 -25.32
N GLN A 146 8.96 38.90 -25.79
CA GLN A 146 9.70 40.15 -25.59
C GLN A 146 9.06 41.29 -26.38
N ALA A 147 8.70 42.36 -25.67
CA ALA A 147 8.10 43.54 -26.29
C ALA A 147 8.42 44.82 -25.51
N ASP A 148 9.29 45.67 -26.06
CA ASP A 148 9.74 46.86 -25.34
C ASP A 148 9.13 48.17 -25.85
N LEU A 149 8.65 48.15 -27.09
CA LEU A 149 8.09 49.34 -27.69
C LEU A 149 7.19 48.96 -28.85
N ILE A 150 6.00 49.54 -28.89
CA ILE A 150 5.12 49.39 -30.04
C ILE A 150 5.14 50.68 -30.83
N ILE A 151 5.30 50.59 -32.15
CA ILE A 151 5.08 51.74 -33.01
C ILE A 151 3.74 51.53 -33.68
N TYR A 152 2.80 52.42 -33.39
CA TYR A 152 1.46 52.33 -33.94
C TYR A 152 1.35 53.23 -35.16
N LEU A 153 1.23 52.63 -36.34
CA LEU A 153 0.96 53.39 -37.56
C LEU A 153 -0.52 53.68 -37.62
N ARG A 154 -0.92 54.72 -36.89
CA ARG A 154 -2.30 55.14 -36.81
C ARG A 154 -2.80 55.83 -38.07
N THR A 155 -3.99 55.45 -38.53
CA THR A 155 -4.61 56.03 -39.73
C THR A 155 -6.11 56.01 -39.60
N SER A 156 -6.78 56.82 -40.42
CA SER A 156 -8.22 56.70 -40.56
C SER A 156 -8.53 55.54 -41.52
N PRO A 157 -9.57 54.77 -41.21
CA PRO A 157 -9.96 53.62 -42.05
C PRO A 157 -10.07 53.97 -43.53
N GLU A 158 -10.49 55.18 -43.85
CA GLU A 158 -10.72 55.61 -45.24
C GLU A 158 -9.40 55.70 -45.99
N VAL A 159 -8.39 56.30 -45.36
CA VAL A 159 -7.06 56.42 -45.93
C VAL A 159 -6.45 55.04 -46.13
N ALA A 160 -6.71 54.15 -45.18
CA ALA A 160 -6.24 52.77 -45.26
C ALA A 160 -6.88 52.12 -46.46
N TYR A 161 -8.21 52.14 -46.50
CA TYR A 161 -8.96 51.63 -47.64
C TYR A 161 -8.39 52.10 -48.98
N GLU A 162 -8.11 53.40 -49.07
CA GLU A 162 -7.53 54.00 -50.27
C GLU A 162 -6.21 53.35 -50.65
N ARG A 163 -5.30 53.23 -49.68
CA ARG A 163 -3.99 52.65 -49.93
C ARG A 163 -4.06 51.23 -50.50
N ILE A 164 -5.01 50.44 -50.02
CA ILE A 164 -5.19 49.06 -50.49
C ILE A 164 -5.63 49.03 -51.95
N ARG A 165 -6.47 49.97 -52.35
CA ARG A 165 -6.98 50.04 -53.72
C ARG A 165 -5.89 50.30 -54.77
N GLN A 166 -4.91 51.13 -54.43
CA GLN A 166 -3.81 51.47 -55.34
C GLN A 166 -2.85 50.31 -55.66
N ARG A 167 -2.89 49.24 -54.87
CA ARG A 167 -1.91 48.14 -54.97
C ARG A 167 -2.38 46.92 -55.77
N VAL A 175 -10.96 44.03 -49.51
CA VAL A 175 -11.55 44.03 -48.17
C VAL A 175 -12.45 45.26 -47.91
N PRO A 176 -13.70 45.01 -47.50
CA PRO A 176 -14.68 46.07 -47.21
C PRO A 176 -14.18 47.15 -46.26
N LEU A 177 -14.68 48.38 -46.42
CA LEU A 177 -14.32 49.48 -45.52
C LEU A 177 -14.83 49.22 -44.10
N LYS A 178 -15.97 48.55 -44.00
CA LYS A 178 -16.56 48.18 -42.71
C LYS A 178 -15.60 47.34 -41.87
N TYR A 179 -14.94 46.36 -42.51
CA TYR A 179 -13.94 45.50 -41.87
C TYR A 179 -12.79 46.35 -41.35
N LEU A 180 -12.30 47.24 -42.20
CA LEU A 180 -11.19 48.11 -41.84
C LEU A 180 -11.54 49.05 -40.69
N GLN A 181 -12.81 49.44 -40.64
CA GLN A 181 -13.34 50.28 -39.56
C GLN A 181 -13.29 49.53 -38.24
N GLU A 182 -13.81 48.30 -38.25
CA GLU A 182 -13.83 47.41 -37.10
C GLU A 182 -12.42 47.17 -36.57
N LEU A 183 -11.50 46.82 -37.47
CA LEU A 183 -10.11 46.61 -37.11
C LEU A 183 -9.49 47.86 -36.50
N HIS A 184 -9.74 49.01 -37.12
CA HIS A 184 -9.25 50.28 -36.64
C HIS A 184 -9.70 50.52 -35.21
N GLU A 185 -11.01 50.38 -34.96
CA GLU A 185 -11.57 50.57 -33.62
C GLU A 185 -10.90 49.69 -32.59
N LEU A 186 -10.62 48.44 -32.96
CA LEU A 186 -9.99 47.48 -32.08
C LEU A 186 -8.54 47.83 -31.78
N HIS A 187 -7.83 48.29 -32.81
CA HIS A 187 -6.47 48.77 -32.63
C HIS A 187 -6.45 49.97 -31.70
N GLU A 188 -7.46 50.84 -31.85
CA GLU A 188 -7.57 52.03 -31.03
C GLU A 188 -7.86 51.68 -29.57
N ASP A 189 -8.79 50.76 -29.34
CA ASP A 189 -9.08 50.23 -28.01
C ASP A 189 -7.82 49.74 -27.33
N TRP A 190 -7.00 49.00 -28.08
CA TRP A 190 -5.81 48.37 -27.54
C TRP A 190 -4.70 49.39 -27.29
N LEU A 191 -4.40 50.20 -28.29
CA LEU A 191 -3.19 51.02 -28.28
C LEU A 191 -3.35 52.46 -27.79
N ILE A 192 -4.58 53.00 -27.84
CA ILE A 192 -4.84 54.38 -27.41
C ILE A 192 -5.64 54.43 -26.10
N HIS A 193 -6.88 53.96 -26.15
CA HIS A 193 -7.80 53.97 -25.02
C HIS A 193 -7.41 52.98 -23.93
N GLN A 194 -6.38 52.18 -24.22
CA GLN A 194 -5.80 51.19 -23.29
C GLN A 194 -6.79 50.25 -22.62
N ARG A 195 -7.68 49.65 -23.40
CA ARG A 195 -8.62 48.71 -22.83
C ARG A 195 -7.97 47.35 -22.48
N ARG A 196 -7.08 46.85 -23.33
CA ARG A 196 -6.46 45.53 -23.16
C ARG A 196 -5.21 45.58 -22.25
N PRO A 197 -4.74 44.45 -21.75
CA PRO A 197 -3.51 44.46 -20.95
C PRO A 197 -2.30 45.01 -21.72
N GLN A 198 -1.70 46.07 -21.20
CA GLN A 198 -0.50 46.68 -21.79
C GLN A 198 0.72 45.92 -21.43
N SER A 199 1.67 45.90 -22.34
CA SER A 199 2.88 45.18 -22.09
C SER A 199 4.09 46.09 -22.14
N CYS A 200 3.87 47.35 -22.57
CA CYS A 200 4.97 48.24 -22.84
C CYS A 200 4.50 49.56 -23.49
N LYS A 201 5.44 50.48 -23.70
CA LYS A 201 5.13 51.82 -24.21
C LYS A 201 4.72 51.84 -25.70
N VAL A 202 3.62 52.52 -25.98
CA VAL A 202 3.13 52.70 -27.34
C VAL A 202 3.58 54.06 -27.86
N LEU A 203 4.01 54.11 -29.11
CA LEU A 203 4.47 55.34 -29.71
C LEU A 203 3.75 55.56 -31.04
N VAL A 204 2.93 56.61 -31.09
CA VAL A 204 1.97 56.79 -32.18
C VAL A 204 2.47 57.66 -33.32
N LEU A 205 2.41 57.15 -34.54
CA LEU A 205 2.78 57.92 -35.73
C LEU A 205 1.57 58.19 -36.61
N ASP A 206 1.53 59.37 -37.20
CA ASP A 206 0.48 59.73 -38.15
C ASP A 206 0.93 59.41 -39.59
N ALA A 207 0.28 58.43 -40.20
CA ALA A 207 0.65 58.04 -41.57
C ALA A 207 -0.02 58.95 -42.62
N ASP A 208 0.26 60.26 -42.50
CA ASP A 208 -0.32 61.31 -43.33
C ASP A 208 0.66 62.48 -43.48
N THR B 12 16.76 25.73 -24.53
CA THR B 12 16.26 24.98 -23.32
C THR B 12 14.75 25.17 -23.05
N LYS B 13 14.04 24.04 -23.01
CA LYS B 13 12.57 24.00 -23.06
C LYS B 13 11.87 24.42 -21.77
N TYR B 14 10.59 24.74 -21.89
CA TYR B 14 9.74 25.07 -20.75
C TYR B 14 9.51 23.83 -19.91
N ALA B 15 9.54 24.01 -18.60
CA ALA B 15 9.38 22.91 -17.63
C ALA B 15 10.48 21.81 -17.63
N GLU B 16 11.64 22.11 -18.24
CA GLU B 16 12.82 21.24 -18.14
C GLU B 16 13.20 21.02 -16.69
N GLY B 17 13.62 19.79 -16.38
CA GLY B 17 13.97 19.39 -15.02
C GLY B 17 13.03 19.84 -13.91
N THR B 18 11.72 19.86 -14.16
CA THR B 18 10.77 20.18 -13.10
C THR B 18 9.84 19.01 -12.82
N GLN B 19 10.12 17.88 -13.47
CA GLN B 19 9.18 16.77 -13.52
C GLN B 19 9.80 15.47 -13.00
N PRO B 20 9.04 14.71 -12.21
CA PRO B 20 9.53 13.44 -11.68
C PRO B 20 9.44 12.33 -12.72
N PHE B 21 9.82 11.10 -12.35
CA PHE B 21 9.60 9.95 -13.21
C PHE B 21 8.14 9.95 -13.68
N THR B 22 7.92 9.86 -14.99
CA THR B 22 6.56 9.92 -15.51
C THR B 22 6.14 8.66 -16.27
N VAL B 23 5.00 8.10 -15.88
CA VAL B 23 4.44 6.93 -16.55
C VAL B 23 3.18 7.33 -17.30
N LEU B 24 3.11 6.95 -18.57
CA LEU B 24 1.94 7.23 -19.39
C LEU B 24 1.11 5.96 -19.62
N ILE B 25 -0.18 6.02 -19.29
CA ILE B 25 -1.06 4.89 -19.52
C ILE B 25 -1.70 5.08 -20.88
N GLU B 26 -1.41 4.16 -21.81
CA GLU B 26 -1.94 4.25 -23.17
C GLU B 26 -2.79 3.04 -23.52
N GLY B 27 -3.73 3.22 -24.44
CA GLY B 27 -4.61 2.15 -24.84
C GLY B 27 -5.81 2.67 -25.60
N ASN B 28 -6.51 1.75 -26.28
CA ASN B 28 -7.71 2.06 -27.05
C ASN B 28 -8.83 2.55 -26.15
N ILE B 29 -9.87 3.16 -26.74
CA ILE B 29 -11.07 3.46 -25.99
C ILE B 29 -11.58 2.13 -25.50
N GLY B 30 -11.94 2.07 -24.22
CA GLY B 30 -12.45 0.84 -23.64
C GLY B 30 -11.40 -0.22 -23.37
N SER B 31 -10.15 0.16 -23.19
CA SER B 31 -9.11 -0.82 -22.83
C SER B 31 -8.97 -0.97 -21.31
N GLY B 32 -9.85 -0.28 -20.58
CA GLY B 32 -9.88 -0.38 -19.13
C GLY B 32 -8.87 0.50 -18.43
N LYS B 33 -8.55 1.64 -19.03
CA LYS B 33 -7.60 2.59 -18.44
C LYS B 33 -8.15 3.22 -17.15
N THR B 34 -9.41 3.65 -17.18
CA THR B 34 -10.02 4.31 -16.01
C THR B 34 -10.08 3.37 -14.83
N THR B 35 -10.43 2.11 -15.10
CA THR B 35 -10.44 1.07 -14.09
C THR B 35 -9.04 0.82 -13.57
N TYR B 36 -8.08 0.72 -14.48
CA TYR B 36 -6.69 0.47 -14.12
C TYR B 36 -6.14 1.57 -13.20
N LEU B 37 -6.46 2.82 -13.52
CA LEU B 37 -5.95 3.96 -12.77
C LEU B 37 -6.56 4.14 -11.39
N ASN B 38 -7.78 3.62 -11.21
CA ASN B 38 -8.45 3.64 -9.91
C ASN B 38 -7.70 2.83 -8.87
N HIS B 39 -6.91 1.86 -9.32
CA HIS B 39 -6.11 1.03 -8.42
C HIS B 39 -5.01 1.86 -7.78
N PHE B 40 -4.68 3.00 -8.39
CA PHE B 40 -3.61 3.86 -7.89
C PHE B 40 -4.12 4.94 -6.95
N GLU B 41 -5.44 5.06 -6.88
CA GLU B 41 -6.14 6.06 -6.07
C GLU B 41 -5.60 6.18 -4.64
N LYS B 42 -5.35 5.05 -4.01
CA LYS B 42 -4.95 5.03 -2.61
C LYS B 42 -3.52 5.48 -2.36
N TYR B 43 -2.85 6.01 -3.38
CA TYR B 43 -1.48 6.47 -3.24
C TYR B 43 -1.33 7.94 -3.59
N LYS B 44 -2.45 8.65 -3.63
CA LYS B 44 -2.50 10.06 -3.96
C LYS B 44 -1.44 10.90 -3.25
N ASN B 45 -1.11 10.55 -2.00
CA ASN B 45 -0.13 11.31 -1.23
C ASN B 45 1.28 11.13 -1.76
N ASP B 46 1.46 10.11 -2.60
CA ASP B 46 2.79 9.73 -3.03
C ASP B 46 2.99 9.81 -4.51
N ILE B 47 1.87 9.87 -5.23
CA ILE B 47 1.88 9.78 -6.68
C ILE B 47 1.00 10.89 -7.25
N CYS B 48 1.56 11.67 -8.18
CA CYS B 48 0.77 12.63 -8.93
C CYS B 48 0.03 11.88 -10.01
N LEU B 49 -1.29 11.92 -9.93
CA LEU B 49 -2.11 11.00 -10.68
C LEU B 49 -3.16 11.74 -11.50
N LEU B 50 -2.84 11.97 -12.77
CA LEU B 50 -3.69 12.79 -13.62
C LEU B 50 -4.44 11.96 -14.64
N THR B 51 -5.75 11.88 -14.47
CA THR B 51 -6.62 11.17 -15.41
C THR B 51 -6.80 12.00 -16.67
N GLU B 52 -7.21 11.36 -17.75
CA GLU B 52 -7.51 12.05 -19.00
C GLU B 52 -8.45 13.21 -18.72
N PRO B 53 -8.11 14.42 -19.16
CA PRO B 53 -8.93 15.61 -18.86
C PRO B 53 -10.19 15.74 -19.73
N VAL B 54 -11.12 14.79 -19.60
CA VAL B 54 -12.36 14.81 -20.37
C VAL B 54 -13.26 15.92 -19.87
N GLU B 55 -13.26 16.13 -18.55
CA GLU B 55 -14.12 17.14 -17.93
C GLU B 55 -13.85 18.52 -18.53
N LYS B 56 -12.57 18.83 -18.77
CA LYS B 56 -12.18 20.06 -19.45
C LYS B 56 -12.74 20.12 -20.86
N TRP B 57 -12.71 19.01 -21.58
CA TRP B 57 -13.14 19.00 -22.98
C TRP B 57 -14.64 19.15 -23.09
N ARG B 58 -15.34 18.70 -22.06
CA ARG B 58 -16.80 18.70 -22.04
C ARG B 58 -17.34 20.03 -21.55
N ASN B 59 -16.48 20.82 -20.91
CA ASN B 59 -16.87 22.12 -20.37
C ASN B 59 -15.79 23.18 -20.57
N VAL B 60 -15.72 23.73 -21.79
CA VAL B 60 -14.81 24.83 -22.11
C VAL B 60 -15.60 26.12 -22.05
N ASN B 61 -15.58 26.78 -20.90
CA ASN B 61 -16.49 27.89 -20.60
C ASN B 61 -17.92 27.59 -21.03
N GLY B 62 -18.40 26.41 -20.67
CA GLY B 62 -19.77 26.03 -20.99
C GLY B 62 -19.92 25.21 -22.25
N VAL B 63 -19.03 25.41 -23.22
CA VAL B 63 -19.07 24.67 -24.49
C VAL B 63 -18.54 23.25 -24.31
N ASP B 64 -19.25 22.28 -24.90
CA ASP B 64 -18.81 20.89 -24.87
C ASP B 64 -18.16 20.54 -26.19
N LEU B 65 -16.83 20.63 -26.24
CA LEU B 65 -16.11 20.42 -27.47
C LEU B 65 -16.19 18.97 -27.90
N LEU B 66 -16.11 18.05 -26.94
CA LEU B 66 -16.15 16.62 -27.24
C LEU B 66 -17.43 16.25 -27.96
N GLU B 67 -18.55 16.75 -27.46
CA GLU B 67 -19.86 16.51 -28.06
C GLU B 67 -19.96 17.10 -29.46
N LEU B 68 -19.58 18.37 -29.60
CA LEU B 68 -19.60 19.05 -30.88
C LEU B 68 -18.74 18.33 -31.92
N MET B 69 -17.75 17.59 -31.44
CA MET B 69 -16.84 16.86 -32.33
C MET B 69 -17.51 15.60 -32.88
N TYR B 70 -18.15 14.82 -32.00
CA TYR B 70 -18.87 13.62 -32.42
C TYR B 70 -20.11 13.98 -33.24
N LYS B 71 -20.71 15.13 -32.93
CA LYS B 71 -21.87 15.65 -33.68
C LYS B 71 -21.53 16.10 -35.10
N ASP B 72 -20.39 16.77 -35.28
CA ASP B 72 -20.04 17.40 -36.57
C ASP B 72 -18.51 17.49 -36.73
N PRO B 73 -17.88 16.37 -37.08
CA PRO B 73 -16.41 16.28 -37.06
C PRO B 73 -15.72 17.23 -38.05
N LYS B 74 -16.26 17.40 -39.25
CA LYS B 74 -15.59 18.22 -40.26
C LYS B 74 -15.34 19.64 -39.76
N LYS B 75 -16.15 20.08 -38.81
CA LYS B 75 -16.11 21.45 -38.30
C LYS B 75 -15.40 21.57 -36.96
N TRP B 76 -15.64 20.62 -36.06
CA TRP B 76 -15.17 20.72 -34.69
C TRP B 76 -13.95 19.86 -34.32
N ALA B 77 -13.52 18.98 -35.21
CA ALA B 77 -12.35 18.14 -34.92
C ALA B 77 -11.11 18.98 -34.68
N MET B 78 -10.90 19.96 -35.56
CA MET B 78 -9.75 20.85 -35.50
C MET B 78 -9.61 21.61 -34.17
N PRO B 79 -10.61 22.38 -33.75
CA PRO B 79 -10.55 23.02 -32.44
C PRO B 79 -10.53 22.02 -31.30
N PHE B 80 -11.33 20.96 -31.38
CA PHE B 80 -11.35 19.98 -30.31
C PHE B 80 -9.96 19.37 -30.08
N GLN B 81 -9.36 18.82 -31.13
CA GLN B 81 -8.02 18.23 -31.03
C GLN B 81 -6.98 19.25 -30.58
N SER B 82 -7.05 20.46 -31.14
CA SER B 82 -6.23 21.58 -30.69
C SER B 82 -6.37 21.77 -29.18
N TYR B 83 -7.60 21.77 -28.69
CA TYR B 83 -7.82 21.88 -27.26
C TYR B 83 -7.28 20.69 -26.47
N VAL B 84 -7.45 19.48 -27.00
CA VAL B 84 -6.88 18.29 -26.38
C VAL B 84 -5.40 18.46 -26.20
N THR B 85 -4.71 18.85 -27.28
CA THR B 85 -3.29 19.10 -27.22
C THR B 85 -2.94 20.03 -26.07
N LEU B 86 -3.70 21.12 -25.94
CA LEU B 86 -3.44 22.07 -24.87
C LEU B 86 -3.56 21.42 -23.48
N THR B 87 -4.67 20.74 -23.22
CA THR B 87 -4.90 20.13 -21.92
C THR B 87 -3.83 19.10 -21.59
N MET B 88 -3.38 18.39 -22.62
CA MET B 88 -2.29 17.44 -22.44
C MET B 88 -1.05 18.15 -21.93
N LEU B 89 -0.65 19.22 -22.63
CA LEU B 89 0.50 20.04 -22.23
C LEU B 89 0.31 20.58 -20.81
N GLN B 90 -0.92 20.94 -20.48
CA GLN B 90 -1.21 21.40 -19.12
C GLN B 90 -0.88 20.33 -18.08
N SER B 91 -1.22 19.07 -18.37
CA SER B 91 -0.89 17.95 -17.50
C SER B 91 0.60 17.64 -17.51
N HIS B 92 1.18 17.59 -18.71
CA HIS B 92 2.57 17.24 -18.88
C HIS B 92 3.53 18.18 -18.14
N THR B 93 3.10 19.41 -17.90
CA THR B 93 3.98 20.44 -17.35
C THR B 93 3.56 20.87 -15.96
N ALA B 94 2.32 20.53 -15.57
CA ALA B 94 1.82 20.83 -14.24
C ALA B 94 2.88 20.47 -13.20
N PRO B 95 3.16 21.40 -12.30
CA PRO B 95 4.25 21.22 -11.34
C PRO B 95 3.81 20.25 -10.25
N THR B 96 4.75 19.49 -9.70
CA THR B 96 4.42 18.60 -8.60
C THR B 96 5.60 18.23 -7.70
N ASN B 97 5.29 18.02 -6.44
CA ASN B 97 6.31 17.66 -5.47
C ASN B 97 6.55 16.16 -5.34
N LYS B 98 5.57 15.37 -5.77
CA LYS B 98 5.66 13.91 -5.73
C LYS B 98 6.83 13.36 -6.55
N LYS B 99 7.23 12.12 -6.25
CA LYS B 99 8.39 11.51 -6.92
C LYS B 99 8.02 10.64 -8.12
N LEU B 100 6.71 10.45 -8.33
CA LEU B 100 6.22 9.70 -9.49
C LEU B 100 4.95 10.34 -10.02
N LYS B 101 4.85 10.41 -11.34
CA LYS B 101 3.68 10.99 -12.02
C LYS B 101 3.11 9.98 -13.02
N ILE B 102 1.80 9.77 -12.95
CA ILE B 102 1.11 8.85 -13.85
C ILE B 102 0.02 9.60 -14.59
N MET B 103 0.09 9.58 -15.92
CA MET B 103 -0.86 10.27 -16.77
C MET B 103 -1.64 9.29 -17.61
N GLU B 104 -2.95 9.45 -17.65
CA GLU B 104 -3.76 8.68 -18.56
C GLU B 104 -3.74 9.36 -19.92
N ARG B 105 -3.26 8.64 -20.93
CA ARG B 105 -3.07 9.18 -22.28
C ARG B 105 -2.06 10.33 -22.27
N SER B 106 -1.80 10.94 -23.43
CA SER B 106 -0.72 11.89 -23.55
C SER B 106 -0.84 12.71 -24.81
N ILE B 107 0.01 13.73 -24.94
CA ILE B 107 0.13 14.45 -26.20
C ILE B 107 0.44 13.49 -27.35
N PHE B 108 1.17 12.42 -27.08
CA PHE B 108 1.54 11.45 -28.09
C PHE B 108 0.37 10.65 -28.66
N SER B 109 -0.45 10.05 -27.81
CA SER B 109 -1.64 9.35 -28.32
C SER B 109 -2.56 10.29 -29.10
N ALA B 110 -2.66 11.53 -28.62
CA ALA B 110 -3.47 12.53 -29.31
C ALA B 110 -2.94 12.71 -30.72
N ARG B 111 -1.64 12.89 -30.85
CA ARG B 111 -1.03 13.16 -32.14
C ARG B 111 -1.00 11.94 -33.05
N TYR B 112 -0.41 10.85 -32.56
CA TYR B 112 -0.09 9.69 -33.38
C TYR B 112 -1.27 8.80 -33.66
N CYS B 113 -2.29 8.84 -32.82
CA CYS B 113 -3.45 7.99 -33.02
C CYS B 113 -4.69 8.79 -33.39
N PHE B 114 -5.13 9.65 -32.49
CA PHE B 114 -6.37 10.36 -32.74
C PHE B 114 -6.29 11.35 -33.89
N VAL B 115 -5.34 12.27 -33.86
CA VAL B 115 -5.24 13.25 -34.94
C VAL B 115 -5.02 12.53 -36.27
N GLU B 116 -4.07 11.59 -36.28
CA GLU B 116 -3.75 10.83 -37.49
C GLU B 116 -4.97 10.14 -38.06
N ASN B 117 -5.76 9.48 -37.21
CA ASN B 117 -6.94 8.80 -37.68
C ASN B 117 -7.98 9.75 -38.23
N MET B 118 -8.15 10.89 -37.56
CA MET B 118 -9.06 11.93 -38.01
C MET B 118 -8.70 12.49 -39.38
N ARG B 119 -7.40 12.57 -39.66
CA ARG B 119 -6.91 12.93 -40.99
C ARG B 119 -7.29 11.87 -42.01
N ARG B 120 -6.98 10.61 -41.68
CA ARG B 120 -7.23 9.47 -42.54
C ARG B 120 -8.69 9.35 -42.96
N ASN B 121 -9.63 9.51 -42.03
CA ASN B 121 -11.05 9.40 -42.38
C ASN B 121 -11.69 10.72 -42.81
N GLY B 122 -10.85 11.72 -43.06
CA GLY B 122 -11.29 13.01 -43.56
C GLY B 122 -12.08 13.91 -42.62
N SER B 123 -12.02 13.66 -41.31
CA SER B 123 -12.59 14.60 -40.36
C SER B 123 -11.76 15.88 -40.32
N LEU B 124 -10.44 15.72 -40.27
CA LEU B 124 -9.53 16.84 -40.41
C LEU B 124 -9.13 16.98 -41.88
N GLU B 125 -9.46 18.11 -42.49
CA GLU B 125 -9.01 18.41 -43.83
C GLU B 125 -7.50 18.68 -43.81
N GLN B 126 -6.87 18.66 -44.97
CA GLN B 126 -5.41 18.80 -45.06
C GLN B 126 -4.86 20.01 -44.32
N GLY B 127 -5.43 21.19 -44.59
CA GLY B 127 -4.98 22.42 -43.95
C GLY B 127 -5.10 22.37 -42.44
N MET B 128 -6.15 21.73 -41.96
CA MET B 128 -6.37 21.59 -40.53
C MET B 128 -5.36 20.66 -39.89
N TYR B 129 -5.16 19.51 -40.52
CA TYR B 129 -4.15 18.57 -40.08
C TYR B 129 -2.79 19.26 -40.07
N ASN B 130 -2.43 19.91 -41.18
CA ASN B 130 -1.14 20.59 -41.29
C ASN B 130 -0.86 21.62 -40.19
N THR B 131 -1.90 22.36 -39.81
CA THR B 131 -1.81 23.30 -38.69
C THR B 131 -1.52 22.58 -37.38
N LEU B 132 -2.30 21.55 -37.09
CA LEU B 132 -2.04 20.77 -35.88
C LEU B 132 -0.61 20.25 -35.87
N GLU B 133 -0.14 19.73 -37.00
CA GLU B 133 1.18 19.14 -37.06
C GLU B 133 2.28 20.18 -36.87
N GLU B 134 2.10 21.36 -37.47
CA GLU B 134 3.09 22.43 -37.33
C GLU B 134 3.27 22.81 -35.86
N TRP B 135 2.15 22.83 -35.13
CA TRP B 135 2.15 23.03 -33.70
C TRP B 135 2.94 21.93 -32.98
N TYR B 136 2.59 20.68 -33.24
CA TYR B 136 3.29 19.58 -32.57
C TYR B 136 4.80 19.73 -32.73
N LYS B 137 5.22 20.11 -33.93
CA LYS B 137 6.65 20.27 -34.22
C LYS B 137 7.22 21.41 -33.40
N PHE B 138 6.47 22.51 -33.30
CA PHE B 138 6.93 23.62 -32.48
C PHE B 138 6.90 23.24 -31.02
N ILE B 139 5.90 22.45 -30.63
CA ILE B 139 5.75 22.07 -29.24
C ILE B 139 6.94 21.24 -28.77
N GLU B 140 7.44 20.32 -29.61
CA GLU B 140 8.57 19.52 -29.15
C GLU B 140 9.86 20.29 -29.05
N GLU B 141 9.98 21.38 -29.79
CA GLU B 141 11.17 22.21 -29.68
C GLU B 141 11.13 23.15 -28.50
N SER B 142 9.96 23.35 -27.91
CA SER B 142 9.79 24.43 -26.93
C SER B 142 9.24 24.03 -25.57
N ILE B 143 8.50 22.94 -25.51
CA ILE B 143 7.95 22.49 -24.25
C ILE B 143 8.48 21.11 -23.91
N HIS B 144 8.83 20.90 -22.64
CA HIS B 144 9.39 19.62 -22.21
C HIS B 144 8.32 18.60 -21.81
N VAL B 145 8.23 17.50 -22.55
CA VAL B 145 7.28 16.44 -22.22
C VAL B 145 8.01 15.24 -21.64
N GLN B 146 8.00 15.17 -20.30
CA GLN B 146 8.63 14.08 -19.56
C GLN B 146 7.88 12.77 -19.75
N ALA B 147 8.60 11.74 -20.21
CA ALA B 147 8.02 10.42 -20.42
C ALA B 147 9.06 9.31 -20.26
N ASP B 148 8.96 8.55 -19.18
CA ASP B 148 9.97 7.54 -18.87
C ASP B 148 9.53 6.11 -19.12
N LEU B 149 8.22 5.89 -19.14
CA LEU B 149 7.67 4.57 -19.34
C LEU B 149 6.24 4.66 -19.81
N ILE B 150 5.90 3.90 -20.85
CA ILE B 150 4.53 3.78 -21.29
C ILE B 150 4.02 2.41 -20.86
N ILE B 151 2.82 2.37 -20.27
CA ILE B 151 2.14 1.10 -20.05
C ILE B 151 1.04 1.02 -21.09
N TYR B 152 1.15 0.03 -21.97
CA TYR B 152 0.19 -0.15 -23.05
C TYR B 152 -0.83 -1.20 -22.64
N LEU B 153 -2.07 -0.77 -22.41
CA LEU B 153 -3.16 -1.70 -22.16
C LEU B 153 -3.65 -2.23 -23.48
N ARG B 154 -2.93 -3.22 -23.99
CA ARG B 154 -3.23 -3.85 -25.28
C ARG B 154 -4.46 -4.75 -25.23
N THR B 155 -5.33 -4.62 -26.22
CA THR B 155 -6.55 -5.42 -26.32
C THR B 155 -6.92 -5.64 -27.77
N SER B 156 -7.77 -6.62 -28.02
CA SER B 156 -8.39 -6.76 -29.33
C SER B 156 -9.56 -5.78 -29.40
N PRO B 157 -9.75 -5.15 -30.57
CA PRO B 157 -10.84 -4.19 -30.77
C PRO B 157 -12.21 -4.71 -30.33
N GLU B 158 -12.44 -6.01 -30.49
CA GLU B 158 -13.72 -6.63 -30.17
C GLU B 158 -14.00 -6.61 -28.67
N VAL B 159 -12.99 -6.96 -27.88
CA VAL B 159 -13.06 -6.94 -26.42
C VAL B 159 -13.28 -5.52 -25.95
N ALA B 160 -12.62 -4.56 -26.61
CA ALA B 160 -12.77 -3.15 -26.29
C ALA B 160 -14.20 -2.76 -26.54
N TYR B 161 -14.68 -2.99 -27.76
CA TYR B 161 -16.06 -2.75 -28.14
C TYR B 161 -17.04 -3.27 -27.10
N GLU B 162 -16.82 -4.50 -26.65
CA GLU B 162 -17.66 -5.16 -25.65
C GLU B 162 -17.69 -4.35 -24.35
N ARG B 163 -16.51 -3.98 -23.85
CA ARG B 163 -16.41 -3.23 -22.61
C ARG B 163 -17.19 -1.92 -22.63
N ILE B 164 -17.19 -1.23 -23.77
CA ILE B 164 -17.91 0.03 -23.93
C ILE B 164 -19.42 -0.17 -23.83
N ARG B 165 -19.91 -1.28 -24.37
CA ARG B 165 -21.34 -1.58 -24.37
C ARG B 165 -21.93 -1.80 -22.97
N GLN B 166 -21.15 -2.41 -22.08
CA GLN B 166 -21.60 -2.69 -20.71
C GLN B 166 -21.76 -1.44 -19.82
N ARG B 167 -21.23 -0.29 -20.25
CA ARG B 167 -21.18 0.92 -19.43
C ARG B 167 -22.28 1.94 -19.73
N VAL B 175 -19.69 4.18 -30.18
CA VAL B 175 -18.65 4.23 -31.20
C VAL B 175 -18.50 2.92 -31.99
N PRO B 176 -18.56 3.02 -33.32
CA PRO B 176 -18.44 1.86 -34.23
C PRO B 176 -17.20 0.99 -33.97
N LEU B 177 -17.31 -0.31 -34.24
CA LEU B 177 -16.17 -1.22 -34.10
C LEU B 177 -15.05 -0.88 -35.09
N LYS B 178 -15.44 -0.39 -36.26
CA LYS B 178 -14.49 0.02 -37.29
C LYS B 178 -13.55 1.11 -36.78
N TYR B 179 -14.09 2.09 -36.05
CA TYR B 179 -13.30 3.16 -35.44
C TYR B 179 -12.31 2.57 -34.44
N LEU B 180 -12.79 1.68 -33.58
CA LEU B 180 -11.95 1.04 -32.58
C LEU B 180 -10.85 0.21 -33.21
N GLN B 181 -11.14 -0.37 -34.37
CA GLN B 181 -10.18 -1.15 -35.14
C GLN B 181 -9.04 -0.25 -35.64
N GLU B 182 -9.43 0.87 -36.24
CA GLU B 182 -8.51 1.88 -36.75
C GLU B 182 -7.60 2.40 -35.66
N LEU B 183 -8.19 2.78 -34.52
CA LEU B 183 -7.44 3.24 -33.36
C LEU B 183 -6.47 2.20 -32.86
N HIS B 184 -6.95 0.96 -32.76
CA HIS B 184 -6.12 -0.16 -32.33
C HIS B 184 -4.89 -0.30 -33.23
N GLU B 185 -5.11 -0.33 -34.54
CA GLU B 185 -4.02 -0.45 -35.50
C GLU B 185 -2.97 0.65 -35.32
N LEU B 186 -3.45 1.86 -35.07
CA LEU B 186 -2.57 3.02 -34.89
C LEU B 186 -1.77 2.94 -33.60
N HIS B 187 -2.42 2.47 -32.54
CA HIS B 187 -1.74 2.23 -31.27
C HIS B 187 -0.66 1.17 -31.45
N GLU B 188 -0.99 0.15 -32.25
CA GLU B 188 -0.06 -0.94 -32.50
C GLU B 188 1.15 -0.47 -33.32
N ASP B 189 0.90 0.31 -34.36
CA ASP B 189 1.96 0.93 -35.15
C ASP B 189 2.92 1.71 -34.25
N TRP B 190 2.37 2.47 -33.31
CA TRP B 190 3.15 3.35 -32.46
C TRP B 190 3.91 2.55 -31.40
N LEU B 191 3.20 1.67 -30.69
CA LEU B 191 3.75 1.07 -29.47
C LEU B 191 4.39 -0.31 -29.63
N ILE B 192 4.04 -1.03 -30.69
CA ILE B 192 4.59 -2.38 -30.94
C ILE B 192 5.54 -2.41 -32.14
N HIS B 193 5.01 -2.15 -33.32
CA HIS B 193 5.78 -2.17 -34.57
C HIS B 193 6.76 -1.00 -34.69
N GLN B 194 6.69 -0.08 -33.71
CA GLN B 194 7.58 1.08 -33.59
C GLN B 194 7.72 1.92 -34.86
N CYS B 200 10.98 6.41 -25.32
CA CYS B 200 11.00 5.73 -24.02
C CYS B 200 10.46 4.29 -24.10
N LYS B 201 10.71 3.51 -23.04
CA LYS B 201 10.35 2.09 -23.01
C LYS B 201 8.85 1.81 -22.88
N VAL B 202 8.34 0.94 -23.74
CA VAL B 202 6.94 0.53 -23.71
C VAL B 202 6.84 -0.79 -22.97
N LEU B 203 5.81 -0.92 -22.13
CA LEU B 203 5.60 -2.13 -21.36
C LEU B 203 4.17 -2.62 -21.56
N VAL B 204 4.02 -3.78 -22.19
CA VAL B 204 2.73 -4.24 -22.70
C VAL B 204 1.97 -5.15 -21.74
N LEU B 205 0.74 -4.81 -21.43
CA LEU B 205 -0.12 -5.64 -20.60
C LEU B 205 -1.29 -6.19 -21.39
N ASP B 206 -1.67 -7.44 -21.09
CA ASP B 206 -2.83 -8.07 -21.71
C ASP B 206 -4.07 -7.86 -20.85
N ALA B 207 -5.05 -7.19 -21.46
CA ALA B 207 -6.27 -6.73 -20.81
C ALA B 207 -7.52 -7.21 -21.56
N ASP B 208 -7.53 -8.50 -21.87
CA ASP B 208 -8.70 -9.15 -22.47
C ASP B 208 -9.47 -10.02 -21.45
N THR C 12 -13.63 23.98 10.54
CA THR C 12 -12.85 24.81 9.56
C THR C 12 -13.29 24.64 8.10
N LYS C 13 -13.67 25.77 7.48
CA LYS C 13 -14.39 25.81 6.21
C LYS C 13 -13.55 25.48 4.97
N TYR C 14 -14.25 25.15 3.88
CA TYR C 14 -13.61 24.90 2.60
C TYR C 14 -13.05 26.20 2.04
N ALA C 15 -11.86 26.12 1.45
CA ALA C 15 -11.16 27.28 0.90
C ALA C 15 -10.72 28.36 1.91
N GLU C 16 -10.70 28.03 3.20
CA GLU C 16 -10.11 28.91 4.22
C GLU C 16 -8.67 29.24 3.89
N GLY C 17 -8.28 30.48 4.17
CA GLY C 17 -6.95 30.98 3.85
C GLY C 17 -6.38 30.62 2.49
N THR C 18 -7.20 30.58 1.45
CA THR C 18 -6.69 30.31 0.10
C THR C 18 -6.96 31.50 -0.81
N GLN C 19 -7.46 32.59 -0.22
CA GLN C 19 -8.02 33.70 -1.00
C GLN C 19 -7.35 35.02 -0.64
N PRO C 20 -7.05 35.83 -1.66
CA PRO C 20 -6.43 37.15 -1.44
C PRO C 20 -7.48 38.18 -1.00
N PHE C 21 -7.05 39.42 -0.80
CA PHE C 21 -7.99 40.52 -0.55
C PHE C 21 -9.08 40.49 -1.63
N THR C 22 -10.34 40.47 -1.21
CA THR C 22 -11.44 40.38 -2.18
C THR C 22 -12.38 41.58 -2.15
N VAL C 23 -12.60 42.18 -3.31
CA VAL C 23 -13.52 43.28 -3.47
C VAL C 23 -14.75 42.83 -4.25
N LEU C 24 -15.94 43.11 -3.71
CA LEU C 24 -17.19 42.78 -4.37
C LEU C 24 -17.85 44.02 -4.97
N ILE C 25 -18.15 43.98 -6.26
CA ILE C 25 -18.84 45.09 -6.89
C ILE C 25 -20.33 44.82 -6.83
N GLU C 26 -21.07 45.66 -6.11
CA GLU C 26 -22.52 45.47 -5.95
C GLU C 26 -23.30 46.65 -6.50
N GLY C 27 -24.54 46.39 -6.92
CA GLY C 27 -25.37 47.44 -7.48
C GLY C 27 -26.57 46.87 -8.19
N ASN C 28 -27.55 47.73 -8.47
CA ASN C 28 -28.77 47.36 -9.18
C ASN C 28 -28.47 46.95 -10.61
N ILE C 29 -29.43 46.30 -11.26
CA ILE C 29 -29.32 46.03 -12.69
C ILE C 29 -29.20 47.41 -13.33
N GLY C 30 -28.24 47.56 -14.24
CA GLY C 30 -28.04 48.82 -14.92
C GLY C 30 -27.40 49.91 -14.08
N SER C 31 -26.61 49.53 -13.07
CA SER C 31 -25.88 50.53 -12.29
C SER C 31 -24.49 50.80 -12.87
N GLY C 32 -24.20 50.16 -14.00
CA GLY C 32 -22.95 50.36 -14.71
C GLY C 32 -21.80 49.53 -14.17
N LYS C 33 -22.11 48.35 -13.64
CA LYS C 33 -21.10 47.45 -13.12
C LYS C 33 -20.17 46.92 -14.21
N THR C 34 -20.75 46.47 -15.32
CA THR C 34 -19.96 45.91 -16.43
C THR C 34 -19.01 46.93 -17.01
N THR C 35 -19.49 48.16 -17.15
CA THR C 35 -18.67 49.28 -17.60
C THR C 35 -17.57 49.56 -16.59
N TYR C 36 -17.93 49.60 -15.31
CA TYR C 36 -16.98 49.87 -14.24
C TYR C 36 -15.86 48.85 -14.22
N LEU C 37 -16.20 47.58 -14.40
CA LEU C 37 -15.22 46.50 -14.33
C LEU C 37 -14.29 46.42 -15.52
N ASN C 38 -14.73 46.94 -16.66
CA ASN C 38 -13.89 47.02 -17.85
C ASN C 38 -12.68 47.90 -17.65
N HIS C 39 -12.76 48.84 -16.71
CA HIS C 39 -11.65 49.72 -16.41
C HIS C 39 -10.52 48.94 -15.75
N PHE C 40 -10.84 47.77 -15.22
CA PHE C 40 -9.84 46.94 -14.53
C PHE C 40 -9.19 45.93 -15.44
N GLU C 41 -9.73 45.82 -16.65
CA GLU C 41 -9.26 44.88 -17.67
C GLU C 41 -7.75 44.85 -17.87
N LYS C 42 -7.14 46.04 -17.89
CA LYS C 42 -5.73 46.16 -18.21
C LYS C 42 -4.81 45.72 -17.06
N TYR C 43 -5.37 45.13 -16.02
CA TYR C 43 -4.57 44.68 -14.88
C TYR C 43 -4.71 43.19 -14.62
N LYS C 44 -5.23 42.48 -15.63
CA LYS C 44 -5.46 41.05 -15.56
C LYS C 44 -4.28 40.25 -14.99
N ASN C 45 -3.05 40.69 -15.26
CA ASN C 45 -1.86 40.00 -14.78
C ASN C 45 -1.69 40.15 -13.28
N ASP C 46 -2.40 41.10 -12.70
CA ASP C 46 -2.18 41.46 -11.30
C ASP C 46 -3.41 41.26 -10.44
N ILE C 47 -4.56 41.15 -11.10
CA ILE C 47 -5.83 41.13 -10.42
C ILE C 47 -6.67 39.99 -10.96
N CYS C 48 -7.18 39.15 -10.06
CA CYS C 48 -8.15 38.13 -10.44
C CYS C 48 -9.50 38.80 -10.57
N LEU C 49 -10.04 38.77 -11.78
CA LEU C 49 -11.15 39.63 -12.12
C LEU C 49 -12.31 38.83 -12.69
N LEU C 50 -13.27 38.51 -11.84
CA LEU C 50 -14.37 37.62 -12.21
C LEU C 50 -15.66 38.40 -12.38
N THR C 51 -16.13 38.48 -13.62
CA THR C 51 -17.40 39.11 -13.92
C THR C 51 -18.54 38.19 -13.51
N GLU C 52 -19.74 38.76 -13.35
CA GLU C 52 -20.93 37.99 -13.07
C GLU C 52 -21.05 36.85 -14.07
N PRO C 53 -21.20 35.60 -13.60
CA PRO C 53 -21.24 34.43 -14.51
C PRO C 53 -22.59 34.24 -15.22
N VAL C 54 -22.97 35.20 -16.06
CA VAL C 54 -24.22 35.11 -16.81
C VAL C 54 -24.13 34.04 -17.88
N GLU C 55 -22.96 33.93 -18.50
CA GLU C 55 -22.73 32.97 -19.57
C GLU C 55 -23.06 31.55 -19.10
N LYS C 56 -22.65 31.22 -17.87
CA LYS C 56 -22.99 29.95 -17.25
C LYS C 56 -24.50 29.78 -17.09
N TRP C 57 -25.19 30.83 -16.69
CA TRP C 57 -26.63 30.75 -16.42
C TRP C 57 -27.42 30.59 -17.70
N ARG C 58 -26.86 31.11 -18.79
CA ARG C 58 -27.52 31.11 -20.08
C ARG C 58 -27.25 29.83 -20.84
N ASN C 59 -26.24 29.08 -20.40
CA ASN C 59 -25.86 27.82 -21.04
C ASN C 59 -25.47 26.75 -20.02
N VAL C 60 -26.46 26.12 -19.42
CA VAL C 60 -26.26 25.00 -18.49
C VAL C 60 -26.50 23.71 -19.26
N ASN C 61 -25.42 23.13 -19.79
CA ASN C 61 -25.51 22.05 -20.78
C ASN C 61 -26.58 22.31 -21.83
N GLY C 62 -26.57 23.52 -22.39
CA GLY C 62 -27.51 23.86 -23.44
C GLY C 62 -28.75 24.60 -22.96
N VAL C 63 -29.17 24.34 -21.73
CA VAL C 63 -30.34 24.98 -21.14
C VAL C 63 -30.04 26.42 -20.73
N ASP C 64 -30.94 27.33 -21.04
CA ASP C 64 -30.82 28.73 -20.62
C ASP C 64 -31.69 28.98 -19.41
N LEU C 65 -31.11 28.89 -18.23
CA LEU C 65 -31.88 29.02 -17.01
C LEU C 65 -32.39 30.42 -16.82
N LEU C 66 -31.57 31.41 -17.18
CA LEU C 66 -31.93 32.81 -17.03
C LEU C 66 -33.20 33.14 -17.82
N GLU C 67 -33.25 32.66 -19.05
CA GLU C 67 -34.40 32.86 -19.93
C GLU C 67 -35.64 32.17 -19.37
N LEU C 68 -35.50 30.89 -19.02
CA LEU C 68 -36.60 30.12 -18.47
C LEU C 68 -37.16 30.76 -17.20
N MET C 69 -36.33 31.54 -16.52
CA MET C 69 -36.74 32.20 -15.29
C MET C 69 -37.62 33.43 -15.57
N TYR C 70 -37.18 34.26 -16.53
CA TYR C 70 -37.96 35.43 -16.93
C TYR C 70 -39.26 35.01 -17.66
N LYS C 71 -39.19 33.88 -18.37
CA LYS C 71 -40.35 33.31 -19.07
C LYS C 71 -41.42 32.75 -18.11
N ASP C 72 -40.99 32.07 -17.05
CA ASP C 72 -41.93 31.36 -16.16
C ASP C 72 -41.35 31.26 -14.73
N PRO C 73 -41.44 32.35 -13.98
CA PRO C 73 -40.75 32.45 -12.68
C PRO C 73 -41.23 31.43 -11.64
N LYS C 74 -42.54 31.17 -11.56
CA LYS C 74 -43.06 30.28 -10.53
C LYS C 74 -42.41 28.90 -10.58
N LYS C 75 -41.93 28.53 -11.76
CA LYS C 75 -41.36 27.20 -12.01
C LYS C 75 -39.84 27.18 -12.01
N TRP C 76 -39.22 28.19 -12.59
CA TRP C 76 -37.78 28.19 -12.82
C TRP C 76 -36.95 29.07 -11.90
N ALA C 77 -37.60 29.89 -11.07
CA ALA C 77 -36.85 30.76 -10.15
C ALA C 77 -36.02 29.93 -9.18
N MET C 78 -36.62 28.89 -8.61
CA MET C 78 -35.97 28.03 -7.66
C MET C 78 -34.68 27.36 -8.19
N PRO C 79 -34.74 26.62 -9.29
CA PRO C 79 -33.50 26.07 -9.86
C PRO C 79 -32.55 27.15 -10.35
N PHE C 80 -33.06 28.20 -10.97
CA PHE C 80 -32.19 29.25 -11.46
C PHE C 80 -31.38 29.88 -10.32
N GLN C 81 -32.07 30.35 -9.27
CA GLN C 81 -31.40 30.95 -8.12
C GLN C 81 -30.45 29.97 -7.45
N SER C 82 -30.90 28.71 -7.30
CA SER C 82 -30.04 27.65 -6.81
C SER C 82 -28.76 27.55 -7.63
N TYR C 83 -28.90 27.59 -8.96
CA TYR C 83 -27.74 27.59 -9.82
C TYR C 83 -26.87 28.83 -9.67
N VAL C 84 -27.48 29.99 -9.54
CA VAL C 84 -26.75 31.23 -9.29
C VAL C 84 -25.90 31.08 -8.06
N THR C 85 -26.50 30.61 -6.97
CA THR C 85 -25.77 30.36 -5.73
C THR C 85 -24.52 29.52 -6.00
N LEU C 86 -24.70 28.44 -6.75
CA LEU C 86 -23.57 27.57 -7.06
C LEU C 86 -22.45 28.31 -7.79
N THR C 87 -22.78 29.01 -8.86
CA THR C 87 -21.77 29.71 -9.67
C THR C 87 -21.06 30.76 -8.84
N MET C 88 -21.79 31.40 -7.93
CA MET C 88 -21.20 32.37 -7.03
C MET C 88 -20.13 31.70 -6.18
N LEU C 89 -20.48 30.58 -5.54
CA LEU C 89 -19.54 29.79 -4.74
C LEU C 89 -18.34 29.36 -5.58
N GLN C 90 -18.59 29.02 -6.83
CA GLN C 90 -17.51 28.65 -7.74
C GLN C 90 -16.50 29.79 -7.89
N SER C 91 -17.00 31.02 -8.02
CA SER C 91 -16.15 32.22 -8.09
C SER C 91 -15.48 32.53 -6.76
N HIS C 92 -16.27 32.49 -5.70
CA HIS C 92 -15.80 32.83 -4.37
C HIS C 92 -14.64 31.95 -3.90
N THR C 93 -14.55 30.73 -4.42
CA THR C 93 -13.58 29.76 -3.94
C THR C 93 -12.53 29.41 -4.98
N ALA C 94 -12.78 29.78 -6.23
CA ALA C 94 -11.82 29.57 -7.31
C ALA C 94 -10.44 30.01 -6.85
N PRO C 95 -9.45 29.14 -7.04
CA PRO C 95 -8.10 29.40 -6.51
C PRO C 95 -7.42 30.45 -7.38
N THR C 96 -6.54 31.25 -6.78
CA THR C 96 -5.77 32.22 -7.56
C THR C 96 -4.47 32.64 -6.91
N ASN C 97 -3.50 32.94 -7.76
CA ASN C 97 -2.19 33.37 -7.31
C ASN C 97 -2.07 34.87 -7.11
N LYS C 98 -2.95 35.64 -7.74
CA LYS C 98 -2.97 37.10 -7.64
C LYS C 98 -3.19 37.59 -6.20
N LYS C 99 -2.81 38.84 -5.96
CA LYS C 99 -2.89 39.40 -4.60
C LYS C 99 -4.19 40.20 -4.35
N LEU C 100 -5.00 40.37 -5.39
CA LEU C 100 -6.29 41.03 -5.27
C LEU C 100 -7.32 40.35 -6.17
N LYS C 101 -8.53 40.17 -5.64
CA LYS C 101 -9.62 39.56 -6.38
C LYS C 101 -10.84 40.48 -6.39
N ILE C 102 -11.41 40.70 -7.57
CA ILE C 102 -12.58 41.56 -7.73
C ILE C 102 -13.69 40.76 -8.38
N MET C 103 -14.82 40.68 -7.69
CA MET C 103 -15.98 39.93 -8.17
C MET C 103 -17.15 40.83 -8.43
N GLU C 104 -17.78 40.67 -9.58
CA GLU C 104 -19.02 41.38 -9.85
C GLU C 104 -20.16 40.60 -9.22
N ARG C 105 -20.87 41.25 -8.30
CA ARG C 105 -21.95 40.61 -7.52
C ARG C 105 -21.39 39.47 -6.68
N SER C 106 -22.25 38.78 -5.92
CA SER C 106 -21.79 37.81 -4.94
C SER C 106 -22.91 36.91 -4.48
N ILE C 107 -22.56 35.90 -3.70
CA ILE C 107 -23.56 35.08 -3.04
C ILE C 107 -24.51 35.95 -2.20
N PHE C 108 -23.99 37.05 -1.65
CA PHE C 108 -24.78 37.95 -0.81
C PHE C 108 -25.88 38.69 -1.56
N SER C 109 -25.55 39.35 -2.66
CA SER C 109 -26.59 40.01 -3.46
C SER C 109 -27.65 39.03 -3.94
N ALA C 110 -27.20 37.81 -4.29
CA ALA C 110 -28.12 36.77 -4.72
C ALA C 110 -29.12 36.48 -3.60
N ARG C 111 -28.60 36.31 -2.39
CA ARG C 111 -29.44 35.94 -1.27
C ARG C 111 -30.32 37.09 -0.78
N TYR C 112 -29.66 38.21 -0.45
CA TYR C 112 -30.31 39.31 0.26
C TYR C 112 -31.18 40.18 -0.63
N CYS C 113 -30.90 40.20 -1.93
CA CYS C 113 -31.68 41.03 -2.83
C CYS C 113 -32.53 40.20 -3.77
N PHE C 114 -31.89 39.40 -4.62
CA PHE C 114 -32.64 38.68 -5.63
C PHE C 114 -33.55 37.61 -5.05
N VAL C 115 -33.03 36.68 -4.26
CA VAL C 115 -33.86 35.64 -3.69
C VAL C 115 -34.98 36.27 -2.85
N GLU C 116 -34.61 37.19 -1.97
CA GLU C 116 -35.57 37.88 -1.11
C GLU C 116 -36.70 38.52 -1.91
N ASN C 117 -36.35 39.24 -2.97
CA ASN C 117 -37.35 39.89 -3.78
C ASN C 117 -38.27 38.89 -4.47
N MET C 118 -37.68 37.81 -4.97
CA MET C 118 -38.44 36.74 -5.60
C MET C 118 -39.45 36.08 -4.65
N ARG C 119 -39.09 35.97 -3.37
CA ARG C 119 -40.00 35.52 -2.34
C ARG C 119 -41.14 36.50 -2.17
N ARG C 120 -40.79 37.78 -2.01
CA ARG C 120 -41.74 38.86 -1.81
C ARG C 120 -42.80 38.96 -2.90
N ASN C 121 -42.42 38.85 -4.16
CA ASN C 121 -43.38 38.94 -5.24
C ASN C 121 -43.98 37.59 -5.65
N GLY C 122 -43.74 36.58 -4.82
CA GLY C 122 -44.31 35.26 -5.02
C GLY C 122 -43.78 34.42 -6.19
N SER C 123 -42.63 34.76 -6.74
CA SER C 123 -41.99 33.89 -7.73
C SER C 123 -41.48 32.62 -7.03
N LEU C 124 -40.83 32.78 -5.89
CA LEU C 124 -40.46 31.65 -5.04
C LEU C 124 -41.57 31.41 -4.02
N GLU C 125 -42.18 30.24 -4.08
CA GLU C 125 -43.14 29.86 -3.05
C GLU C 125 -42.40 29.58 -1.75
N GLN C 126 -43.13 29.52 -0.64
CA GLN C 126 -42.53 29.38 0.69
C GLN C 126 -41.54 28.22 0.79
N GLY C 127 -41.96 27.03 0.37
CA GLY C 127 -41.12 25.85 0.44
C GLY C 127 -39.83 26.00 -0.37
N MET C 128 -39.94 26.68 -1.50
CA MET C 128 -38.79 26.92 -2.36
C MET C 128 -37.82 27.90 -1.72
N TYR C 129 -38.35 28.99 -1.22
CA TYR C 129 -37.55 29.97 -0.50
C TYR C 129 -36.86 29.28 0.68
N ASN C 130 -37.64 28.56 1.48
CA ASN C 130 -37.09 27.87 2.65
C ASN C 130 -35.93 26.93 2.36
N THR C 131 -36.02 26.21 1.25
CA THR C 131 -34.93 25.36 0.78
C THR C 131 -33.69 26.17 0.44
N LEU C 132 -33.86 27.22 -0.35
CA LEU C 132 -32.73 28.09 -0.66
C LEU C 132 -32.08 28.60 0.62
N GLU C 133 -32.89 29.04 1.58
CA GLU C 133 -32.37 29.63 2.80
C GLU C 133 -31.63 28.61 3.64
N GLU C 134 -32.16 27.38 3.72
CA GLU C 134 -31.50 26.33 4.50
C GLU C 134 -30.10 26.07 3.96
N TRP C 135 -29.98 26.09 2.63
CA TRP C 135 -28.69 25.99 1.96
C TRP C 135 -27.78 27.13 2.36
N TYR C 136 -28.23 28.37 2.21
CA TYR C 136 -27.39 29.52 2.55
C TYR C 136 -26.83 29.36 3.95
N LYS C 137 -27.66 28.89 4.88
CA LYS C 137 -27.25 28.72 6.27
C LYS C 137 -26.20 27.63 6.36
N PHE C 138 -26.38 26.55 5.61
CA PHE C 138 -25.38 25.50 5.61
C PHE C 138 -24.11 25.98 4.92
N ILE C 139 -24.28 26.79 3.87
CA ILE C 139 -23.15 27.27 3.11
C ILE C 139 -22.23 28.14 3.97
N GLU C 140 -22.80 28.98 4.82
CA GLU C 140 -21.93 29.82 5.65
C GLU C 140 -21.17 29.07 6.70
N GLU C 141 -21.71 27.93 7.12
CA GLU C 141 -21.01 27.12 8.11
C GLU C 141 -19.91 26.26 7.48
N SER C 142 -19.93 26.10 6.16
CA SER C 142 -19.09 25.09 5.54
C SER C 142 -18.16 25.58 4.42
N ILE C 143 -18.53 26.68 3.77
CA ILE C 143 -17.70 27.22 2.71
C ILE C 143 -17.24 28.63 3.07
N HIS C 144 -15.97 28.93 2.80
CA HIS C 144 -15.41 30.23 3.14
C HIS C 144 -15.63 31.27 2.03
N VAL C 145 -16.39 32.31 2.34
CA VAL C 145 -16.61 33.39 1.38
C VAL C 145 -15.82 34.64 1.78
N GLN C 146 -14.66 34.81 1.16
CA GLN C 146 -13.78 35.95 1.41
C GLN C 146 -14.37 37.23 0.88
N ALA C 147 -14.52 38.23 1.76
CA ALA C 147 -15.06 39.54 1.39
C ALA C 147 -14.50 40.64 2.27
N ASP C 148 -13.64 41.49 1.71
CA ASP C 148 -12.96 42.52 2.48
C ASP C 148 -13.47 43.93 2.25
N LEU C 149 -14.12 44.14 1.11
CA LEU C 149 -14.64 45.45 0.76
C LEU C 149 -15.72 45.32 -0.30
N ILE C 150 -16.84 46.00 -0.08
CA ILE C 150 -17.87 46.08 -1.09
C ILE C 150 -17.82 47.48 -1.70
N ILE C 151 -17.86 47.56 -3.02
CA ILE C 151 -18.07 48.83 -3.69
C ILE C 151 -19.50 48.84 -4.18
N TYR C 152 -20.30 49.76 -3.64
CA TYR C 152 -21.69 49.87 -3.98
C TYR C 152 -21.88 50.95 -5.04
N LEU C 153 -22.23 50.52 -6.26
CA LEU C 153 -22.57 51.47 -7.31
C LEU C 153 -24.00 51.91 -7.11
N ARG C 154 -24.18 52.87 -6.21
CA ARG C 154 -25.49 53.39 -5.85
C ARG C 154 -26.08 54.29 -6.93
N THR C 155 -27.36 54.09 -7.26
CA THR C 155 -28.06 54.88 -8.26
C THR C 155 -29.53 54.99 -7.91
N SER C 156 -30.22 55.96 -8.51
CA SER C 156 -31.66 56.00 -8.44
C SER C 156 -32.22 55.01 -9.47
N PRO C 157 -33.29 54.31 -9.13
CA PRO C 157 -33.92 53.33 -10.03
C PRO C 157 -34.19 53.87 -11.43
N GLU C 158 -34.52 55.16 -11.52
CA GLU C 158 -34.88 55.81 -12.78
C GLU C 158 -33.69 55.89 -13.72
N VAL C 159 -32.54 56.29 -13.18
CA VAL C 159 -31.29 56.38 -13.92
C VAL C 159 -30.87 54.98 -14.37
N ALA C 160 -31.09 54.00 -13.51
CA ALA C 160 -30.79 52.61 -13.84
C ALA C 160 -31.66 52.19 -15.01
N TYR C 161 -32.97 52.34 -14.86
CA TYR C 161 -33.94 52.07 -15.92
C TYR C 161 -33.51 52.66 -17.25
N GLU C 162 -33.09 53.93 -17.22
CA GLU C 162 -32.63 54.65 -18.40
C GLU C 162 -31.45 53.94 -19.06
N ARG C 163 -30.43 53.61 -18.26
CA ARG C 163 -29.24 52.94 -18.78
C ARG C 163 -29.55 51.64 -19.50
N ILE C 164 -30.51 50.87 -18.99
CA ILE C 164 -30.89 49.59 -19.60
C ILE C 164 -31.54 49.81 -20.98
N ARG C 165 -32.31 50.87 -21.13
CA ARG C 165 -33.00 51.18 -22.37
C ARG C 165 -32.04 51.48 -23.54
N GLN C 166 -30.94 52.16 -23.24
CA GLN C 166 -29.96 52.53 -24.27
C GLN C 166 -29.17 51.34 -24.87
N ARG C 167 -29.23 50.17 -24.23
CA ARG C 167 -28.39 49.03 -24.62
C ARG C 167 -29.10 47.97 -25.48
N CYS C 174 -34.83 43.11 -20.88
CA CYS C 174 -35.36 44.29 -20.22
C CYS C 174 -36.53 44.00 -19.20
N VAL C 175 -36.70 45.00 -18.28
CA VAL C 175 -37.39 44.89 -17.00
C VAL C 175 -38.10 46.14 -16.46
N PRO C 176 -39.30 45.95 -15.90
CA PRO C 176 -40.11 47.04 -15.34
C PRO C 176 -39.36 47.92 -14.33
N LEU C 177 -39.74 49.20 -14.26
CA LEU C 177 -39.14 50.12 -13.29
C LEU C 177 -39.48 49.71 -11.85
N LYS C 178 -40.66 49.14 -11.66
CA LYS C 178 -41.10 48.65 -10.36
C LYS C 178 -40.13 47.61 -9.79
N TYR C 179 -39.68 46.69 -10.64
CA TYR C 179 -38.71 45.66 -10.27
C TYR C 179 -37.40 46.31 -9.83
N LEU C 180 -36.93 47.27 -10.63
CA LEU C 180 -35.69 47.98 -10.34
C LEU C 180 -35.79 48.77 -9.05
N GLN C 181 -36.99 49.26 -8.75
CA GLN C 181 -37.26 49.99 -7.50
C GLN C 181 -37.12 49.05 -6.29
N GLU C 182 -37.77 47.89 -6.40
CA GLU C 182 -37.72 46.86 -5.38
C GLU C 182 -36.29 46.42 -5.10
N LEU C 183 -35.54 46.11 -6.17
CA LEU C 183 -34.14 45.73 -6.06
C LEU C 183 -33.33 46.82 -5.39
N HIS C 184 -33.53 48.05 -5.83
CA HIS C 184 -32.83 49.20 -5.26
C HIS C 184 -33.06 49.28 -3.75
N GLU C 185 -34.32 49.22 -3.33
CA GLU C 185 -34.67 49.28 -1.91
C GLU C 185 -33.96 48.19 -1.11
N LEU C 186 -33.87 46.99 -1.68
CA LEU C 186 -33.23 45.86 -1.03
C LEU C 186 -31.72 46.03 -0.92
N HIS C 187 -31.12 46.57 -1.97
CA HIS C 187 -29.70 46.89 -1.95
C HIS C 187 -29.42 47.95 -0.87
N GLU C 188 -30.34 48.91 -0.76
CA GLU C 188 -30.22 49.99 0.21
C GLU C 188 -30.33 49.45 1.64
N ASP C 189 -31.32 48.60 1.89
CA ASP C 189 -31.48 47.92 3.17
C ASP C 189 -30.19 47.23 3.59
N TRP C 190 -29.58 46.52 2.64
CA TRP C 190 -28.40 45.71 2.90
C TRP C 190 -27.16 46.58 3.10
N LEU C 191 -26.92 47.50 2.18
CA LEU C 191 -25.63 48.20 2.11
C LEU C 191 -25.56 49.56 2.79
N ILE C 192 -26.71 50.22 3.00
CA ILE C 192 -26.76 51.54 3.64
C ILE C 192 -27.37 51.48 5.05
N HIS C 193 -28.66 51.12 5.13
CA HIS C 193 -29.39 51.07 6.38
C HIS C 193 -28.96 49.89 7.26
N GLN C 194 -28.08 49.06 6.72
CA GLN C 194 -27.49 47.90 7.42
C GLN C 194 -28.48 46.97 8.11
N ARG C 195 -29.62 46.74 7.46
CA ARG C 195 -30.66 45.92 8.09
C ARG C 195 -30.42 44.39 7.92
N ARG C 196 -29.43 44.04 7.09
CA ARG C 196 -28.89 42.66 6.94
C ARG C 196 -27.38 42.65 7.27
N PRO C 197 -26.92 41.66 8.05
CA PRO C 197 -25.55 41.69 8.59
C PRO C 197 -24.46 41.67 7.50
N GLN C 198 -23.76 42.80 7.29
CA GLN C 198 -22.48 42.71 6.59
C GLN C 198 -21.30 43.09 7.45
N SER C 199 -20.52 42.07 7.80
CA SER C 199 -19.27 42.28 8.50
C SER C 199 -18.43 43.33 7.76
N CYS C 200 -18.24 43.19 6.43
CA CYS C 200 -17.15 43.96 5.85
C CYS C 200 -17.55 45.38 5.45
N LYS C 201 -16.56 46.24 5.21
CA LYS C 201 -16.79 47.66 4.92
C LYS C 201 -17.38 47.94 3.54
N VAL C 202 -18.45 48.75 3.52
CA VAL C 202 -19.09 49.16 2.28
C VAL C 202 -18.57 50.52 1.88
N LEU C 203 -18.32 50.71 0.59
CA LEU C 203 -17.81 51.97 0.09
C LEU C 203 -18.69 52.45 -1.07
N VAL C 204 -19.39 53.56 -0.87
CA VAL C 204 -20.46 53.98 -1.77
C VAL C 204 -20.03 54.95 -2.86
N LEU C 205 -20.32 54.62 -4.11
CA LEU C 205 -20.03 55.52 -5.23
C LEU C 205 -21.31 56.01 -5.87
N ASP C 206 -21.30 57.27 -6.31
CA ASP C 206 -22.43 57.85 -7.02
C ASP C 206 -22.24 57.70 -8.52
N ALA C 207 -23.19 56.95 -9.08
CA ALA C 207 -23.17 56.41 -10.43
C ALA C 207 -24.37 56.89 -11.28
N ASP C 208 -24.95 58.04 -10.91
CA ASP C 208 -26.06 58.63 -11.67
C ASP C 208 -25.54 59.51 -12.80
N THR D 12 -8.67 21.77 1.08
CA THR D 12 -9.12 20.90 2.22
C THR D 12 -10.59 21.13 2.62
N LYS D 13 -11.37 20.05 2.59
CA LYS D 13 -12.83 20.09 2.66
C LYS D 13 -13.41 20.38 4.04
N TYR D 14 -14.68 20.78 4.05
CA TYR D 14 -15.42 21.01 5.29
C TYR D 14 -15.67 19.69 5.99
N ALA D 15 -15.51 19.70 7.31
CA ALA D 15 -15.68 18.50 8.14
C ALA D 15 -14.65 17.36 7.92
N GLU D 16 -13.53 17.67 7.27
CA GLU D 16 -12.40 16.74 7.17
C GLU D 16 -11.93 16.31 8.56
N GLY D 17 -11.56 15.04 8.69
CA GLY D 17 -11.15 14.46 9.94
C GLY D 17 -11.98 14.81 11.17
N THR D 18 -13.29 14.93 11.03
CA THR D 18 -14.15 15.17 12.19
C THR D 18 -15.12 14.03 12.40
N GLN D 19 -14.95 12.97 11.61
CA GLN D 19 -15.96 11.92 11.50
C GLN D 19 -15.39 10.54 11.81
N PRO D 20 -16.13 9.72 12.55
CA PRO D 20 -15.68 8.37 12.90
C PRO D 20 -15.92 7.40 11.73
N PHE D 21 -15.59 6.13 11.92
CA PHE D 21 -15.93 5.10 10.95
C PHE D 21 -17.42 5.23 10.60
N THR D 22 -17.74 5.33 9.31
CA THR D 22 -19.13 5.51 8.91
C THR D 22 -19.67 4.38 8.03
N VAL D 23 -20.82 3.83 8.45
CA VAL D 23 -21.49 2.80 7.68
C VAL D 23 -22.77 3.34 7.09
N LEU D 24 -22.96 3.13 5.79
CA LEU D 24 -24.17 3.57 5.11
C LEU D 24 -25.09 2.39 4.81
N ILE D 25 -26.35 2.47 5.24
CA ILE D 25 -27.31 1.42 4.93
C ILE D 25 -28.03 1.80 3.66
N GLU D 26 -27.86 0.99 2.61
CA GLU D 26 -28.48 1.28 1.31
C GLU D 26 -29.43 0.17 0.89
N GLY D 27 -30.42 0.52 0.08
CA GLY D 27 -31.38 -0.46 -0.39
C GLY D 27 -32.61 0.21 -0.99
N ASN D 28 -33.41 -0.57 -1.71
CA ASN D 28 -34.63 -0.11 -2.34
C ASN D 28 -35.66 0.32 -1.30
N ILE D 29 -36.69 1.04 -1.74
CA ILE D 29 -37.81 1.32 -0.87
C ILE D 29 -38.37 -0.04 -0.49
N GLY D 30 -38.64 -0.24 0.79
CA GLY D 30 -39.18 -1.50 1.26
C GLY D 30 -38.19 -2.64 1.30
N SER D 31 -36.90 -2.35 1.44
CA SER D 31 -35.90 -3.41 1.60
C SER D 31 -35.66 -3.76 3.08
N GLY D 32 -36.43 -3.12 3.95
CA GLY D 32 -36.38 -3.39 5.37
C GLY D 32 -35.27 -2.67 6.10
N LYS D 33 -34.92 -1.47 5.62
CA LYS D 33 -33.89 -0.66 6.23
C LYS D 33 -34.30 -0.18 7.63
N THR D 34 -35.53 0.33 7.75
CA THR D 34 -36.01 0.87 9.04
C THR D 34 -36.05 -0.21 10.10
N THR D 35 -36.49 -1.40 9.70
CA THR D 35 -36.49 -2.57 10.58
C THR D 35 -35.06 -2.95 10.96
N TYR D 36 -34.18 -2.97 9.98
CA TYR D 36 -32.79 -3.34 10.19
C TYR D 36 -32.11 -2.39 11.18
N LEU D 37 -32.39 -1.11 11.05
CA LEU D 37 -31.75 -0.10 11.89
C LEU D 37 -32.25 -0.05 13.32
N ASN D 38 -33.49 -0.53 13.53
CA ASN D 38 -34.06 -0.64 14.88
C ASN D 38 -33.28 -1.61 15.75
N HIS D 39 -32.59 -2.55 15.11
CA HIS D 39 -31.78 -3.52 15.85
C HIS D 39 -30.59 -2.84 16.50
N PHE D 40 -30.23 -1.65 16.01
CA PHE D 40 -29.08 -0.92 16.51
C PHE D 40 -29.46 0.06 17.61
N GLU D 41 -30.77 0.24 17.80
CA GLU D 41 -31.34 1.16 18.79
C GLU D 41 -30.69 1.09 20.17
N LYS D 42 -30.46 -0.14 20.64
CA LYS D 42 -29.97 -0.34 22.00
C LYS D 42 -28.49 0.01 22.18
N TYR D 43 -27.87 0.61 21.18
CA TYR D 43 -26.46 0.99 21.27
C TYR D 43 -26.24 2.48 21.09
N LYS D 44 -27.33 3.24 21.22
CA LYS D 44 -27.32 4.69 21.07
C LYS D 44 -26.16 5.37 21.79
N ASN D 45 -25.77 4.86 22.96
CA ASN D 45 -24.68 5.46 23.73
C ASN D 45 -23.33 5.28 23.07
N ASP D 46 -23.27 4.36 22.12
CA ASP D 46 -21.99 3.96 21.54
C ASP D 46 -21.91 4.23 20.05
N ILE D 47 -23.07 4.43 19.44
CA ILE D 47 -23.17 4.52 17.99
C ILE D 47 -24.01 5.73 17.63
N CYS D 48 -23.48 6.59 16.76
CA CYS D 48 -24.25 7.68 16.20
C CYS D 48 -25.12 7.10 15.09
N LEU D 49 -26.43 7.21 15.28
CA LEU D 49 -27.35 6.43 14.49
C LEU D 49 -28.40 7.32 13.86
N LEU D 50 -28.18 7.69 12.60
CA LEU D 50 -29.02 8.65 11.92
C LEU D 50 -29.89 7.98 10.87
N THR D 51 -31.19 7.96 11.14
CA THR D 51 -32.17 7.42 10.19
C THR D 51 -32.38 8.41 9.05
N GLU D 52 -32.90 7.92 7.94
CA GLU D 52 -33.26 8.78 6.81
C GLU D 52 -34.11 9.94 7.30
N PRO D 53 -33.73 11.17 6.99
CA PRO D 53 -34.45 12.36 7.50
C PRO D 53 -35.76 12.66 6.74
N VAL D 54 -36.72 11.75 6.82
CA VAL D 54 -38.01 11.93 6.16
C VAL D 54 -38.82 13.03 6.86
N GLU D 55 -38.71 13.07 8.19
CA GLU D 55 -39.43 14.03 9.01
C GLU D 55 -39.15 15.45 8.54
N LYS D 56 -37.87 15.73 8.24
CA LYS D 56 -37.45 17.01 7.70
C LYS D 56 -38.11 17.28 6.36
N TRP D 57 -38.20 16.27 5.49
CA TRP D 57 -38.73 16.45 4.15
C TRP D 57 -40.22 16.69 4.17
N ARG D 58 -40.87 16.14 5.19
CA ARG D 58 -42.32 16.22 5.31
C ARG D 58 -42.74 17.51 6.02
N ASN D 59 -41.80 18.16 6.68
CA ASN D 59 -42.07 19.41 7.39
C ASN D 59 -40.94 20.43 7.24
N VAL D 60 -40.92 21.12 6.10
CA VAL D 60 -39.98 22.19 5.85
C VAL D 60 -40.69 23.51 6.11
N ASN D 61 -40.54 24.02 7.34
CA ASN D 61 -41.35 25.13 7.84
C ASN D 61 -42.82 24.97 7.48
N GLY D 62 -43.36 23.77 7.73
CA GLY D 62 -44.76 23.51 7.48
C GLY D 62 -45.06 22.85 6.14
N VAL D 63 -44.22 23.14 5.14
CA VAL D 63 -44.40 22.56 3.80
C VAL D 63 -43.95 21.09 3.77
N ASP D 64 -44.74 20.24 3.13
CA ASP D 64 -44.39 18.85 2.95
C ASP D 64 -43.85 18.62 1.55
N LEU D 65 -42.54 18.66 1.42
CA LEU D 65 -41.92 18.55 0.10
C LEU D 65 -42.11 17.18 -0.49
N LEU D 66 -42.03 16.15 0.35
CA LEU D 66 -42.17 14.77 -0.13
C LEU D 66 -43.52 14.56 -0.78
N GLU D 67 -44.57 15.06 -0.14
CA GLU D 67 -45.94 14.96 -0.65
C GLU D 67 -46.08 15.72 -1.97
N LEU D 68 -45.64 16.97 -1.98
CA LEU D 68 -45.71 17.82 -3.16
C LEU D 68 -44.98 17.18 -4.34
N MET D 69 -43.99 16.34 -4.04
CA MET D 69 -43.22 15.69 -5.08
C MET D 69 -43.99 14.53 -5.72
N TYR D 70 -44.61 13.69 -4.89
CA TYR D 70 -45.43 12.58 -5.40
C TYR D 70 -46.71 13.10 -6.07
N LYS D 71 -47.22 14.24 -5.58
CA LYS D 71 -48.39 14.90 -6.16
C LYS D 71 -48.12 15.52 -7.55
N ASP D 72 -46.96 16.14 -7.73
CA ASP D 72 -46.66 16.90 -8.95
C ASP D 72 -45.14 16.94 -9.22
N PRO D 73 -44.60 15.84 -9.75
CA PRO D 73 -43.15 15.67 -9.86
C PRO D 73 -42.48 16.69 -10.77
N LYS D 74 -43.09 17.05 -11.90
CA LYS D 74 -42.44 17.95 -12.85
C LYS D 74 -42.07 19.29 -12.21
N LYS D 75 -42.79 19.64 -11.16
CA LYS D 75 -42.63 20.93 -10.49
C LYS D 75 -41.81 20.85 -9.20
N TRP D 76 -42.05 19.80 -8.41
CA TRP D 76 -41.48 19.71 -7.07
C TRP D 76 -40.28 18.76 -6.91
N ALA D 77 -39.98 17.97 -7.93
CA ALA D 77 -38.85 17.04 -7.84
C ALA D 77 -37.54 17.78 -7.60
N MET D 78 -37.33 18.83 -8.37
CA MET D 78 -36.13 19.67 -8.29
C MET D 78 -35.85 20.24 -6.89
N PRO D 79 -36.78 21.00 -6.31
CA PRO D 79 -36.58 21.48 -4.94
C PRO D 79 -36.54 20.34 -3.92
N PHE D 80 -37.41 19.34 -4.07
CA PHE D 80 -37.41 18.23 -3.13
C PHE D 80 -36.05 17.54 -3.09
N GLN D 81 -35.55 17.09 -4.25
CA GLN D 81 -34.25 16.43 -4.32
C GLN D 81 -33.12 17.33 -3.82
N SER D 82 -33.17 18.60 -4.22
CA SER D 82 -32.25 19.60 -3.71
C SER D 82 -32.25 19.62 -2.19
N TYR D 83 -33.45 19.62 -1.61
CA TYR D 83 -33.57 19.56 -0.16
C TYR D 83 -33.04 18.25 0.45
N VAL D 84 -33.32 17.14 -0.22
CA VAL D 84 -32.79 15.84 0.21
C VAL D 84 -31.28 15.91 0.29
N THR D 85 -30.65 16.40 -0.79
CA THR D 85 -29.21 16.57 -0.82
C THR D 85 -28.72 17.33 0.42
N LEU D 86 -29.40 18.44 0.73
CA LEU D 86 -29.02 19.23 1.88
C LEU D 86 -29.08 18.43 3.20
N THR D 87 -30.21 17.77 3.45
CA THR D 87 -30.38 17.01 4.69
C THR D 87 -29.36 15.90 4.80
N MET D 88 -29.01 15.30 3.67
CA MET D 88 -27.98 14.27 3.65
C MET D 88 -26.67 14.86 4.13
N LEU D 89 -26.26 15.98 3.55
CA LEU D 89 -25.03 16.68 3.96
C LEU D 89 -25.08 17.05 5.43
N GLN D 90 -26.26 17.44 5.91
CA GLN D 90 -26.43 17.74 7.31
C GLN D 90 -26.09 16.53 8.19
N SER D 91 -26.52 15.34 7.78
CA SER D 91 -26.20 14.10 8.49
C SER D 91 -24.74 13.71 8.32
N HIS D 92 -24.26 13.79 7.09
CA HIS D 92 -22.89 13.39 6.76
C HIS D 92 -21.84 14.17 7.53
N THR D 93 -22.17 15.39 7.94
CA THR D 93 -21.19 16.29 8.55
C THR D 93 -21.48 16.58 10.01
N ALA D 94 -22.71 16.25 10.46
CA ALA D 94 -23.10 16.41 11.85
C ALA D 94 -21.99 15.87 12.75
N PRO D 95 -21.58 16.67 13.73
CA PRO D 95 -20.45 16.31 14.57
C PRO D 95 -20.87 15.23 15.56
N THR D 96 -19.94 14.37 15.95
CA THR D 96 -20.24 13.36 16.97
C THR D 96 -19.02 12.83 17.70
N ASN D 97 -19.25 12.48 18.96
CA ASN D 97 -18.19 11.95 19.79
C ASN D 97 -18.03 10.43 19.72
N LYS D 98 -19.09 9.75 19.28
CA LYS D 98 -19.09 8.30 19.13
C LYS D 98 -18.01 7.79 18.17
N LYS D 99 -17.67 6.51 18.28
CA LYS D 99 -16.60 5.93 17.46
C LYS D 99 -17.12 5.23 16.19
N LEU D 100 -18.43 5.14 16.07
CA LEU D 100 -19.05 4.57 14.87
C LEU D 100 -20.32 5.33 14.51
N LYS D 101 -20.52 5.58 13.22
CA LYS D 101 -21.68 6.29 12.72
C LYS D 101 -22.38 5.44 11.65
N ILE D 102 -23.70 5.30 11.79
CA ILE D 102 -24.49 4.53 10.84
C ILE D 102 -25.60 5.42 10.29
N MET D 103 -25.61 5.55 8.98
CA MET D 103 -26.58 6.40 8.29
C MET D 103 -27.47 5.58 7.39
N GLU D 104 -28.78 5.80 7.48
CA GLU D 104 -29.70 5.20 6.55
C GLU D 104 -29.73 6.04 5.28
N ARG D 105 -29.38 5.42 4.16
CA ARG D 105 -29.25 6.12 2.87
C ARG D 105 -28.17 7.20 2.93
N SER D 106 -27.96 7.93 1.85
CA SER D 106 -26.83 8.85 1.77
C SER D 106 -26.98 9.81 0.62
N ILE D 107 -26.09 10.79 0.55
CA ILE D 107 -26.02 11.66 -0.62
C ILE D 107 -25.86 10.84 -1.91
N PHE D 108 -25.17 9.70 -1.81
CA PHE D 108 -24.93 8.83 -2.97
C PHE D 108 -26.19 8.19 -3.53
N SER D 109 -26.98 7.54 -2.70
CA SER D 109 -28.24 6.96 -3.19
C SER D 109 -29.15 8.03 -3.78
N ALA D 110 -29.15 9.20 -3.16
CA ALA D 110 -29.94 10.32 -3.65
C ALA D 110 -29.51 10.66 -5.07
N ARG D 111 -28.21 10.77 -5.27
CA ARG D 111 -27.68 11.18 -6.57
C ARG D 111 -27.79 10.08 -7.62
N TYR D 112 -27.23 8.91 -7.31
CA TYR D 112 -27.04 7.85 -8.28
C TYR D 112 -28.29 7.05 -8.58
N CYS D 113 -29.25 7.05 -7.66
CA CYS D 113 -30.47 6.29 -7.87
C CYS D 113 -31.68 7.20 -8.05
N PHE D 114 -32.00 7.96 -7.01
CA PHE D 114 -33.22 8.75 -7.08
C PHE D 114 -33.16 9.87 -8.11
N VAL D 115 -32.15 10.75 -8.03
CA VAL D 115 -32.06 11.83 -9.00
C VAL D 115 -31.98 11.27 -10.42
N GLU D 116 -31.09 10.29 -10.61
CA GLU D 116 -30.91 9.66 -11.92
C GLU D 116 -32.21 9.12 -12.49
N ASN D 117 -32.96 8.40 -11.65
CA ASN D 117 -34.21 7.84 -12.11
C ASN D 117 -35.23 8.91 -12.46
N MET D 118 -35.29 9.96 -11.65
CA MET D 118 -36.16 11.09 -11.89
C MET D 118 -35.87 11.81 -13.22
N ARG D 119 -34.58 11.86 -13.58
CA ARG D 119 -34.18 12.36 -14.89
C ARG D 119 -34.70 11.45 -16.00
N ARG D 120 -34.43 10.15 -15.85
CA ARG D 120 -34.83 9.13 -16.81
C ARG D 120 -36.31 9.13 -17.14
N ASN D 121 -37.17 9.24 -16.12
CA ASN D 121 -38.61 9.23 -16.38
C ASN D 121 -39.19 10.63 -16.59
N GLY D 122 -38.32 11.61 -16.78
CA GLY D 122 -38.71 12.96 -17.09
C GLY D 122 -39.38 13.78 -15.98
N SER D 123 -39.24 13.37 -14.73
CA SER D 123 -39.69 14.23 -13.62
C SER D 123 -38.77 15.45 -13.49
N LEU D 124 -37.47 15.21 -13.56
CA LEU D 124 -36.51 16.30 -13.65
C LEU D 124 -36.21 16.59 -15.11
N GLU D 125 -36.52 17.81 -15.54
CA GLU D 125 -36.14 18.23 -16.89
C GLU D 125 -34.62 18.43 -16.94
N GLN D 126 -34.08 18.53 -18.15
CA GLN D 126 -32.64 18.60 -18.35
C GLN D 126 -31.95 19.68 -17.50
N GLY D 127 -32.47 20.90 -17.57
CA GLY D 127 -31.90 22.02 -16.83
C GLY D 127 -31.91 21.80 -15.34
N MET D 128 -32.97 21.15 -14.86
CA MET D 128 -33.08 20.85 -13.44
C MET D 128 -32.08 19.80 -13.01
N TYR D 129 -32.00 18.72 -13.78
CA TYR D 129 -31.02 17.69 -13.53
C TYR D 129 -29.62 18.29 -13.54
N ASN D 130 -29.31 19.07 -14.59
CA ASN D 130 -27.99 19.69 -14.72
C ASN D 130 -27.58 20.55 -13.53
N THR D 131 -28.53 21.29 -12.99
CA THR D 131 -28.31 22.08 -11.77
C THR D 131 -27.97 21.19 -10.59
N LEU D 132 -28.79 20.16 -10.35
CA LEU D 132 -28.50 19.23 -9.28
C LEU D 132 -27.10 18.64 -9.44
N GLU D 133 -26.75 18.24 -10.66
CA GLU D 133 -25.47 17.60 -10.89
C GLU D 133 -24.30 18.55 -10.67
N GLU D 134 -24.45 19.80 -11.10
CA GLU D 134 -23.39 20.80 -10.91
C GLU D 134 -23.08 20.97 -9.42
N TRP D 135 -24.14 20.95 -8.62
CA TRP D 135 -24.02 21.00 -7.18
C TRP D 135 -23.26 19.78 -6.67
N TYR D 136 -23.69 18.58 -7.04
CA TYR D 136 -23.02 17.37 -6.56
C TYR D 136 -21.52 17.45 -6.81
N LYS D 137 -21.16 17.96 -8.00
CA LYS D 137 -19.76 18.08 -8.38
C LYS D 137 -19.07 19.09 -7.48
N PHE D 138 -19.73 20.20 -7.18
CA PHE D 138 -19.14 21.18 -6.29
C PHE D 138 -19.08 20.62 -4.87
N ILE D 139 -20.10 19.85 -4.50
CA ILE D 139 -20.18 19.29 -3.16
C ILE D 139 -19.02 18.36 -2.89
N GLU D 140 -18.63 17.53 -3.86
CA GLU D 140 -17.52 16.62 -3.61
C GLU D 140 -16.18 17.30 -3.50
N GLU D 141 -16.05 18.47 -4.11
CA GLU D 141 -14.82 19.22 -4.02
C GLU D 141 -14.71 19.99 -2.71
N SER D 142 -15.82 20.19 -2.01
CA SER D 142 -15.85 21.14 -0.91
C SER D 142 -16.33 20.60 0.44
N ILE D 143 -17.12 19.56 0.42
CA ILE D 143 -17.61 18.98 1.66
C ILE D 143 -17.14 17.54 1.78
N HIS D 144 -16.73 17.16 2.99
CA HIS D 144 -16.21 15.82 3.21
C HIS D 144 -17.30 14.81 3.57
N VAL D 145 -17.51 13.81 2.71
CA VAL D 145 -18.49 12.77 2.99
C VAL D 145 -17.81 11.46 3.37
N GLN D 146 -17.73 11.23 4.68
CA GLN D 146 -17.10 10.03 5.24
C GLN D 146 -17.94 8.80 4.96
N ALA D 147 -17.33 7.80 4.31
CA ALA D 147 -18.00 6.54 3.99
C ALA D 147 -17.01 5.37 3.94
N ASP D 148 -17.08 4.49 4.93
CA ASP D 148 -16.11 3.39 5.04
C ASP D 148 -16.66 2.03 4.64
N LEU D 149 -17.98 1.88 4.70
CA LEU D 149 -18.62 0.62 4.39
C LEU D 149 -20.08 0.85 4.05
N ILE D 150 -20.52 0.25 2.95
CA ILE D 150 -21.94 0.25 2.61
C ILE D 150 -22.50 -1.14 2.91
N ILE D 151 -23.65 -1.18 3.58
CA ILE D 151 -24.39 -2.43 3.71
C ILE D 151 -25.57 -2.33 2.75
N TYR D 152 -25.58 -3.21 1.75
CA TYR D 152 -26.61 -3.20 0.74
C TYR D 152 -27.67 -4.24 1.10
N LEU D 153 -28.86 -3.78 1.47
CA LEU D 153 -29.98 -4.68 1.71
C LEU D 153 -30.60 -5.01 0.37
N ARG D 154 -29.97 -5.97 -0.31
CA ARG D 154 -30.41 -6.41 -1.64
C ARG D 154 -31.68 -7.26 -1.60
N THR D 155 -32.61 -6.95 -2.50
CA THR D 155 -33.88 -7.68 -2.60
C THR D 155 -34.36 -7.69 -4.04
N SER D 156 -35.29 -8.60 -4.33
CA SER D 156 -36.00 -8.53 -5.60
C SER D 156 -37.12 -7.49 -5.47
N PRO D 157 -37.35 -6.72 -6.53
CA PRO D 157 -38.40 -5.68 -6.52
C PRO D 157 -39.76 -6.19 -6.05
N GLU D 158 -40.07 -7.45 -6.33
CA GLU D 158 -41.37 -8.03 -5.99
C GLU D 158 -41.54 -8.18 -4.49
N VAL D 159 -40.49 -8.68 -3.84
CA VAL D 159 -40.46 -8.83 -2.38
C VAL D 159 -40.55 -7.47 -1.72
N ALA D 160 -39.89 -6.47 -2.32
CA ALA D 160 -39.93 -5.11 -1.81
C ALA D 160 -41.35 -4.60 -1.90
N TYR D 161 -41.93 -4.66 -3.10
CA TYR D 161 -43.32 -4.32 -3.35
C TYR D 161 -44.26 -4.91 -2.30
N GLU D 162 -44.08 -6.20 -2.02
CA GLU D 162 -44.86 -6.93 -1.03
C GLU D 162 -44.76 -6.28 0.34
N ARG D 163 -43.53 -6.05 0.79
CA ARG D 163 -43.29 -5.46 2.11
C ARG D 163 -44.01 -4.11 2.30
N ILE D 164 -44.03 -3.30 1.25
CA ILE D 164 -44.70 -1.99 1.31
C ILE D 164 -46.21 -2.13 1.50
N ARG D 165 -46.79 -3.13 0.87
CA ARG D 165 -48.24 -3.37 0.93
C ARG D 165 -48.73 -3.71 2.35
N GLN D 166 -47.93 -4.47 3.10
CA GLN D 166 -48.29 -4.89 4.45
C GLN D 166 -48.33 -3.75 5.50
N ARG D 167 -47.75 -2.60 5.16
CA ARG D 167 -47.57 -1.50 6.12
C ARG D 167 -48.63 -0.38 6.04
N VAL D 175 -46.67 2.99 -4.25
CA VAL D 175 -45.69 3.11 -5.32
C VAL D 175 -45.68 1.90 -6.29
N PRO D 176 -45.83 2.17 -7.58
CA PRO D 176 -45.84 1.13 -8.62
C PRO D 176 -44.64 0.17 -8.57
N LEU D 177 -44.85 -1.07 -8.99
CA LEU D 177 -43.76 -2.05 -9.04
C LEU D 177 -42.70 -1.66 -10.07
N LYS D 178 -43.14 -1.00 -11.14
CA LYS D 178 -42.24 -0.51 -12.19
C LYS D 178 -41.19 0.45 -11.62
N TYR D 179 -41.62 1.36 -10.75
CA TYR D 179 -40.73 2.31 -10.08
C TYR D 179 -39.71 1.54 -9.24
N LEU D 180 -40.18 0.58 -8.46
CA LEU D 180 -39.32 -0.22 -7.61
C LEU D 180 -38.32 -1.02 -8.41
N GLN D 181 -38.72 -1.44 -9.61
CA GLN D 181 -37.86 -2.16 -10.53
C GLN D 181 -36.71 -1.26 -11.00
N GLU D 182 -37.08 -0.06 -11.45
CA GLU D 182 -36.13 0.96 -11.90
C GLU D 182 -35.13 1.29 -10.82
N LEU D 183 -35.62 1.56 -9.61
CA LEU D 183 -34.75 1.84 -8.46
C LEU D 183 -33.81 0.68 -8.17
N HIS D 184 -34.36 -0.53 -8.20
CA HIS D 184 -33.57 -1.73 -7.96
C HIS D 184 -32.42 -1.82 -8.95
N GLU D 185 -32.73 -1.68 -10.24
CA GLU D 185 -31.72 -1.75 -11.29
C GLU D 185 -30.60 -0.73 -11.07
N LEU D 186 -30.98 0.47 -10.64
CA LEU D 186 -30.02 1.54 -10.38
C LEU D 186 -29.14 1.27 -9.18
N HIS D 187 -29.73 0.70 -8.13
CA HIS D 187 -28.98 0.28 -6.97
C HIS D 187 -27.99 -0.80 -7.35
N GLU D 188 -28.42 -1.70 -8.24
CA GLU D 188 -27.59 -2.80 -8.69
C GLU D 188 -26.42 -2.30 -9.53
N ASP D 189 -26.70 -1.37 -10.45
CA ASP D 189 -25.64 -0.71 -11.24
C ASP D 189 -24.59 -0.12 -10.34
N TRP D 190 -25.02 0.56 -9.28
CA TRP D 190 -24.14 1.28 -8.39
C TRP D 190 -23.35 0.32 -7.50
N LEU D 191 -24.05 -0.60 -6.84
CA LEU D 191 -23.46 -1.38 -5.75
C LEU D 191 -22.91 -2.76 -6.12
N ILE D 192 -23.39 -3.33 -7.24
CA ILE D 192 -22.94 -4.66 -7.69
C ILE D 192 -22.07 -4.58 -8.95
N HIS D 193 -22.67 -4.14 -10.06
CA HIS D 193 -22.00 -4.06 -11.35
C HIS D 193 -20.97 -2.93 -11.40
N GLN D 194 -20.91 -2.15 -10.32
CA GLN D 194 -19.94 -1.05 -10.14
C GLN D 194 -19.84 -0.07 -11.30
N CYS D 200 -15.64 3.02 -1.56
CA CYS D 200 -15.57 2.19 -0.37
C CYS D 200 -16.20 0.80 -0.57
N LYS D 201 -15.92 -0.11 0.35
CA LYS D 201 -16.36 -1.51 0.25
C LYS D 201 -17.87 -1.72 0.46
N VAL D 202 -18.49 -2.45 -0.47
CA VAL D 202 -19.90 -2.79 -0.37
C VAL D 202 -20.04 -4.19 0.22
N LEU D 203 -21.00 -4.37 1.11
CA LEU D 203 -21.22 -5.66 1.75
C LEU D 203 -22.69 -6.04 1.60
N VAL D 204 -22.95 -7.10 0.85
CA VAL D 204 -24.30 -7.42 0.39
C VAL D 204 -25.05 -8.41 1.29
N LEU D 205 -26.24 -8.04 1.74
CA LEU D 205 -27.08 -8.93 2.53
C LEU D 205 -28.34 -9.33 1.77
N ASP D 206 -28.77 -10.57 1.95
CA ASP D 206 -30.00 -11.06 1.35
C ASP D 206 -31.18 -10.90 2.33
N ALA D 207 -32.20 -10.13 1.95
CA ALA D 207 -33.34 -9.84 2.84
C ALA D 207 -34.71 -10.39 2.38
N ASP D 208 -34.69 -11.27 1.37
CA ASP D 208 -35.91 -11.77 0.69
C ASP D 208 -36.88 -12.61 1.55
N THR E 12 17.43 -27.25 -12.95
CA THR E 12 16.44 -26.19 -12.54
C THR E 12 16.40 -25.93 -11.02
N LYS E 13 16.65 -24.68 -10.65
CA LYS E 13 16.93 -24.27 -9.27
C LYS E 13 15.73 -24.26 -8.33
N TYR E 14 16.01 -24.25 -7.04
CA TYR E 14 15.00 -24.13 -6.00
C TYR E 14 14.40 -22.74 -6.03
N ALA E 15 13.08 -22.68 -5.87
CA ALA E 15 12.32 -21.41 -5.91
C ALA E 15 12.32 -20.66 -7.27
N GLU E 16 12.68 -21.35 -8.35
CA GLU E 16 12.51 -20.80 -9.71
C GLU E 16 11.06 -20.41 -9.96
N GLY E 17 10.88 -19.30 -10.68
CA GLY E 17 9.56 -18.76 -10.96
C GLY E 17 8.56 -18.73 -9.80
N THR E 18 9.02 -18.46 -8.59
CA THR E 18 8.09 -18.33 -7.47
C THR E 18 8.14 -16.93 -6.87
N GLN E 19 8.89 -16.05 -7.53
CA GLN E 19 9.25 -14.77 -6.95
C GLN E 19 8.85 -13.60 -7.85
N PRO E 20 8.30 -12.53 -7.25
CA PRO E 20 7.89 -11.35 -8.01
C PRO E 20 9.10 -10.47 -8.35
N PHE E 21 8.86 -9.34 -9.00
CA PHE E 21 9.90 -8.35 -9.23
C PHE E 21 10.60 -8.06 -7.89
N THR E 22 11.92 -8.17 -7.85
CA THR E 22 12.65 -7.97 -6.59
C THR E 22 13.65 -6.82 -6.65
N VAL E 23 13.53 -5.91 -5.67
CA VAL E 23 14.44 -4.79 -5.55
C VAL E 23 15.32 -4.98 -4.32
N LEU E 24 16.64 -4.85 -4.50
CA LEU E 24 17.59 -4.97 -3.40
C LEU E 24 18.12 -3.59 -2.98
N ILE E 25 18.00 -3.25 -1.71
CA ILE E 25 18.54 -2.00 -1.21
C ILE E 25 19.96 -2.27 -0.71
N GLU E 26 20.94 -1.65 -1.36
CA GLU E 26 22.35 -1.85 -0.99
C GLU E 26 23.00 -0.56 -0.54
N GLY E 27 24.02 -0.66 0.30
CA GLY E 27 24.72 0.51 0.79
C GLY E 27 25.59 0.18 1.98
N ASN E 28 26.49 1.10 2.31
CA ASN E 28 27.39 0.97 3.46
C ASN E 28 26.62 0.97 4.76
N ILE E 29 27.29 0.55 5.84
CA ILE E 29 26.70 0.70 7.18
C ILE E 29 26.51 2.19 7.34
N GLY E 30 25.32 2.58 7.81
CA GLY E 30 25.01 3.98 8.02
C GLY E 30 24.75 4.77 6.76
N SER E 31 24.30 4.11 5.69
CA SER E 31 23.93 4.84 4.47
C SER E 31 22.45 5.24 4.48
N GLY E 32 21.77 4.95 5.58
CA GLY E 32 20.38 5.32 5.76
C GLY E 32 19.40 4.36 5.12
N LYS E 33 19.76 3.08 5.07
CA LYS E 33 18.90 2.06 4.50
C LYS E 33 17.64 1.84 5.35
N THR E 34 17.80 1.74 6.67
CA THR E 34 16.66 1.49 7.56
C THR E 34 15.66 2.63 7.51
N THR E 35 16.17 3.85 7.45
CA THR E 35 15.34 5.04 7.29
C THR E 35 14.63 5.01 5.94
N TYR E 36 15.39 4.68 4.90
CA TYR E 36 14.84 4.63 3.54
C TYR E 36 13.71 3.62 3.43
N LEU E 37 13.88 2.47 4.06
CA LEU E 37 12.89 1.40 3.96
C LEU E 37 11.62 1.64 4.76
N ASN E 38 11.71 2.47 5.81
CA ASN E 38 10.55 2.87 6.60
C ASN E 38 9.54 3.65 5.78
N HIS E 39 10.00 4.28 4.70
CA HIS E 39 9.12 5.02 3.82
C HIS E 39 8.18 4.08 3.07
N PHE E 40 8.55 2.79 3.01
CA PHE E 40 7.77 1.80 2.28
C PHE E 40 6.78 1.09 3.18
N GLU E 41 6.91 1.33 4.48
CA GLU E 41 6.07 0.71 5.52
C GLU E 41 4.58 0.71 5.21
N LYS E 42 4.09 1.84 4.72
CA LYS E 42 2.66 2.02 4.52
C LYS E 42 2.11 1.27 3.30
N TYR E 43 2.93 0.41 2.68
CA TYR E 43 2.49 -0.35 1.53
C TYR E 43 2.59 -1.85 1.74
N LYS E 44 2.71 -2.24 3.02
CA LYS E 44 2.83 -3.64 3.42
C LYS E 44 1.84 -4.57 2.72
N ASN E 45 0.62 -4.09 2.46
CA ASN E 45 -0.41 -4.91 1.83
C ASN E 45 -0.09 -5.19 0.37
N ASP E 46 0.85 -4.43 -0.18
CA ASP E 46 1.11 -4.48 -1.62
C ASP E 46 2.52 -4.90 -1.94
N ILE E 47 3.39 -4.80 -0.95
CA ILE E 47 4.81 -5.00 -1.15
C ILE E 47 5.35 -5.92 -0.08
N CYS E 48 6.05 -6.97 -0.50
CA CYS E 48 6.76 -7.84 0.44
C CYS E 48 8.05 -7.13 0.80
N LEU E 49 8.18 -6.82 2.09
CA LEU E 49 9.19 -5.88 2.52
C LEU E 49 10.05 -6.47 3.63
N LEU E 50 11.19 -7.00 3.25
CA LEU E 50 12.05 -7.72 4.19
C LEU E 50 13.29 -6.93 4.56
N THR E 51 13.35 -6.49 5.81
CA THR E 51 14.51 -5.77 6.32
C THR E 51 15.64 -6.75 6.57
N GLU E 52 16.86 -6.23 6.66
CA GLU E 52 18.02 -7.04 6.99
C GLU E 52 17.73 -7.85 8.26
N PRO E 53 17.93 -9.18 8.22
CA PRO E 53 17.59 -10.03 9.36
C PRO E 53 18.62 -9.99 10.50
N VAL E 54 18.79 -8.84 11.12
CA VAL E 54 19.74 -8.68 12.22
C VAL E 54 19.24 -9.42 13.46
N GLU E 55 17.92 -9.36 13.68
CA GLU E 55 17.28 -9.98 14.84
C GLU E 55 17.64 -11.48 14.91
N LYS E 56 17.62 -12.15 13.75
CA LYS E 56 18.03 -13.53 13.64
C LYS E 56 19.48 -13.72 14.03
N TRP E 57 20.35 -12.80 13.60
CA TRP E 57 21.79 -12.94 13.84
C TRP E 57 22.12 -12.72 15.30
N ARG E 58 21.30 -11.92 15.97
CA ARG E 58 21.52 -11.55 17.36
C ARG E 58 20.92 -12.57 18.30
N ASN E 59 20.04 -13.43 17.77
CA ASN E 59 19.39 -14.46 18.58
C ASN E 59 19.25 -15.78 17.82
N VAL E 60 20.34 -16.55 17.78
CA VAL E 60 20.34 -17.88 17.16
C VAL E 60 20.23 -18.90 18.29
N ASN E 61 18.99 -19.31 18.58
CA ASN E 61 18.68 -20.07 19.80
C ASN E 61 19.39 -19.51 21.03
N GLY E 62 19.30 -18.19 21.21
CA GLY E 62 19.89 -17.55 22.36
C GLY E 62 21.26 -16.96 22.13
N VAL E 63 22.02 -17.57 21.22
CA VAL E 63 23.37 -17.08 20.90
C VAL E 63 23.33 -15.84 20.03
N ASP E 64 24.16 -14.85 20.36
CA ASP E 64 24.27 -13.63 19.56
C ASP E 64 25.51 -13.72 18.68
N LEU E 65 25.32 -14.16 17.44
CA LEU E 65 26.45 -14.37 16.55
C LEU E 65 27.10 -13.06 16.16
N LEU E 66 26.28 -12.02 15.95
CA LEU E 66 26.79 -10.71 15.55
C LEU E 66 27.76 -10.16 16.58
N GLU E 67 27.38 -10.27 17.85
CA GLU E 67 28.21 -9.82 18.96
C GLU E 67 29.50 -10.62 19.06
N LEU E 68 29.38 -11.94 19.02
CA LEU E 68 30.54 -12.82 19.09
C LEU E 68 31.52 -12.55 17.95
N MET E 69 31.00 -12.02 16.85
CA MET E 69 31.83 -11.72 15.69
C MET E 69 32.66 -10.45 15.90
N TYR E 70 32.02 -9.39 16.40
CA TYR E 70 32.73 -8.15 16.70
C TYR E 70 33.68 -8.32 17.89
N LYS E 71 33.31 -9.19 18.83
CA LYS E 71 34.15 -9.53 19.98
C LYS E 71 35.41 -10.33 19.62
N ASP E 72 35.30 -11.28 18.70
CA ASP E 72 36.40 -12.21 18.38
C ASP E 72 36.29 -12.71 16.94
N PRO E 73 36.70 -11.88 15.98
CA PRO E 73 36.46 -12.17 14.56
C PRO E 73 37.16 -13.43 14.06
N LYS E 74 38.40 -13.67 14.47
CA LYS E 74 39.16 -14.81 13.94
C LYS E 74 38.42 -16.14 14.16
N LYS E 75 37.56 -16.17 15.17
CA LYS E 75 36.85 -17.37 15.57
C LYS E 75 35.40 -17.42 15.08
N TRP E 76 34.71 -16.29 15.14
CA TRP E 76 33.28 -16.25 14.89
C TRP E 76 32.86 -15.69 13.54
N ALA E 77 33.78 -15.12 12.78
CA ALA E 77 33.44 -14.56 11.46
C ALA E 77 32.88 -15.64 10.54
N MET E 78 33.55 -16.79 10.52
CA MET E 78 33.17 -17.90 9.67
C MET E 78 31.74 -18.41 9.91
N PRO E 79 31.39 -18.82 11.14
CA PRO E 79 30.00 -19.19 11.39
C PRO E 79 29.02 -18.03 11.23
N PHE E 80 29.39 -16.84 11.68
CA PHE E 80 28.50 -15.70 11.55
C PHE E 80 28.15 -15.44 10.10
N GLN E 81 29.16 -15.26 9.24
CA GLN E 81 28.93 -15.03 7.81
C GLN E 81 28.16 -16.18 7.16
N SER E 82 28.54 -17.41 7.52
CA SER E 82 27.81 -18.60 7.08
C SER E 82 26.33 -18.47 7.44
N TYR E 83 26.05 -18.06 8.68
CA TYR E 83 24.68 -17.84 9.08
C TYR E 83 23.99 -16.69 8.33
N VAL E 84 24.71 -15.60 8.09
CA VAL E 84 24.19 -14.50 7.29
C VAL E 84 23.75 -15.02 5.94
N THR E 85 24.64 -15.76 5.27
CA THR E 85 24.31 -16.35 3.98
C THR E 85 22.99 -17.11 4.05
N LEU E 86 22.83 -17.92 5.09
CA LEU E 86 21.60 -18.68 5.24
C LEU E 86 20.36 -17.79 5.34
N THR E 87 20.40 -16.81 6.23
CA THR E 87 19.24 -15.93 6.43
C THR E 87 18.91 -15.16 5.17
N MET E 88 19.94 -14.80 4.42
CA MET E 88 19.73 -14.13 3.13
C MET E 88 18.92 -15.04 2.21
N LEU E 89 19.38 -16.28 2.05
CA LEU E 89 18.68 -17.28 1.23
C LEU E 89 17.24 -17.48 1.71
N GLN E 90 17.06 -17.45 3.03
CA GLN E 90 15.74 -17.55 3.60
C GLN E 90 14.81 -16.43 3.11
N SER E 91 15.34 -15.20 3.04
CA SER E 91 14.60 -14.05 2.51
C SER E 91 14.42 -14.14 1.01
N HIS E 92 15.50 -14.47 0.30
CA HIS E 92 15.49 -14.52 -1.15
C HIS E 92 14.48 -15.52 -1.71
N THR E 93 14.13 -16.53 -0.93
CA THR E 93 13.29 -17.63 -1.42
C THR E 93 11.94 -17.67 -0.73
N ALA E 94 11.82 -16.96 0.40
CA ALA E 94 10.55 -16.87 1.12
C ALA E 94 9.43 -16.60 0.14
N PRO E 95 8.36 -17.40 0.22
CA PRO E 95 7.27 -17.32 -0.76
C PRO E 95 6.44 -16.08 -0.48
N THR E 96 5.85 -15.50 -1.52
CA THR E 96 4.95 -14.36 -1.33
C THR E 96 3.96 -14.16 -2.45
N ASN E 97 2.80 -13.63 -2.08
CA ASN E 97 1.74 -13.36 -3.02
C ASN E 97 1.80 -11.99 -3.66
N LYS E 98 2.50 -11.06 -2.99
CA LYS E 98 2.66 -9.69 -3.49
C LYS E 98 3.36 -9.63 -4.86
N LYS E 99 3.18 -8.50 -5.55
CA LYS E 99 3.73 -8.35 -6.90
C LYS E 99 5.09 -7.64 -6.93
N LEU E 100 5.54 -7.16 -5.77
CA LEU E 100 6.85 -6.55 -5.64
C LEU E 100 7.50 -6.92 -4.31
N LYS E 101 8.79 -7.22 -4.35
CA LYS E 101 9.54 -7.59 -3.15
C LYS E 101 10.77 -6.68 -3.01
N ILE E 102 10.95 -6.13 -1.81
CA ILE E 102 12.08 -5.26 -1.53
C ILE E 102 12.86 -5.82 -0.35
N MET E 103 14.15 -6.06 -0.59
CA MET E 103 15.03 -6.64 0.42
C MET E 103 16.13 -5.67 0.79
N GLU E 104 16.35 -5.50 2.08
CA GLU E 104 17.49 -4.72 2.53
C GLU E 104 18.70 -5.63 2.54
N ARG E 105 19.72 -5.26 1.77
CA ARG E 105 20.92 -6.07 1.58
C ARG E 105 20.58 -7.42 0.93
N SER E 106 21.58 -8.27 0.73
CA SER E 106 21.37 -9.49 -0.04
C SER E 106 22.51 -10.47 0.14
N ILE E 107 22.34 -11.67 -0.39
CA ILE E 107 23.44 -12.62 -0.45
C ILE E 107 24.66 -12.01 -1.14
N PHE E 108 24.42 -11.12 -2.12
CA PHE E 108 25.51 -10.49 -2.87
C PHE E 108 26.38 -9.54 -2.03
N SER E 109 25.77 -8.61 -1.31
CA SER E 109 26.55 -7.73 -0.44
C SER E 109 27.32 -8.54 0.60
N ALA E 110 26.70 -9.59 1.10
CA ALA E 110 27.35 -10.46 2.07
C ALA E 110 28.63 -11.04 1.47
N ARG E 111 28.51 -11.56 0.25
CA ARG E 111 29.62 -12.22 -0.39
C ARG E 111 30.69 -11.24 -0.87
N TYR E 112 30.27 -10.26 -1.68
CA TYR E 112 31.19 -9.41 -2.41
C TYR E 112 31.79 -8.30 -1.56
N CYS E 113 31.13 -7.93 -0.48
CA CYS E 113 31.64 -6.86 0.37
C CYS E 113 32.09 -7.37 1.72
N PHE E 114 31.15 -7.91 2.49
CA PHE E 114 31.49 -8.30 3.84
C PHE E 114 32.46 -9.48 3.92
N VAL E 115 32.12 -10.60 3.27
CA VAL E 115 33.03 -11.75 3.32
C VAL E 115 34.39 -11.37 2.75
N GLU E 116 34.39 -10.72 1.58
CA GLU E 116 35.62 -10.31 0.92
C GLU E 116 36.49 -9.45 1.84
N ASN E 117 35.88 -8.47 2.48
CA ASN E 117 36.63 -7.60 3.37
C ASN E 117 37.20 -8.35 4.56
N MET E 118 36.40 -9.25 5.12
CA MET E 118 36.83 -10.09 6.23
C MET E 118 38.03 -10.98 5.88
N ARG E 119 38.08 -11.44 4.62
CA ARG E 119 39.24 -12.16 4.11
C ARG E 119 40.45 -11.24 4.06
N ARG E 120 40.27 -10.06 3.46
CA ARG E 120 41.32 -9.07 3.28
C ARG E 120 41.99 -8.66 4.58
N ASN E 121 41.22 -8.41 5.63
CA ASN E 121 41.81 -8.00 6.90
C ASN E 121 42.13 -9.18 7.82
N GLY E 122 42.08 -10.38 7.28
CA GLY E 122 42.45 -11.58 8.01
C GLY E 122 41.53 -12.06 9.11
N SER E 123 40.28 -11.60 9.14
CA SER E 123 39.30 -12.16 10.07
C SER E 123 38.94 -13.58 9.62
N LEU E 124 38.70 -13.76 8.34
CA LEU E 124 38.52 -15.09 7.77
C LEU E 124 39.87 -15.59 7.26
N GLU E 125 40.35 -16.69 7.82
CA GLU E 125 41.55 -17.34 7.31
C GLU E 125 41.23 -17.98 5.96
N GLN E 126 42.27 -18.34 5.21
CA GLN E 126 42.11 -18.86 3.86
C GLN E 126 41.10 -20.02 3.75
N GLY E 127 41.28 -21.04 4.60
CA GLY E 127 40.41 -22.20 4.59
C GLY E 127 38.96 -21.84 4.87
N MET E 128 38.76 -20.87 5.74
CA MET E 128 37.43 -20.41 6.07
C MET E 128 36.78 -19.68 4.92
N TYR E 129 37.53 -18.75 4.33
CA TYR E 129 37.07 -18.04 3.16
C TYR E 129 36.74 -19.04 2.05
N ASN E 130 37.66 -19.94 1.78
CA ASN E 130 37.47 -20.94 0.72
C ASN E 130 36.19 -21.78 0.87
N THR E 131 35.87 -22.16 2.11
CA THR E 131 34.63 -22.86 2.41
C THR E 131 33.42 -22.01 2.09
N LEU E 132 33.41 -20.77 2.58
CA LEU E 132 32.31 -19.87 2.26
C LEU E 132 32.13 -19.74 0.75
N GLU E 133 33.24 -19.58 0.02
CA GLU E 133 33.17 -19.37 -1.41
C GLU E 133 32.65 -20.60 -2.14
N GLU E 134 33.09 -21.79 -1.71
CA GLU E 134 32.64 -23.03 -2.32
C GLU E 134 31.11 -23.15 -2.23
N TRP E 135 30.59 -22.76 -1.06
CA TRP E 135 29.15 -22.69 -0.85
C TRP E 135 28.50 -21.71 -1.82
N TYR E 136 28.98 -20.48 -1.87
CA TYR E 136 28.38 -19.48 -2.77
C TYR E 136 28.27 -20.03 -4.18
N LYS E 137 29.31 -20.73 -4.62
CA LYS E 137 29.35 -21.30 -5.96
C LYS E 137 28.30 -22.38 -6.09
N PHE E 138 28.15 -23.21 -5.06
CA PHE E 138 27.12 -24.23 -5.10
C PHE E 138 25.74 -23.59 -5.01
N ILE E 139 25.63 -22.52 -4.23
CA ILE E 139 24.36 -21.86 -4.03
C ILE E 139 23.84 -21.28 -5.34
N GLU E 140 24.71 -20.71 -6.17
CA GLU E 140 24.20 -20.15 -7.41
C GLU E 140 23.76 -21.18 -8.42
N GLU E 141 24.31 -22.38 -8.32
CA GLU E 141 23.89 -23.45 -9.21
C GLU E 141 22.60 -24.11 -8.77
N SER E 142 22.19 -23.90 -7.52
CA SER E 142 21.11 -24.70 -6.96
C SER E 142 19.92 -23.92 -6.38
N ILE E 143 20.15 -22.68 -5.98
CA ILE E 143 19.08 -21.88 -5.43
C ILE E 143 18.86 -20.64 -6.28
N HIS E 144 17.60 -20.29 -6.51
CA HIS E 144 17.28 -19.15 -7.37
C HIS E 144 17.22 -17.83 -6.58
N VAL E 145 18.12 -16.91 -6.89
CA VAL E 145 18.11 -15.60 -6.24
C VAL E 145 17.59 -14.52 -7.20
N GLN E 146 16.30 -14.20 -7.06
CA GLN E 146 15.64 -13.20 -7.89
C GLN E 146 16.14 -11.81 -7.57
N ALA E 147 16.63 -11.10 -8.58
CA ALA E 147 17.13 -9.73 -8.42
C ALA E 147 16.96 -8.93 -9.71
N ASP E 148 16.03 -7.97 -9.70
CA ASP E 148 15.72 -7.21 -10.92
C ASP E 148 16.25 -5.79 -10.93
N LEU E 149 16.52 -5.26 -9.73
CA LEU E 149 16.99 -3.88 -9.60
C LEU E 149 17.68 -3.70 -8.26
N ILE E 150 18.86 -3.09 -8.28
CA ILE E 150 19.53 -2.71 -7.06
C ILE E 150 19.40 -1.20 -6.89
N ILE E 151 19.02 -0.75 -5.71
CA ILE E 151 19.10 0.67 -5.39
C ILE E 151 20.31 0.83 -4.48
N TYR E 152 21.29 1.58 -4.97
CA TYR E 152 22.52 1.79 -4.23
C TYR E 152 22.45 3.14 -3.49
N LEU E 153 22.37 3.09 -2.17
CA LEU E 153 22.43 4.29 -1.36
C LEU E 153 23.89 4.67 -1.20
N ARG E 154 24.42 5.34 -2.23
CA ARG E 154 25.81 5.77 -2.26
C ARG E 154 26.09 6.94 -1.34
N THR E 155 27.18 6.86 -0.59
CA THR E 155 27.60 7.92 0.33
C THR E 155 29.11 7.94 0.47
N SER E 156 29.63 9.04 0.97
CA SER E 156 31.03 9.08 1.36
C SER E 156 31.16 8.44 2.75
N PRO E 157 32.24 7.68 2.98
CA PRO E 157 32.46 7.01 4.26
C PRO E 157 32.33 7.93 5.46
N GLU E 158 32.72 9.21 5.30
CA GLU E 158 32.68 10.18 6.42
C GLU E 158 31.28 10.50 6.84
N VAL E 159 30.40 10.72 5.86
CA VAL E 159 28.99 10.99 6.11
C VAL E 159 28.34 9.79 6.77
N ALA E 160 28.75 8.59 6.33
CA ALA E 160 28.24 7.36 6.90
C ALA E 160 28.67 7.30 8.36
N TYR E 161 29.97 7.41 8.60
CA TYR E 161 30.53 7.46 9.94
C TYR E 161 29.75 8.41 10.85
N GLU E 162 29.46 9.61 10.35
CA GLU E 162 28.71 10.62 11.09
C GLU E 162 27.34 10.11 11.48
N ARG E 163 26.61 9.55 10.52
CA ARG E 163 25.26 9.05 10.77
C ARG E 163 25.22 7.99 11.89
N ILE E 164 26.22 7.13 11.94
CA ILE E 164 26.30 6.09 12.97
C ILE E 164 26.48 6.69 14.37
N ARG E 165 27.26 7.77 14.47
CA ARG E 165 27.54 8.42 15.74
C ARG E 165 26.30 9.04 16.39
N GLN E 166 25.40 9.58 15.59
CA GLN E 166 24.18 10.21 16.10
C GLN E 166 23.14 9.24 16.70
N ARG E 167 23.31 7.94 16.47
CA ARG E 167 22.32 6.93 16.86
C ARG E 167 22.63 6.17 18.16
N VAL E 175 32.09 1.45 15.11
CA VAL E 175 32.89 0.94 14.00
C VAL E 175 33.83 1.99 13.40
N PRO E 176 35.13 1.66 13.34
CA PRO E 176 36.16 2.57 12.79
C PRO E 176 35.84 3.12 11.39
N LEU E 177 36.32 4.33 11.10
CA LEU E 177 36.13 4.94 9.78
C LEU E 177 36.86 4.14 8.70
N LYS E 178 38.00 3.55 9.07
CA LYS E 178 38.78 2.73 8.16
C LYS E 178 37.97 1.55 7.61
N TYR E 179 37.20 0.89 8.50
CA TYR E 179 36.31 -0.21 8.12
C TYR E 179 35.27 0.28 7.12
N LEU E 180 34.65 1.41 7.43
CA LEU E 180 33.63 1.98 6.57
C LEU E 180 34.19 2.39 5.22
N GLN E 181 35.45 2.79 5.20
CA GLN E 181 36.16 3.13 3.97
C GLN E 181 36.33 1.89 3.08
N GLU E 182 36.82 0.82 3.70
CA GLU E 182 37.02 -0.46 3.05
C GLU E 182 35.71 -0.99 2.44
N LEU E 183 34.65 -0.99 3.25
CA LEU E 183 33.34 -1.39 2.81
C LEU E 183 32.84 -0.56 1.64
N HIS E 184 33.00 0.76 1.76
CA HIS E 184 32.61 1.68 0.71
C HIS E 184 33.30 1.33 -0.61
N GLU E 185 34.63 1.17 -0.56
CA GLU E 185 35.41 0.84 -1.75
C GLU E 185 34.90 -0.44 -2.41
N LEU E 186 34.55 -1.43 -1.60
CA LEU E 186 34.06 -2.71 -2.08
C LEU E 186 32.69 -2.60 -2.72
N HIS E 187 31.82 -1.79 -2.11
CA HIS E 187 30.52 -1.51 -2.68
C HIS E 187 30.67 -0.81 -4.02
N GLU E 188 31.65 0.09 -4.09
CA GLU E 188 31.91 0.85 -5.30
C GLU E 188 32.44 -0.06 -6.42
N ASP E 189 33.38 -0.94 -6.08
CA ASP E 189 33.88 -1.95 -7.02
C ASP E 189 32.74 -2.76 -7.62
N TRP E 190 31.81 -3.16 -6.77
CA TRP E 190 30.71 -4.03 -7.17
C TRP E 190 29.68 -3.27 -7.99
N LEU E 191 29.22 -2.13 -7.48
CA LEU E 191 28.04 -1.47 -8.02
C LEU E 191 28.30 -0.35 -9.04
N ILE E 192 29.50 0.22 -9.02
CA ILE E 192 29.85 1.31 -9.96
C ILE E 192 30.86 0.88 -11.02
N HIS E 193 32.07 0.53 -10.57
CA HIS E 193 33.16 0.13 -11.46
C HIS E 193 32.94 -1.26 -12.07
N GLN E 194 31.87 -1.92 -11.64
CA GLN E 194 31.43 -3.23 -12.15
C GLN E 194 32.52 -4.31 -12.20
N ARG E 195 33.34 -4.40 -11.13
CA ARG E 195 34.39 -5.43 -10.97
C ARG E 195 33.87 -6.83 -10.52
N ARG E 196 32.56 -6.95 -10.27
CA ARG E 196 31.88 -8.21 -9.92
C ARG E 196 30.67 -8.45 -10.86
N PRO E 197 30.21 -9.71 -11.01
CA PRO E 197 29.32 -10.06 -12.12
C PRO E 197 27.89 -9.48 -12.05
N GLN E 198 27.45 -9.02 -10.89
CA GLN E 198 26.02 -8.73 -10.68
C GLN E 198 25.33 -8.01 -11.86
N SER E 199 24.59 -8.84 -12.60
CA SER E 199 24.08 -8.54 -13.94
C SER E 199 22.84 -7.66 -14.01
N CYS E 200 22.02 -7.60 -12.94
CA CYS E 200 20.84 -6.72 -13.00
C CYS E 200 21.22 -5.23 -12.89
N LYS E 201 20.27 -4.37 -13.23
CA LYS E 201 20.51 -2.92 -13.28
C LYS E 201 20.67 -2.25 -11.91
N VAL E 202 21.73 -1.45 -11.76
CA VAL E 202 21.98 -0.69 -10.55
C VAL E 202 21.47 0.72 -10.72
N LEU E 203 20.84 1.26 -9.69
CA LEU E 203 20.30 2.61 -9.75
C LEU E 203 20.79 3.41 -8.54
N VAL E 204 21.62 4.42 -8.80
CA VAL E 204 22.39 5.10 -7.75
C VAL E 204 21.71 6.33 -7.17
N LEU E 205 21.56 6.37 -5.86
CA LEU E 205 21.00 7.54 -5.18
C LEU E 205 22.06 8.22 -4.31
N ASP E 206 22.00 9.55 -4.26
CA ASP E 206 22.89 10.32 -3.41
C ASP E 206 22.22 10.62 -2.06
N ALA E 207 22.85 10.18 -0.96
CA ALA E 207 22.31 10.46 0.37
C ALA E 207 22.83 11.78 0.98
N ASP E 208 24.15 11.97 0.95
CA ASP E 208 24.77 13.23 1.39
C ASP E 208 24.69 14.36 0.35
N THR F 12 8.90 -27.14 -4.74
CA THR F 12 9.61 -28.26 -5.44
C THR F 12 11.15 -28.08 -5.47
N LYS F 13 11.85 -29.09 -4.93
CA LYS F 13 13.27 -29.02 -4.60
C LYS F 13 14.22 -29.08 -5.80
N TYR F 14 15.47 -28.66 -5.57
CA TYR F 14 16.52 -28.73 -6.56
C TYR F 14 16.90 -30.19 -6.79
N ALA F 15 17.12 -30.53 -8.06
CA ALA F 15 17.46 -31.90 -8.47
C ALA F 15 16.37 -32.98 -8.24
N GLU F 16 15.11 -32.54 -8.02
CA GLU F 16 13.97 -33.47 -8.00
C GLU F 16 13.88 -34.26 -9.30
N GLY F 17 13.51 -35.54 -9.17
CA GLY F 17 13.43 -36.44 -10.30
C GLY F 17 14.58 -36.40 -11.29
N THR F 18 15.82 -36.21 -10.84
CA THR F 18 16.96 -36.25 -11.74
C THR F 18 17.91 -37.37 -11.36
N GLN F 19 17.49 -38.19 -10.40
CA GLN F 19 18.39 -39.13 -9.74
C GLN F 19 17.86 -40.56 -9.80
N PRO F 20 18.76 -41.52 -10.08
CA PRO F 20 18.36 -42.93 -10.16
C PRO F 20 18.23 -43.53 -8.76
N PHE F 21 17.92 -44.83 -8.69
CA PHE F 21 17.95 -45.55 -7.42
C PHE F 21 19.28 -45.27 -6.73
N THR F 22 19.24 -44.83 -5.47
CA THR F 22 20.48 -44.49 -4.77
C THR F 22 20.72 -45.32 -3.51
N VAL F 23 21.91 -45.92 -3.43
CA VAL F 23 22.30 -46.70 -2.26
C VAL F 23 23.40 -45.96 -1.51
N LEU F 24 23.21 -45.81 -0.19
CA LEU F 24 24.20 -45.16 0.65
C LEU F 24 24.96 -46.19 1.50
N ILE F 25 26.28 -46.17 1.42
CA ILE F 25 27.08 -47.07 2.24
C ILE F 25 27.44 -46.33 3.52
N GLU F 26 26.95 -46.83 4.66
CA GLU F 26 27.20 -46.19 5.96
C GLU F 26 27.96 -47.11 6.89
N GLY F 27 28.71 -46.53 7.82
CA GLY F 27 29.47 -47.31 8.77
C GLY F 27 30.50 -46.46 9.49
N ASN F 28 31.03 -46.99 10.58
CA ASN F 28 32.06 -46.33 11.38
C ASN F 28 33.35 -46.16 10.59
N ILE F 29 34.25 -45.30 11.08
CA ILE F 29 35.59 -45.23 10.52
C ILE F 29 36.17 -46.62 10.69
N GLY F 30 36.78 -47.14 9.63
CA GLY F 30 37.37 -48.46 9.67
C GLY F 30 36.38 -49.62 9.66
N SER F 31 35.19 -49.42 9.09
CA SER F 31 34.23 -50.52 8.97
C SER F 31 34.40 -51.26 7.63
N GLY F 32 35.41 -50.84 6.86
CA GLY F 32 35.74 -51.49 5.60
C GLY F 32 34.89 -51.02 4.44
N LYS F 33 34.47 -49.76 4.47
CA LYS F 33 33.68 -49.17 3.40
C LYS F 33 34.48 -49.07 2.10
N THR F 34 35.71 -48.56 2.18
CA THR F 34 36.54 -48.37 0.99
C THR F 34 36.84 -49.69 0.31
N THR F 35 37.11 -50.72 1.11
CA THR F 35 37.30 -52.08 0.60
C THR F 35 36.02 -52.59 -0.04
N TYR F 36 34.90 -52.39 0.64
CA TYR F 36 33.60 -52.85 0.16
C TYR F 36 33.26 -52.23 -1.20
N LEU F 37 33.54 -50.94 -1.34
CA LEU F 37 33.20 -50.22 -2.56
C LEU F 37 34.07 -50.54 -3.76
N ASN F 38 35.30 -51.00 -3.49
CA ASN F 38 36.21 -51.46 -4.54
C ASN F 38 35.67 -52.65 -5.30
N HIS F 39 34.79 -53.42 -4.66
CA HIS F 39 34.19 -54.57 -5.30
C HIS F 39 33.24 -54.12 -6.42
N PHE F 40 32.81 -52.86 -6.37
CA PHE F 40 31.87 -52.34 -7.35
C PHE F 40 32.57 -51.67 -8.52
N GLU F 41 33.89 -51.50 -8.38
CA GLU F 41 34.74 -50.85 -9.39
C GLU F 41 34.49 -51.32 -10.81
N LYS F 42 34.36 -52.63 -10.99
CA LYS F 42 34.25 -53.21 -12.32
C LYS F 42 32.89 -52.99 -12.99
N TYR F 43 32.05 -52.15 -12.40
CA TYR F 43 30.74 -51.87 -12.97
C TYR F 43 30.53 -50.39 -13.26
N LYS F 44 31.64 -49.65 -13.28
CA LYS F 44 31.65 -48.22 -13.54
C LYS F 44 30.76 -47.78 -14.70
N ASN F 45 30.69 -48.61 -15.75
CA ASN F 45 29.88 -48.28 -16.92
C ASN F 45 28.39 -48.34 -16.63
N ASP F 46 28.03 -48.97 -15.53
CA ASP F 46 26.64 -49.24 -15.24
C ASP F 46 26.16 -48.59 -13.96
N ILE F 47 27.10 -48.19 -13.13
CA ILE F 47 26.81 -47.71 -11.80
C ILE F 47 27.57 -46.42 -11.55
N CYS F 48 26.84 -45.38 -11.12
CA CYS F 48 27.49 -44.15 -10.68
C CYS F 48 27.99 -44.38 -9.26
N LEU F 49 29.29 -44.28 -9.10
CA LEU F 49 29.94 -44.79 -7.91
C LEU F 49 30.81 -43.73 -7.27
N LEU F 50 30.26 -43.04 -6.28
CA LEU F 50 30.93 -41.90 -5.66
C LEU F 50 31.46 -42.24 -4.28
N THR F 51 32.77 -42.28 -4.16
CA THR F 51 33.42 -42.52 -2.87
C THR F 51 33.36 -41.25 -2.03
N GLU F 52 33.54 -41.40 -0.72
CA GLU F 52 33.60 -40.27 0.18
C GLU F 52 34.60 -39.24 -0.34
N PRO F 53 34.20 -37.98 -0.49
CA PRO F 53 35.07 -36.95 -1.07
C PRO F 53 36.14 -36.41 -0.10
N VAL F 54 37.04 -37.28 0.33
CA VAL F 54 38.11 -36.88 1.24
C VAL F 54 39.12 -35.98 0.53
N GLU F 55 39.39 -36.30 -0.74
CA GLU F 55 40.35 -35.57 -1.55
C GLU F 55 40.00 -34.08 -1.57
N LYS F 56 38.70 -33.78 -1.73
CA LYS F 56 38.20 -32.42 -1.68
C LYS F 56 38.47 -31.77 -0.32
N TRP F 57 38.28 -32.52 0.76
CA TRP F 57 38.42 -31.96 2.10
C TRP F 57 39.87 -31.69 2.43
N ARG F 58 40.76 -32.46 1.81
CA ARG F 58 42.19 -32.36 2.07
C ARG F 58 42.84 -31.30 1.20
N ASN F 59 42.13 -30.88 0.15
CA ASN F 59 42.64 -29.85 -0.77
C ASN F 59 41.55 -28.87 -1.20
N VAL F 60 41.25 -27.90 -0.34
CA VAL F 60 40.31 -26.83 -0.65
C VAL F 60 41.12 -25.60 -1.05
N ASN F 61 41.33 -25.44 -2.36
CA ASN F 61 42.30 -24.48 -2.89
C ASN F 61 43.61 -24.50 -2.12
N GLY F 62 44.14 -25.70 -1.89
CA GLY F 62 45.41 -25.82 -1.19
C GLY F 62 45.30 -26.09 0.29
N VAL F 63 44.23 -25.59 0.92
CA VAL F 63 44.01 -25.78 2.36
C VAL F 63 43.52 -27.20 2.65
N ASP F 64 44.08 -27.80 3.69
CA ASP F 64 43.63 -29.13 4.13
C ASP F 64 42.72 -28.98 5.34
N LEU F 65 41.42 -28.96 5.09
CA LEU F 65 40.46 -28.73 6.16
C LEU F 65 40.43 -29.89 7.13
N LEU F 66 40.54 -31.11 6.60
CA LEU F 66 40.50 -32.31 7.44
C LEU F 66 41.61 -32.30 8.48
N GLU F 67 42.81 -31.94 8.03
CA GLU F 67 43.98 -31.85 8.92
C GLU F 67 43.79 -30.76 9.97
N LEU F 68 43.41 -29.56 9.52
CA LEU F 68 43.18 -28.44 10.41
C LEU F 68 42.13 -28.76 11.47
N MET F 69 41.24 -29.69 11.14
CA MET F 69 40.18 -30.08 12.06
C MET F 69 40.69 -30.98 13.17
N TYR F 70 41.48 -32.00 12.81
CA TYR F 70 42.10 -32.89 13.78
C TYR F 70 43.16 -32.16 14.62
N LYS F 71 43.82 -31.18 14.02
CA LYS F 71 44.82 -30.35 14.70
C LYS F 71 44.20 -29.40 15.73
N ASP F 72 43.06 -28.78 15.41
CA ASP F 72 42.47 -27.74 16.26
C ASP F 72 40.94 -27.70 16.08
N PRO F 73 40.23 -28.63 16.72
CA PRO F 73 38.80 -28.81 16.47
C PRO F 73 37.94 -27.61 16.85
N LYS F 74 38.23 -26.95 17.98
CA LYS F 74 37.38 -25.85 18.44
C LYS F 74 37.26 -24.75 17.38
N LYS F 75 38.25 -24.66 16.51
CA LYS F 75 38.33 -23.60 15.50
C LYS F 75 37.90 -24.05 14.11
N TRP F 76 38.29 -25.27 13.73
CA TRP F 76 38.11 -25.73 12.35
C TRP F 76 36.98 -26.74 12.13
N ALA F 77 36.37 -27.23 13.21
CA ALA F 77 35.28 -28.19 13.05
C ALA F 77 34.12 -27.59 12.28
N MET F 78 33.75 -26.36 12.64
CA MET F 78 32.64 -25.65 12.02
C MET F 78 32.78 -25.48 10.51
N PRO F 79 33.87 -24.86 10.02
CA PRO F 79 34.06 -24.78 8.57
C PRO F 79 34.26 -26.15 7.92
N PHE F 80 35.01 -27.03 8.56
CA PHE F 80 35.22 -28.34 7.99
C PHE F 80 33.91 -29.09 7.77
N GLN F 81 33.10 -29.23 8.82
CA GLN F 81 31.80 -29.90 8.71
C GLN F 81 30.88 -29.19 7.69
N SER F 82 30.87 -27.86 7.75
CA SER F 82 30.15 -27.07 6.75
C SER F 82 30.59 -27.47 5.34
N TYR F 83 31.90 -27.58 5.13
CA TYR F 83 32.40 -28.01 3.84
C TYR F 83 32.01 -29.44 3.49
N VAL F 84 32.06 -30.34 4.47
CA VAL F 84 31.62 -31.72 4.28
C VAL F 84 30.19 -31.73 3.78
N THR F 85 29.30 -30.99 4.46
CA THR F 85 27.92 -30.87 4.04
C THR F 85 27.82 -30.49 2.57
N LEU F 86 28.60 -29.49 2.17
CA LEU F 86 28.58 -29.05 0.79
C LEU F 86 28.97 -30.16 -0.19
N THR F 87 30.10 -30.82 0.06
CA THR F 87 30.57 -31.86 -0.84
C THR F 87 29.58 -33.01 -0.92
N MET F 88 28.92 -33.29 0.19
CA MET F 88 27.88 -34.32 0.20
C MET F 88 26.77 -33.93 -0.77
N LEU F 89 26.26 -32.71 -0.64
CA LEU F 89 25.23 -32.19 -1.54
C LEU F 89 25.68 -32.23 -2.99
N GLN F 90 26.97 -31.94 -3.21
CA GLN F 90 27.53 -32.02 -4.54
C GLN F 90 27.40 -33.42 -5.13
N SER F 91 27.65 -34.45 -4.32
CA SER F 91 27.50 -35.85 -4.72
C SER F 91 26.02 -36.23 -4.86
N HIS F 92 25.21 -35.85 -3.88
CA HIS F 92 23.81 -36.19 -3.85
C HIS F 92 23.03 -35.68 -5.06
N THR F 93 23.52 -34.61 -5.67
CA THR F 93 22.77 -33.95 -6.74
C THR F 93 23.48 -34.04 -8.08
N ALA F 94 24.76 -34.43 -8.06
CA ALA F 94 25.52 -34.63 -9.29
C ALA F 94 24.68 -35.43 -10.28
N PRO F 95 24.59 -34.93 -11.52
CA PRO F 95 23.71 -35.55 -12.51
C PRO F 95 24.35 -36.84 -13.02
N THR F 96 23.53 -37.81 -13.41
CA THR F 96 24.05 -39.04 -13.99
C THR F 96 23.07 -39.78 -14.86
N ASN F 97 23.61 -40.46 -15.87
CA ASN F 97 22.81 -41.22 -16.80
C ASN F 97 22.59 -42.67 -16.37
N LYS F 98 23.45 -43.17 -15.49
CA LYS F 98 23.35 -44.53 -14.97
C LYS F 98 22.03 -44.80 -14.22
N LYS F 99 21.67 -46.08 -14.09
CA LYS F 99 20.40 -46.46 -13.47
C LYS F 99 20.52 -46.79 -11.98
N LEU F 100 21.75 -46.80 -11.47
CA LEU F 100 22.00 -47.00 -10.04
C LEU F 100 23.14 -46.12 -9.57
N LYS F 101 22.98 -45.52 -8.39
CA LYS F 101 24.00 -44.67 -7.79
C LYS F 101 24.35 -45.17 -6.39
N ILE F 102 25.64 -45.31 -6.12
CA ILE F 102 26.12 -45.75 -4.82
C ILE F 102 27.06 -44.71 -4.24
N MET F 103 26.72 -44.23 -3.05
CA MET F 103 27.50 -43.20 -2.39
C MET F 103 28.08 -43.72 -1.08
N GLU F 104 29.37 -43.47 -0.88
CA GLU F 104 29.97 -43.78 0.41
C GLU F 104 29.68 -42.63 1.36
N ARG F 105 29.01 -42.93 2.46
CA ARG F 105 28.56 -41.93 3.43
C ARG F 105 27.58 -40.94 2.79
N SER F 106 27.11 -39.95 3.54
CA SER F 106 26.04 -39.09 3.06
C SER F 106 25.92 -37.85 3.91
N ILE F 107 25.07 -36.91 3.46
CA ILE F 107 24.72 -35.78 4.29
C ILE F 107 24.17 -36.23 5.66
N PHE F 108 23.50 -37.38 5.69
CA PHE F 108 22.92 -37.91 6.91
C PHE F 108 23.94 -38.33 7.96
N SER F 109 24.92 -39.16 7.58
CA SER F 109 25.96 -39.53 8.53
C SER F 109 26.71 -38.31 9.04
N ALA F 110 26.93 -37.34 8.15
CA ALA F 110 27.60 -36.12 8.52
C ALA F 110 26.82 -35.42 9.64
N ARG F 111 25.51 -35.31 9.43
CA ARG F 111 24.66 -34.58 10.37
C ARG F 111 24.43 -35.37 11.67
N TYR F 112 23.93 -36.59 11.54
CA TYR F 112 23.44 -37.37 12.67
C TYR F 112 24.54 -38.00 13.49
N CYS F 113 25.71 -38.22 12.91
CA CYS F 113 26.80 -38.85 13.65
C CYS F 113 27.94 -37.88 13.90
N PHE F 114 28.56 -37.40 12.83
CA PHE F 114 29.75 -36.59 13.01
C PHE F 114 29.45 -35.24 13.65
N VAL F 115 28.54 -34.46 13.07
CA VAL F 115 28.23 -33.15 13.64
C VAL F 115 27.75 -33.32 15.09
N GLU F 116 26.79 -34.24 15.28
CA GLU F 116 26.24 -34.50 16.61
C GLU F 116 27.32 -34.83 17.63
N ASN F 117 28.24 -35.71 17.26
CA ASN F 117 29.30 -36.08 18.19
C ASN F 117 30.22 -34.93 18.50
N MET F 118 30.53 -34.13 17.48
CA MET F 118 31.35 -32.94 17.64
C MET F 118 30.73 -31.90 18.60
N ARG F 119 29.39 -31.80 18.58
CA ARG F 119 28.67 -31.00 19.54
C ARG F 119 28.82 -31.56 20.94
N ARG F 120 28.57 -32.86 21.07
CA ARG F 120 28.64 -33.57 22.35
C ARG F 120 29.97 -33.43 23.05
N ASN F 121 31.08 -33.56 22.33
CA ASN F 121 32.39 -33.45 22.96
C ASN F 121 32.95 -32.02 22.95
N GLY F 122 32.09 -31.06 22.61
CA GLY F 122 32.45 -29.66 22.65
C GLY F 122 33.42 -29.14 21.59
N SER F 123 33.62 -29.88 20.50
CA SER F 123 34.38 -29.33 19.38
C SER F 123 33.59 -28.23 18.69
N LEU F 124 32.30 -28.48 18.46
CA LEU F 124 31.40 -27.46 17.98
C LEU F 124 30.73 -26.79 19.17
N GLU F 125 30.95 -25.49 19.34
CA GLU F 125 30.23 -24.73 20.36
C GLU F 125 28.77 -24.58 19.94
N GLN F 126 27.92 -24.19 20.88
CA GLN F 126 26.48 -24.12 20.63
C GLN F 126 26.09 -23.33 19.38
N GLY F 127 26.62 -22.12 19.27
CA GLY F 127 26.32 -21.25 18.13
C GLY F 127 26.73 -21.87 16.81
N MET F 128 27.86 -22.58 16.83
CA MET F 128 28.34 -23.25 15.64
C MET F 128 27.46 -24.41 15.24
N TYR F 129 27.12 -25.25 16.22
CA TYR F 129 26.21 -26.34 15.99
C TYR F 129 24.89 -25.80 15.46
N ASN F 130 24.34 -24.80 16.14
CA ASN F 130 23.06 -24.21 15.73
C ASN F 130 23.02 -23.71 14.29
N THR F 131 24.12 -23.10 13.84
CA THR F 131 24.25 -22.68 12.45
C THR F 131 24.23 -23.87 11.51
N LEU F 132 25.03 -24.88 11.79
CA LEU F 132 25.02 -26.08 10.96
C LEU F 132 23.61 -26.65 10.88
N GLU F 133 22.91 -26.73 12.02
CA GLU F 133 21.60 -27.33 12.05
C GLU F 133 20.58 -26.53 11.28
N GLU F 134 20.65 -25.20 11.38
CA GLU F 134 19.73 -24.32 10.65
C GLU F 134 19.85 -24.57 9.15
N TRP F 135 21.09 -24.76 8.70
CA TRP F 135 21.36 -25.12 7.31
C TRP F 135 20.73 -26.45 6.96
N TYR F 136 21.00 -27.49 7.73
CA TYR F 136 20.43 -28.80 7.43
C TYR F 136 18.92 -28.71 7.24
N LYS F 137 18.28 -27.92 8.10
CA LYS F 137 16.82 -27.75 8.03
C LYS F 137 16.44 -27.04 6.75
N PHE F 138 17.21 -26.04 6.36
CA PHE F 138 16.93 -25.36 5.11
C PHE F 138 17.24 -26.26 3.93
N ILE F 139 18.28 -27.08 4.07
CA ILE F 139 18.71 -27.95 3.00
C ILE F 139 17.63 -28.98 2.68
N GLU F 140 16.96 -29.53 3.70
CA GLU F 140 15.93 -30.52 3.39
C GLU F 140 14.69 -29.94 2.74
N GLU F 141 14.45 -28.66 2.97
CA GLU F 141 13.31 -28.01 2.34
C GLU F 141 13.61 -27.61 0.90
N SER F 142 14.87 -27.57 0.51
CA SER F 142 15.23 -26.94 -0.75
C SER F 142 16.04 -27.79 -1.73
N ILE F 143 16.76 -28.78 -1.20
CA ILE F 143 17.56 -29.64 -2.08
C ILE F 143 17.08 -31.08 -1.93
N HIS F 144 16.99 -31.79 -3.06
CA HIS F 144 16.50 -33.16 -3.05
C HIS F 144 17.62 -34.19 -2.81
N VAL F 145 17.54 -34.90 -1.70
CA VAL F 145 18.52 -35.94 -1.41
C VAL F 145 17.92 -37.34 -1.61
N GLN F 146 18.18 -37.91 -2.77
CA GLN F 146 17.69 -39.24 -3.14
C GLN F 146 18.37 -40.32 -2.31
N ALA F 147 17.57 -41.13 -1.62
CA ALA F 147 18.09 -42.23 -0.80
C ALA F 147 17.08 -43.38 -0.72
N ASP F 148 17.38 -44.50 -1.38
CA ASP F 148 16.43 -45.61 -1.45
C ASP F 148 16.80 -46.80 -0.58
N LEU F 149 18.07 -46.91 -0.23
CA LEU F 149 18.56 -48.02 0.57
C LEU F 149 19.87 -47.65 1.23
N ILE F 150 19.98 -47.93 2.52
CA ILE F 150 21.24 -47.78 3.22
C ILE F 150 21.81 -49.17 3.47
N ILE F 151 23.09 -49.36 3.18
CA ILE F 151 23.79 -50.56 3.60
C ILE F 151 24.66 -50.16 4.78
N TYR F 152 24.36 -50.74 5.93
CA TYR F 152 25.08 -50.43 7.15
C TYR F 152 26.15 -51.48 7.39
N LEU F 153 27.42 -51.09 7.24
CA LEU F 153 28.53 -51.98 7.58
C LEU F 153 28.74 -51.92 9.08
N ARG F 154 27.91 -52.70 9.79
CA ARG F 154 27.94 -52.75 11.25
C ARG F 154 29.15 -53.52 11.79
N THR F 155 29.81 -52.95 12.80
CA THR F 155 30.97 -53.58 13.44
C THR F 155 31.05 -53.19 14.89
N SER F 156 31.81 -53.94 15.66
CA SER F 156 32.16 -53.52 17.01
C SER F 156 33.31 -52.51 16.92
N PRO F 157 33.28 -51.47 17.76
CA PRO F 157 34.31 -50.44 17.77
C PRO F 157 35.74 -51.00 17.83
N GLU F 158 35.91 -52.13 18.53
CA GLU F 158 37.22 -52.74 18.72
C GLU F 158 37.79 -53.27 17.42
N VAL F 159 36.94 -53.97 16.66
CA VAL F 159 37.31 -54.51 15.35
C VAL F 159 37.64 -53.37 14.40
N ALA F 160 36.88 -52.28 14.50
CA ALA F 160 37.10 -51.09 13.69
C ALA F 160 38.47 -50.53 14.02
N TYR F 161 38.68 -50.24 15.31
CA TYR F 161 39.96 -49.79 15.81
C TYR F 161 41.14 -50.60 15.27
N GLU F 162 40.99 -51.93 15.31
CA GLU F 162 41.99 -52.86 14.81
C GLU F 162 42.30 -52.63 13.33
N ARG F 163 41.24 -52.55 12.51
CA ARG F 163 41.39 -52.35 11.07
C ARG F 163 42.19 -51.08 10.73
N ILE F 164 41.96 -50.01 11.50
CA ILE F 164 42.66 -48.74 11.27
C ILE F 164 44.16 -48.86 11.56
N ARG F 165 44.52 -49.64 12.57
CA ARG F 165 45.91 -49.83 12.96
C ARG F 165 46.75 -50.53 11.89
N GLN F 166 46.17 -51.49 11.18
CA GLN F 166 46.88 -52.24 10.14
C GLN F 166 47.23 -51.42 8.88
N ARG F 167 46.63 -50.24 8.71
CA ARG F 167 46.76 -49.44 7.49
C ARG F 167 47.80 -48.31 7.56
N SER F 173 46.05 -39.85 11.84
CA SER F 173 46.23 -41.24 11.45
C SER F 173 45.97 -42.19 12.64
N CYS F 174 45.99 -41.61 13.84
CA CYS F 174 45.56 -42.30 15.05
C CYS F 174 44.30 -41.63 15.63
N VAL F 175 43.22 -42.40 15.62
CA VAL F 175 41.99 -42.02 16.33
C VAL F 175 41.66 -42.93 17.52
N PRO F 176 41.47 -42.32 18.69
CA PRO F 176 41.16 -43.06 19.93
C PRO F 176 39.98 -44.03 19.82
N LEU F 177 40.01 -45.11 20.59
CA LEU F 177 38.92 -46.08 20.61
C LEU F 177 37.64 -45.45 21.15
N LYS F 178 37.79 -44.53 22.09
CA LYS F 178 36.66 -43.82 22.68
C LYS F 178 35.84 -43.08 21.61
N TYR F 179 36.53 -42.41 20.68
CA TYR F 179 35.90 -41.72 19.56
C TYR F 179 35.12 -42.70 18.69
N LEU F 180 35.74 -43.83 18.38
CA LEU F 180 35.11 -44.86 17.56
C LEU F 180 33.90 -45.45 18.24
N GLN F 181 33.95 -45.52 19.57
CA GLN F 181 32.84 -46.00 20.39
C GLN F 181 31.65 -45.05 20.27
N GLU F 182 31.92 -43.76 20.46
CA GLU F 182 30.92 -42.71 20.35
C GLU F 182 30.25 -42.71 18.97
N LEU F 183 31.08 -42.75 17.93
CA LEU F 183 30.58 -42.82 16.56
C LEU F 183 29.70 -44.05 16.33
N HIS F 184 30.18 -45.20 16.82
CA HIS F 184 29.44 -46.44 16.71
C HIS F 184 28.05 -46.30 17.34
N GLU F 185 28.00 -45.81 18.57
CA GLU F 185 26.74 -45.63 19.28
C GLU F 185 25.76 -44.75 18.50
N LEU F 186 26.30 -43.69 17.88
CA LEU F 186 25.49 -42.77 17.11
C LEU F 186 24.96 -43.39 15.83
N HIS F 187 25.80 -44.19 15.17
CA HIS F 187 25.39 -44.94 14.00
C HIS F 187 24.27 -45.92 14.37
N GLU F 188 24.43 -46.52 15.54
CA GLU F 188 23.45 -47.49 16.03
C GLU F 188 22.12 -46.82 16.35
N ASP F 189 22.16 -45.68 17.03
CA ASP F 189 20.97 -44.87 17.29
C ASP F 189 20.21 -44.58 16.01
N TRP F 190 20.95 -44.21 14.98
CA TRP F 190 20.37 -43.78 13.72
C TRP F 190 19.82 -44.97 12.93
N LEU F 191 20.64 -46.00 12.76
CA LEU F 191 20.34 -47.05 11.81
C LEU F 191 19.67 -48.32 12.37
N ILE F 192 19.79 -48.54 13.67
CA ILE F 192 19.18 -49.72 14.32
C ILE F 192 18.01 -49.34 15.23
N HIS F 193 18.30 -48.60 16.30
CA HIS F 193 17.30 -48.21 17.29
C HIS F 193 16.33 -47.14 16.75
N GLN F 194 16.61 -46.68 15.53
CA GLN F 194 15.78 -45.71 14.79
C GLN F 194 15.40 -44.45 15.57
N CYS F 200 14.15 -44.22 4.61
CA CYS F 200 14.38 -45.35 3.71
C CYS F 200 14.87 -46.61 4.44
N LYS F 201 14.83 -47.75 3.75
CA LYS F 201 15.16 -49.05 4.34
C LYS F 201 16.65 -49.25 4.61
N VAL F 202 16.98 -49.69 5.83
CA VAL F 202 18.35 -49.99 6.23
C VAL F 202 18.59 -51.48 6.09
N LEU F 203 19.75 -51.86 5.59
CA LEU F 203 20.08 -53.26 5.39
C LEU F 203 21.45 -53.54 6.03
N VAL F 204 21.45 -54.35 7.09
CA VAL F 204 22.62 -54.49 7.96
C VAL F 204 23.53 -55.66 7.61
N LEU F 205 24.82 -55.37 7.42
CA LEU F 205 25.80 -56.40 7.15
C LEU F 205 26.79 -56.53 8.31
N ASP F 206 27.19 -57.77 8.59
CA ASP F 206 28.20 -58.03 9.61
C ASP F 206 29.60 -58.09 8.98
N ALA F 207 30.41 -57.09 9.31
CA ALA F 207 31.69 -56.94 8.62
C ALA F 207 32.86 -56.88 9.59
N ASP F 208 33.17 -58.05 10.18
CA ASP F 208 34.29 -58.18 11.13
C ASP F 208 35.20 -59.36 10.79
N THR G 12 -5.99 -32.17 13.38
CA THR G 12 -7.08 -31.21 13.77
C THR G 12 -7.08 -30.87 15.27
N LYS G 13 -6.98 -29.57 15.57
CA LYS G 13 -6.68 -29.04 16.90
C LYS G 13 -7.83 -29.12 17.90
N TYR G 14 -7.49 -29.00 19.18
CA TYR G 14 -8.47 -28.95 20.26
C TYR G 14 -9.24 -27.63 20.19
N ALA G 15 -10.55 -27.71 20.41
CA ALA G 15 -11.44 -26.55 20.34
C ALA G 15 -11.61 -25.89 18.95
N GLU G 16 -11.21 -26.59 17.89
CA GLU G 16 -11.50 -26.15 16.51
C GLU G 16 -13.00 -25.96 16.31
N GLY G 17 -13.35 -24.92 15.56
CA GLY G 17 -14.73 -24.55 15.30
C GLY G 17 -15.67 -24.57 16.50
N THR G 18 -15.20 -24.17 17.68
CA THR G 18 -16.09 -24.08 18.85
C THR G 18 -16.16 -22.66 19.36
N GLN G 19 -15.56 -21.73 18.61
CA GLN G 19 -15.33 -20.39 19.10
C GLN G 19 -15.92 -19.33 18.17
N PRO G 20 -16.55 -18.30 18.73
CA PRO G 20 -17.13 -17.22 17.93
C PRO G 20 -16.07 -16.23 17.48
N PHE G 21 -16.47 -15.18 16.78
CA PHE G 21 -15.55 -14.08 16.45
C PHE G 21 -14.85 -13.64 17.73
N THR G 22 -13.51 -13.59 17.70
CA THR G 22 -12.77 -13.22 18.90
C THR G 22 -11.91 -11.97 18.74
N VAL G 23 -12.09 -11.03 19.67
CA VAL G 23 -11.31 -9.81 19.69
C VAL G 23 -10.36 -9.82 20.88
N LEU G 24 -9.09 -9.54 20.61
CA LEU G 24 -8.09 -9.48 21.67
C LEU G 24 -7.69 -8.03 21.98
N ILE G 25 -7.80 -7.64 23.24
CA ILE G 25 -7.39 -6.30 23.65
C ILE G 25 -5.93 -6.37 24.08
N GLU G 26 -5.05 -5.68 23.35
CA GLU G 26 -3.62 -5.69 23.66
C GLU G 26 -3.10 -4.30 24.00
N GLY G 27 -2.04 -4.24 24.78
CA GLY G 27 -1.47 -2.97 25.18
C GLY G 27 -0.52 -3.12 26.34
N ASN G 28 0.28 -2.07 26.57
CA ASN G 28 1.25 -2.03 27.67
C ASN G 28 0.54 -2.05 29.02
N ILE G 29 1.29 -2.32 30.08
CA ILE G 29 0.76 -2.16 31.42
C ILE G 29 0.39 -0.69 31.53
N GLY G 30 -0.81 -0.42 32.03
CA GLY G 30 -1.27 0.95 32.19
C GLY G 30 -1.69 1.62 30.90
N SER G 31 -2.10 0.86 29.89
CA SER G 31 -2.60 1.47 28.65
C SER G 31 -4.12 1.69 28.71
N GLY G 32 -4.70 1.38 29.87
CA GLY G 32 -6.12 1.59 30.10
C GLY G 32 -7.01 0.49 29.57
N LYS G 33 -6.51 -0.73 29.56
CA LYS G 33 -7.27 -1.89 29.10
C LYS G 33 -8.45 -2.19 30.02
N THR G 34 -8.21 -2.20 31.33
CA THR G 34 -9.27 -2.52 32.29
C THR G 34 -10.41 -1.52 32.23
N THR G 35 -10.04 -0.25 32.09
CA THR G 35 -11.02 0.82 31.91
C THR G 35 -11.78 0.63 30.59
N TYR G 36 -11.05 0.33 29.53
CA TYR G 36 -11.63 0.13 28.21
C TYR G 36 -12.65 -1.01 28.22
N LEU G 37 -12.31 -2.10 28.89
CA LEU G 37 -13.17 -3.28 28.91
C LEU G 37 -14.42 -3.13 29.76
N ASN G 38 -14.37 -2.24 30.75
CA ASN G 38 -15.54 -1.93 31.59
C ASN G 38 -16.67 -1.33 30.78
N HIS G 39 -16.34 -0.71 29.64
CA HIS G 39 -17.36 -0.14 28.76
C HIS G 39 -18.19 -1.22 28.12
N PHE G 40 -17.67 -2.46 28.11
CA PHE G 40 -18.37 -3.58 27.48
C PHE G 40 -19.23 -4.35 28.46
N GLU G 41 -19.08 -4.01 29.75
CA GLU G 41 -19.78 -4.67 30.85
C GLU G 41 -21.27 -4.85 30.62
N LYS G 42 -21.92 -3.82 30.10
CA LYS G 42 -23.36 -3.82 29.95
C LYS G 42 -23.86 -4.70 28.81
N TYR G 43 -22.99 -5.49 28.21
CA TYR G 43 -23.37 -6.37 27.11
C TYR G 43 -23.09 -7.83 27.41
N LYS G 44 -22.86 -8.13 28.69
CA LYS G 44 -22.56 -9.47 29.17
C LYS G 44 -23.46 -10.56 28.59
N ASN G 45 -24.74 -10.24 28.36
CA ASN G 45 -25.69 -11.21 27.81
C ASN G 45 -25.41 -11.54 26.37
N ASP G 46 -24.60 -10.71 25.72
CA ASP G 46 -24.40 -10.82 24.29
C ASP G 46 -22.96 -11.09 23.90
N ILE G 47 -22.06 -10.84 24.85
CA ILE G 47 -20.64 -10.87 24.58
C ILE G 47 -19.95 -11.65 25.68
N CYS G 48 -19.15 -12.65 25.27
CA CYS G 48 -18.30 -13.36 26.22
C CYS G 48 -17.09 -12.49 26.48
N LEU G 49 -16.93 -12.08 27.74
CA LEU G 49 -16.04 -11.01 28.07
C LEU G 49 -15.07 -11.42 29.16
N LEU G 50 -13.87 -11.84 28.74
CA LEU G 50 -12.89 -12.40 29.68
C LEU G 50 -11.75 -11.45 29.93
N THR G 51 -11.69 -10.93 31.16
CA THR G 51 -10.60 -10.05 31.57
C THR G 51 -9.34 -10.87 31.81
N GLU G 52 -8.19 -10.21 31.80
CA GLU G 52 -6.93 -10.86 32.13
C GLU G 52 -7.06 -11.63 33.44
N PRO G 53 -6.71 -12.91 33.47
CA PRO G 53 -6.89 -13.73 34.68
C PRO G 53 -5.82 -13.51 35.75
N VAL G 54 -5.76 -12.30 36.30
CA VAL G 54 -4.79 -11.97 37.34
C VAL G 54 -5.15 -12.68 38.64
N GLU G 55 -6.45 -12.76 38.92
CA GLU G 55 -6.95 -13.39 40.14
C GLU G 55 -6.42 -14.82 40.28
N LYS G 56 -6.41 -15.55 39.16
CA LYS G 56 -5.84 -16.89 39.10
C LYS G 56 -4.35 -16.89 39.43
N TRP G 57 -3.63 -15.90 38.90
CA TRP G 57 -2.18 -15.86 39.08
C TRP G 57 -1.80 -15.51 40.50
N ARG G 58 -2.69 -14.77 41.17
CA ARG G 58 -2.45 -14.28 42.51
C ARG G 58 -2.88 -15.32 43.55
N ASN G 59 -3.67 -16.30 43.12
CA ASN G 59 -4.15 -17.35 44.01
C ASN G 59 -4.17 -18.72 43.33
N VAL G 60 -3.01 -19.36 43.27
CA VAL G 60 -2.87 -20.72 42.73
C VAL G 60 -2.81 -21.67 43.93
N ASN G 61 -3.97 -22.21 44.31
CA ASN G 61 -4.13 -22.93 45.57
C ASN G 61 -3.44 -22.21 46.73
N GLY G 62 -3.68 -20.91 46.84
CA GLY G 62 -3.12 -20.13 47.92
C GLY G 62 -1.83 -19.40 47.59
N VAL G 63 -1.05 -19.96 46.68
CA VAL G 63 0.22 -19.35 46.26
C VAL G 63 -0.02 -18.17 45.32
N ASP G 64 0.71 -17.07 45.56
CA ASP G 64 0.64 -15.91 44.68
C ASP G 64 1.83 -15.90 43.75
N LEU G 65 1.64 -16.43 42.56
CA LEU G 65 2.73 -16.56 41.61
C LEU G 65 3.20 -15.20 41.12
N LEU G 66 2.26 -14.29 40.90
CA LEU G 66 2.60 -12.96 40.39
C LEU G 66 3.54 -12.24 41.35
N GLU G 67 3.23 -12.31 42.65
CA GLU G 67 4.05 -11.70 43.68
C GLU G 67 5.43 -12.33 43.75
N LEU G 68 5.47 -13.66 43.80
CA LEU G 68 6.72 -14.39 43.85
C LEU G 68 7.61 -14.08 42.64
N MET G 69 6.99 -13.67 41.54
CA MET G 69 7.72 -13.35 40.33
C MET G 69 8.40 -11.99 40.42
N TYR G 70 7.67 -10.98 40.90
CA TYR G 70 8.23 -9.65 41.09
C TYR G 70 9.25 -9.64 42.24
N LYS G 71 9.03 -10.49 43.24
CA LYS G 71 9.95 -10.66 44.37
C LYS G 71 11.28 -11.31 43.98
N ASP G 72 11.25 -12.34 43.12
CA ASP G 72 12.44 -13.14 42.81
C ASP G 72 12.32 -13.75 41.40
N PRO G 73 12.58 -12.93 40.38
CA PRO G 73 12.32 -13.32 38.98
C PRO G 73 13.14 -14.52 38.51
N LYS G 74 14.42 -14.60 38.88
CA LYS G 74 15.28 -15.67 38.38
C LYS G 74 14.71 -17.06 38.70
N LYS G 75 13.91 -17.12 39.76
CA LYS G 75 13.37 -18.38 40.27
C LYS G 75 11.93 -18.62 39.85
N TRP G 76 11.10 -17.58 39.89
CA TRP G 76 9.66 -17.73 39.70
C TRP G 76 9.12 -17.30 38.35
N ALA G 77 9.94 -16.67 37.51
CA ALA G 77 9.47 -16.25 36.19
C ALA G 77 9.01 -17.42 35.35
N MET G 78 9.80 -18.48 35.35
CA MET G 78 9.54 -19.70 34.60
C MET G 78 8.17 -20.35 34.93
N PRO G 79 7.94 -20.72 36.20
CA PRO G 79 6.61 -21.24 36.56
C PRO G 79 5.50 -20.21 36.38
N PHE G 80 5.74 -18.96 36.75
CA PHE G 80 4.71 -17.94 36.60
C PHE G 80 4.26 -17.81 35.14
N GLN G 81 5.20 -17.58 34.22
CA GLN G 81 4.88 -17.45 32.80
C GLN G 81 4.24 -18.72 32.26
N SER G 82 4.78 -19.87 32.66
CA SER G 82 4.16 -21.16 32.34
C SER G 82 2.69 -21.18 32.76
N TYR G 83 2.43 -20.73 33.98
CA TYR G 83 1.06 -20.66 34.45
C TYR G 83 0.21 -19.65 33.67
N VAL G 84 0.79 -18.50 33.34
CA VAL G 84 0.10 -17.51 32.51
C VAL G 84 -0.34 -18.16 31.20
N THR G 85 0.60 -18.83 30.54
CA THR G 85 0.29 -19.54 29.30
C THR G 85 -0.93 -20.44 29.48
N LEU G 86 -0.95 -21.20 30.57
CA LEU G 86 -2.06 -22.09 30.81
C LEU G 86 -3.40 -21.34 30.93
N THR G 87 -3.44 -20.30 31.77
CA THR G 87 -4.67 -19.55 31.99
C THR G 87 -5.16 -18.91 30.70
N MET G 88 -4.22 -18.48 29.87
CA MET G 88 -4.56 -17.93 28.58
C MET G 88 -5.29 -18.96 27.75
N LEU G 89 -4.69 -20.15 27.63
CA LEU G 89 -5.31 -21.28 26.90
C LEU G 89 -6.69 -21.61 27.47
N GLN G 90 -6.81 -21.53 28.79
CA GLN G 90 -8.09 -21.74 29.43
C GLN G 90 -9.15 -20.77 28.93
N SER G 91 -8.79 -19.50 28.77
CA SER G 91 -9.68 -18.47 28.23
C SER G 91 -9.93 -18.68 26.73
N HIS G 92 -8.85 -18.93 25.99
CA HIS G 92 -8.90 -19.06 24.55
C HIS G 92 -9.81 -20.20 24.10
N THR G 93 -10.00 -21.20 24.95
CA THR G 93 -10.74 -22.41 24.56
C THR G 93 -12.03 -22.58 25.32
N ALA G 94 -12.19 -21.82 26.41
CA ALA G 94 -13.42 -21.83 27.19
C ALA G 94 -14.62 -21.76 26.25
N PRO G 95 -15.57 -22.66 26.44
CA PRO G 95 -16.71 -22.78 25.53
C PRO G 95 -17.68 -21.62 25.77
N THR G 96 -18.37 -21.17 24.74
CA THR G 96 -19.39 -20.14 24.91
C THR G 96 -20.45 -20.13 23.82
N ASN G 97 -21.65 -19.72 24.24
CA ASN G 97 -22.77 -19.64 23.33
C ASN G 97 -22.91 -18.30 22.62
N LYS G 98 -22.30 -17.27 23.20
CA LYS G 98 -22.32 -15.91 22.62
C LYS G 98 -21.70 -15.85 21.22
N LYS G 99 -22.04 -14.79 20.47
CA LYS G 99 -21.57 -14.66 19.09
C LYS G 99 -20.31 -13.80 18.95
N LEU G 100 -19.86 -13.21 20.05
CA LEU G 100 -18.63 -12.45 20.09
C LEU G 100 -17.89 -12.66 21.40
N LYS G 101 -16.57 -12.81 21.31
CA LYS G 101 -15.73 -13.01 22.49
C LYS G 101 -14.62 -11.95 22.51
N ILE G 102 -14.45 -11.31 23.67
CA ILE G 102 -13.43 -10.30 23.85
C ILE G 102 -12.53 -10.70 25.00
N MET G 103 -11.24 -10.80 24.72
CA MET G 103 -10.24 -11.21 25.70
C MET G 103 -9.25 -10.10 25.96
N GLU G 104 -9.00 -9.81 27.23
CA GLU G 104 -7.94 -8.90 27.57
C GLU G 104 -6.63 -9.64 27.58
N ARG G 105 -5.70 -9.20 26.73
CA ARG G 105 -4.41 -9.89 26.53
C ARG G 105 -4.61 -11.30 25.97
N SER G 106 -3.53 -12.04 25.76
CA SER G 106 -3.63 -13.32 25.06
C SER G 106 -2.38 -14.14 25.24
N ILE G 107 -2.43 -15.39 24.79
CA ILE G 107 -1.23 -16.20 24.73
C ILE G 107 -0.11 -15.50 23.94
N PHE G 108 -0.51 -14.70 22.93
CA PHE G 108 0.46 -14.00 22.09
C PHE G 108 1.24 -12.91 22.82
N SER G 109 0.56 -12.00 23.53
CA SER G 109 1.27 -10.99 24.30
C SER G 109 2.19 -11.64 25.35
N ALA G 110 1.72 -12.73 25.94
CA ALA G 110 2.51 -13.45 26.92
C ALA G 110 3.81 -13.91 26.29
N ARG G 111 3.70 -14.51 25.10
CA ARG G 111 4.86 -15.07 24.44
C ARG G 111 5.78 -14.01 23.86
N TYR G 112 5.21 -13.15 23.01
CA TYR G 112 5.98 -12.23 22.19
C TYR G 112 6.49 -11.01 22.94
N CYS G 113 5.84 -10.65 24.05
CA CYS G 113 6.25 -9.48 24.80
C CYS G 113 6.82 -9.87 26.15
N PHE G 114 6.00 -10.45 27.00
CA PHE G 114 6.43 -10.72 28.36
C PHE G 114 7.54 -11.78 28.43
N VAL G 115 7.32 -12.96 27.87
CA VAL G 115 8.35 -13.99 27.93
C VAL G 115 9.64 -13.49 27.27
N GLU G 116 9.49 -12.92 26.07
CA GLU G 116 10.65 -12.40 25.33
C GLU G 116 11.44 -11.39 26.15
N ASN G 117 10.75 -10.45 26.77
CA ASN G 117 11.43 -9.45 27.57
C ASN G 117 12.13 -10.05 28.77
N MET G 118 11.47 -11.01 29.42
CA MET G 118 12.06 -11.72 30.54
C MET G 118 13.34 -12.49 30.18
N ARG G 119 13.39 -13.02 28.95
CA ARG G 119 14.60 -13.62 28.42
C ARG G 119 15.69 -12.58 28.26
N ARG G 120 15.33 -11.47 27.60
CA ARG G 120 16.25 -10.37 27.31
C ARG G 120 16.93 -9.80 28.56
N ASN G 121 16.17 -9.59 29.63
CA ASN G 121 16.77 -9.03 30.85
C ASN G 121 17.27 -10.10 31.82
N GLY G 122 17.35 -11.34 31.33
CA GLY G 122 17.89 -12.45 32.11
C GLY G 122 17.08 -12.96 33.29
N SER G 123 15.79 -12.63 33.36
CA SER G 123 14.93 -13.26 34.36
C SER G 123 14.72 -14.74 34.02
N LEU G 124 14.44 -15.02 32.76
CA LEU G 124 14.41 -16.39 32.26
C LEU G 124 15.78 -16.76 31.72
N GLU G 125 16.41 -17.76 32.31
CA GLU G 125 17.65 -18.30 31.77
C GLU G 125 17.35 -19.04 30.48
N GLN G 126 18.39 -19.33 29.70
CA GLN G 126 18.25 -19.95 28.39
C GLN G 126 17.37 -21.22 28.39
N GLY G 127 17.71 -22.15 29.28
CA GLY G 127 16.99 -23.41 29.38
C GLY G 127 15.52 -23.21 29.71
N MET G 128 15.24 -22.22 30.55
CA MET G 128 13.87 -21.90 30.92
C MET G 128 13.09 -21.31 29.76
N TYR G 129 13.70 -20.34 29.10
CA TYR G 129 13.11 -19.76 27.91
C TYR G 129 12.85 -20.86 26.87
N ASN G 130 13.86 -21.67 26.60
CA ASN G 130 13.73 -22.75 25.62
C ASN G 130 12.58 -23.72 25.88
N THR G 131 12.37 -24.05 27.15
CA THR G 131 11.24 -24.88 27.55
C THR G 131 9.92 -24.18 27.25
N LEU G 132 9.78 -22.93 27.68
CA LEU G 132 8.57 -22.19 27.36
C LEU G 132 8.31 -22.18 25.85
N GLU G 133 9.35 -21.92 25.07
CA GLU G 133 9.19 -21.82 23.63
C GLU G 133 8.80 -23.15 23.00
N GLU G 134 9.39 -24.24 23.47
CA GLU G 134 9.06 -25.57 22.94
C GLU G 134 7.57 -25.86 23.12
N TRP G 135 7.06 -25.45 24.29
CA TRP G 135 5.64 -25.54 24.58
C TRP G 135 4.81 -24.71 23.59
N TYR G 136 5.15 -23.43 23.44
CA TYR G 136 4.39 -22.57 22.53
C TYR G 136 4.28 -23.22 21.16
N LYS G 137 5.39 -23.82 20.70
CA LYS G 137 5.42 -24.46 19.39
C LYS G 137 4.51 -25.66 19.37
N PHE G 138 4.51 -26.43 20.46
CA PHE G 138 3.60 -27.57 20.53
C PHE G 138 2.17 -27.09 20.66
N ILE G 139 1.97 -25.99 21.38
CA ILE G 139 0.63 -25.47 21.62
C ILE G 139 -0.01 -25.05 20.30
N GLU G 140 0.75 -24.42 19.40
CA GLU G 140 0.13 -23.98 18.15
C GLU G 140 -0.24 -25.13 17.22
N GLU G 141 0.45 -26.26 17.37
CA GLU G 141 0.13 -27.42 16.56
C GLU G 141 -1.06 -28.20 17.10
N SER G 142 -1.44 -27.96 18.35
CA SER G 142 -2.38 -28.84 19.02
C SER G 142 -3.62 -28.19 19.62
N ILE G 143 -3.53 -26.91 19.94
CA ILE G 143 -4.68 -26.20 20.50
C ILE G 143 -5.07 -25.05 19.59
N HIS G 144 -6.37 -24.87 19.41
CA HIS G 144 -6.86 -23.82 18.51
C HIS G 144 -7.05 -22.47 19.22
N VAL G 145 -6.28 -21.47 18.81
CA VAL G 145 -6.42 -20.14 19.39
C VAL G 145 -7.11 -19.19 18.40
N GLN G 146 -8.41 -19.01 18.59
CA GLN G 146 -9.23 -18.15 17.74
C GLN G 146 -8.88 -16.68 17.97
N ALA G 147 -8.53 -15.99 16.89
CA ALA G 147 -8.19 -14.57 16.94
C ALA G 147 -8.51 -13.86 15.63
N ASP G 148 -9.55 -13.02 15.62
CA ASP G 148 -10.01 -12.38 14.40
C ASP G 148 -9.65 -10.90 14.29
N LEU G 149 -9.39 -10.27 15.43
CA LEU G 149 -9.07 -8.85 15.46
C LEU G 149 -8.36 -8.51 16.75
N ILE G 150 -7.26 -7.77 16.63
CA ILE G 150 -6.59 -7.24 17.80
C ILE G 150 -6.89 -5.75 17.88
N ILE G 151 -7.27 -5.27 19.07
CA ILE G 151 -7.34 -3.84 19.30
C ILE G 151 -6.12 -3.47 20.14
N TYR G 152 -5.26 -2.65 19.57
CA TYR G 152 -4.03 -2.25 20.21
C TYR G 152 -4.22 -0.89 20.88
N LEU G 153 -4.24 -0.87 22.20
CA LEU G 153 -4.30 0.39 22.94
C LEU G 153 -2.89 0.94 23.01
N ARG G 154 -2.50 1.60 21.92
CA ARG G 154 -1.17 2.18 21.79
C ARG G 154 -0.99 3.44 22.63
N THR G 155 0.16 3.53 23.33
CA THR G 155 0.47 4.68 24.17
C THR G 155 1.97 4.89 24.21
N SER G 156 2.39 6.08 24.63
CA SER G 156 3.79 6.30 24.95
C SER G 156 4.05 5.77 26.36
N PRO G 157 5.22 5.15 26.57
CA PRO G 157 5.58 4.59 27.88
C PRO G 157 5.40 5.57 29.04
N GLU G 158 5.61 6.86 28.78
CA GLU G 158 5.54 7.89 29.82
C GLU G 158 4.11 8.07 30.32
N VAL G 159 3.17 8.13 29.38
CA VAL G 159 1.75 8.25 29.68
C VAL G 159 1.28 7.02 30.45
N ALA G 160 1.80 5.85 30.04
CA ALA G 160 1.49 4.60 30.71
C ALA G 160 1.97 4.68 32.14
N TYR G 161 3.27 4.96 32.31
CA TYR G 161 3.87 5.15 33.62
C TYR G 161 3.03 6.06 34.52
N GLU G 162 2.58 7.19 33.96
CA GLU G 162 1.74 8.15 34.68
C GLU G 162 0.46 7.50 35.17
N ARG G 163 -0.25 6.80 34.29
CA ARG G 163 -1.51 6.17 34.65
C ARG G 163 -1.38 5.19 35.82
N ILE G 164 -0.27 4.45 35.87
CA ILE G 164 -0.01 3.49 36.93
C ILE G 164 0.16 4.19 38.29
N ARG G 165 0.80 5.35 38.28
CA ARG G 165 1.06 6.11 39.51
C ARG G 165 -0.22 6.60 40.18
N GLN G 166 -1.22 7.00 39.40
CA GLN G 166 -2.48 7.52 39.94
C GLN G 166 -3.35 6.46 40.66
N ARG G 167 -3.05 5.17 40.47
CA ARG G 167 -3.90 4.10 40.99
C ARG G 167 -3.43 3.45 42.30
N VAL G 175 6.38 -0.30 39.02
CA VAL G 175 7.18 -0.78 37.89
C VAL G 175 7.97 0.33 37.19
N PRO G 176 9.29 0.16 37.07
CA PRO G 176 10.17 1.13 36.43
C PRO G 176 9.73 1.56 35.03
N LEU G 177 10.05 2.80 34.64
CA LEU G 177 9.72 3.30 33.31
C LEU G 177 10.49 2.53 32.23
N LYS G 178 11.71 2.11 32.58
CA LYS G 178 12.54 1.32 31.67
C LYS G 178 11.86 0.03 31.23
N TYR G 179 11.21 -0.66 32.19
CA TYR G 179 10.45 -1.88 31.92
C TYR G 179 9.31 -1.57 30.95
N LEU G 180 8.57 -0.51 31.23
CA LEU G 180 7.45 -0.11 30.40
C LEU G 180 7.89 0.27 29.00
N GLN G 181 9.10 0.81 28.89
CA GLN G 181 9.70 1.17 27.60
C GLN G 181 9.97 -0.10 26.78
N GLU G 182 10.62 -1.06 27.43
CA GLU G 182 10.94 -2.35 26.83
C GLU G 182 9.68 -3.05 26.33
N LEU G 183 8.68 -3.14 27.20
CA LEU G 183 7.39 -3.73 26.85
C LEU G 183 6.75 -3.03 25.66
N HIS G 184 6.76 -1.69 25.70
CA HIS G 184 6.21 -0.88 24.62
C HIS G 184 6.88 -1.23 23.29
N GLU G 185 8.21 -1.23 23.28
CA GLU G 185 8.97 -1.55 22.07
C GLU G 185 8.60 -2.91 21.50
N LEU G 186 8.40 -3.88 22.39
CA LEU G 186 8.05 -5.24 22.00
C LEU G 186 6.64 -5.33 21.43
N HIS G 187 5.71 -4.59 22.05
CA HIS G 187 4.36 -4.50 21.52
C HIS G 187 4.37 -3.86 20.15
N GLU G 188 5.23 -2.86 19.98
CA GLU G 188 5.34 -2.16 18.70
C GLU G 188 5.92 -3.06 17.61
N ASP G 189 6.98 -3.80 17.95
CA ASP G 189 7.55 -4.80 17.04
C ASP G 189 6.49 -5.77 16.55
N TRP G 190 5.66 -6.24 17.48
CA TRP G 190 4.65 -7.25 17.19
C TRP G 190 3.49 -6.67 16.38
N LEU G 191 2.94 -5.56 16.85
CA LEU G 191 1.66 -5.07 16.33
C LEU G 191 1.73 -3.99 15.24
N ILE G 192 2.86 -3.28 15.16
CA ILE G 192 3.03 -2.22 14.16
C ILE G 192 4.03 -2.60 13.06
N HIS G 193 5.30 -2.77 13.46
CA HIS G 193 6.40 -3.09 12.54
C HIS G 193 6.32 -4.53 12.02
N GLN G 194 5.34 -5.29 12.54
CA GLN G 194 5.05 -6.67 12.13
C GLN G 194 6.25 -7.61 12.08
N ARG G 195 7.17 -7.45 13.03
CA ARG G 195 8.39 -8.27 13.08
C ARG G 195 8.09 -9.71 13.53
N ARG G 196 6.95 -9.91 14.18
CA ARG G 196 6.55 -11.26 14.59
C ARG G 196 5.36 -11.80 13.78
N PRO G 197 5.45 -13.08 13.38
CA PRO G 197 4.37 -13.78 12.65
C PRO G 197 3.13 -14.06 13.51
N GLN G 198 2.19 -13.11 13.52
CA GLN G 198 0.85 -13.24 14.13
C GLN G 198 -0.13 -12.26 13.43
N SER G 199 -0.79 -12.75 12.37
CA SER G 199 -1.45 -11.85 11.43
C SER G 199 -2.93 -12.13 11.06
N CYS G 200 -3.80 -12.15 12.07
CA CYS G 200 -5.07 -11.43 12.02
C CYS G 200 -4.88 -9.90 12.03
N LYS G 201 -5.94 -9.16 11.70
CA LYS G 201 -5.87 -7.70 11.55
C LYS G 201 -5.73 -6.94 12.87
N VAL G 202 -4.78 -6.02 12.92
CA VAL G 202 -4.56 -5.16 14.08
C VAL G 202 -5.25 -3.83 13.85
N LEU G 203 -5.89 -3.30 14.88
CA LEU G 203 -6.59 -2.03 14.78
C LEU G 203 -6.14 -1.13 15.92
N VAL G 204 -5.46 -0.03 15.56
CA VAL G 204 -4.72 0.78 16.53
C VAL G 204 -5.52 1.98 17.08
N LEU G 205 -5.61 2.08 18.40
CA LEU G 205 -6.27 3.22 19.03
C LEU G 205 -5.27 4.06 19.81
N ASP G 206 -5.48 5.38 19.78
CA ASP G 206 -4.66 6.29 20.54
C ASP G 206 -5.29 6.59 21.91
N ALA G 207 -4.59 6.25 22.99
CA ALA G 207 -5.00 6.73 24.31
C ALA G 207 -4.24 8.00 24.66
N THR H 12 -14.35 -32.48 23.18
CA THR H 12 -13.59 -33.60 22.52
C THR H 12 -12.08 -33.29 22.33
N LYS H 13 -11.24 -34.16 22.88
CA LYS H 13 -9.80 -33.92 23.06
C LYS H 13 -8.96 -34.01 21.80
N TYR H 14 -7.75 -33.44 21.88
CA TYR H 14 -6.79 -33.51 20.79
C TYR H 14 -6.29 -34.95 20.65
N ALA H 15 -6.14 -35.39 19.40
CA ALA H 15 -5.69 -36.76 19.09
C ALA H 15 -6.65 -37.90 19.51
N GLU H 16 -7.91 -37.57 19.80
CA GLU H 16 -8.94 -38.59 20.01
C GLU H 16 -9.06 -39.50 18.80
N GLY H 17 -9.28 -40.79 19.08
CA GLY H 17 -9.36 -41.81 18.05
C GLY H 17 -8.32 -41.75 16.95
N THR H 18 -7.08 -41.40 17.27
CA THR H 18 -6.01 -41.41 16.26
C THR H 18 -4.93 -42.40 16.66
N GLN H 19 -5.16 -43.15 17.72
CA GLN H 19 -4.12 -43.94 18.36
C GLN H 19 -4.50 -45.41 18.47
N PRO H 20 -3.56 -46.31 18.20
CA PRO H 20 -3.79 -47.75 18.28
C PRO H 20 -3.75 -48.24 19.73
N PHE H 21 -3.91 -49.53 19.94
CA PHE H 21 -3.70 -50.13 21.27
C PHE H 21 -2.35 -49.65 21.80
N THR H 22 -2.33 -49.10 23.00
CA THR H 22 -1.08 -48.58 23.56
C THR H 22 -0.66 -49.26 24.86
N VAL H 23 0.60 -49.74 24.88
CA VAL H 23 1.17 -50.35 26.06
C VAL H 23 2.24 -49.45 26.65
N LEU H 24 2.15 -49.20 27.95
CA LEU H 24 3.14 -48.37 28.64
C LEU H 24 4.06 -49.24 29.50
N ILE H 25 5.37 -49.11 29.29
CA ILE H 25 6.33 -49.84 30.11
C ILE H 25 6.72 -48.95 31.29
N GLU H 26 6.39 -49.38 32.50
CA GLU H 26 6.67 -48.61 33.70
C GLU H 26 7.60 -49.36 34.65
N GLY H 27 8.36 -48.62 35.45
CA GLY H 27 9.28 -49.22 36.38
C GLY H 27 10.26 -48.21 36.93
N ASN H 28 10.95 -48.59 38.01
CA ASN H 28 11.97 -47.76 38.65
C ASN H 28 13.16 -47.54 37.72
N ILE H 29 14.00 -46.56 38.06
CA ILE H 29 15.27 -46.42 37.36
C ILE H 29 16.00 -47.72 37.60
N GLY H 30 16.57 -48.28 36.53
CA GLY H 30 17.30 -49.53 36.63
C GLY H 30 16.44 -50.76 36.81
N SER H 31 15.19 -50.73 36.35
CA SER H 31 14.34 -51.93 36.41
C SER H 31 14.48 -52.77 35.13
N GLY H 32 15.37 -52.35 34.24
CA GLY H 32 15.65 -53.07 33.02
C GLY H 32 14.66 -52.79 31.90
N LYS H 33 14.12 -51.58 31.86
CA LYS H 33 13.19 -51.19 30.82
C LYS H 33 13.84 -51.12 29.44
N THR H 34 15.03 -50.50 29.36
CA THR H 34 15.73 -50.34 28.09
C THR H 34 16.10 -51.69 27.50
N THR H 35 16.55 -52.60 28.36
CA THR H 35 16.83 -53.97 27.96
C THR H 35 15.57 -54.68 27.49
N TYR H 36 14.48 -54.51 28.25
CA TYR H 36 13.21 -55.15 27.92
C TYR H 36 12.70 -54.68 26.58
N LEU H 37 12.82 -53.40 26.29
CA LEU H 37 12.30 -52.84 25.05
C LEU H 37 13.10 -53.19 23.81
N ASN H 38 14.39 -53.50 23.99
CA ASN H 38 15.25 -53.95 22.90
C ASN H 38 14.78 -55.27 22.31
N HIS H 39 14.04 -56.04 23.10
CA HIS H 39 13.50 -57.31 22.61
C HIS H 39 12.42 -57.08 21.56
N PHE H 40 11.87 -55.86 21.53
CA PHE H 40 10.80 -55.52 20.60
C PHE H 40 11.33 -54.91 19.32
N GLU H 41 12.63 -54.60 19.31
CA GLU H 41 13.32 -53.97 18.19
C GLU H 41 13.01 -54.59 16.83
N LYS H 42 12.99 -55.92 16.79
CA LYS H 42 12.83 -56.63 15.53
C LYS H 42 11.41 -56.60 14.97
N TYR H 43 10.53 -55.80 15.57
CA TYR H 43 9.16 -55.70 15.10
C TYR H 43 8.77 -54.28 14.70
N LYS H 44 9.79 -53.45 14.51
CA LYS H 44 9.63 -52.04 14.15
C LYS H 44 8.60 -51.82 13.03
N ASN H 45 8.53 -52.74 12.06
CA ASN H 45 7.60 -52.60 10.95
C ASN H 45 6.15 -52.77 11.37
N ASP H 46 5.96 -53.32 12.57
CA ASP H 46 4.62 -53.71 13.01
C ASP H 46 4.19 -52.98 14.27
N ILE H 47 5.16 -52.41 14.96
CA ILE H 47 4.93 -51.84 16.27
C ILE H 47 5.57 -50.46 16.34
N CYS H 48 4.79 -49.47 16.74
CA CYS H 48 5.33 -48.14 17.01
C CYS H 48 5.97 -48.18 18.38
N LEU H 49 7.27 -47.95 18.42
CA LEU H 49 8.07 -48.27 19.58
C LEU H 49 8.87 -47.08 20.03
N LEU H 50 8.33 -46.36 21.01
CA LEU H 50 8.94 -45.11 21.46
C LEU H 50 9.60 -45.25 22.81
N THR H 51 10.93 -45.17 22.81
CA THR H 51 11.71 -45.20 24.05
C THR H 51 11.58 -43.89 24.78
N GLU H 52 11.88 -43.89 26.07
CA GLU H 52 11.91 -42.67 26.87
C GLU H 52 12.74 -41.62 26.15
N PRO H 53 12.20 -40.41 25.95
CA PRO H 53 12.92 -39.36 25.20
C PRO H 53 14.00 -38.64 26.01
N VAL H 54 15.03 -39.37 26.44
CA VAL H 54 16.11 -38.78 27.21
C VAL H 54 16.96 -37.87 26.32
N GLU H 55 17.15 -38.28 25.06
CA GLU H 55 17.95 -37.53 24.10
C GLU H 55 17.45 -36.09 23.99
N LYS H 56 16.13 -35.94 23.94
CA LYS H 56 15.49 -34.63 23.92
C LYS H 56 15.82 -33.84 25.17
N TRP H 57 15.79 -34.49 26.33
CA TRP H 57 15.99 -33.80 27.60
C TRP H 57 17.43 -33.35 27.77
N ARG H 58 18.33 -34.09 27.13
CA ARG H 58 19.76 -33.84 27.26
C ARG H 58 20.22 -32.81 26.22
N ASN H 59 19.39 -32.55 25.22
CA ASN H 59 19.71 -31.59 24.17
C ASN H 59 18.49 -30.75 23.76
N VAL H 60 18.17 -29.74 24.56
CA VAL H 60 17.09 -28.80 24.25
C VAL H 60 17.74 -27.55 23.67
N ASN H 61 17.82 -27.49 22.33
CA ASN H 61 18.63 -26.50 21.64
C ASN H 61 20.00 -26.31 22.28
N GLY H 62 20.67 -27.42 22.56
CA GLY H 62 21.99 -27.37 23.15
C GLY H 62 22.04 -27.50 24.65
N VAL H 63 20.99 -27.04 25.33
CA VAL H 63 20.91 -27.11 26.79
C VAL H 63 20.59 -28.54 27.25
N ASP H 64 21.30 -28.99 28.28
CA ASP H 64 21.03 -30.29 28.89
C ASP H 64 20.22 -30.12 30.15
N LEU H 65 18.91 -30.25 30.02
CA LEU H 65 18.02 -30.02 31.15
C LEU H 65 18.19 -31.08 32.21
N LEU H 66 18.38 -32.32 31.79
CA LEU H 66 18.53 -33.43 32.73
C LEU H 66 19.72 -33.21 33.65
N GLU H 67 20.84 -32.79 33.07
CA GLU H 67 22.06 -32.50 33.82
C GLU H 67 21.85 -31.34 34.79
N LEU H 68 21.32 -30.24 34.28
CA LEU H 68 21.05 -29.06 35.10
C LEU H 68 20.13 -29.38 36.26
N MET H 69 19.31 -30.42 36.11
CA MET H 69 18.37 -30.81 37.15
C MET H 69 19.08 -31.56 38.29
N TYR H 70 19.94 -32.52 37.92
CA TYR H 70 20.72 -33.25 38.93
C TYR H 70 21.77 -32.35 39.59
N LYS H 71 22.28 -31.37 38.83
CA LYS H 71 23.23 -30.39 39.36
C LYS H 71 22.61 -29.40 40.36
N ASP H 72 21.39 -28.94 40.09
CA ASP H 72 20.77 -27.88 40.90
C ASP H 72 19.23 -28.00 40.86
N PRO H 73 18.68 -28.92 41.64
CA PRO H 73 17.26 -29.27 41.54
C PRO H 73 16.32 -28.12 41.90
N LYS H 74 16.64 -27.34 42.93
CA LYS H 74 15.72 -26.28 43.37
C LYS H 74 15.39 -25.30 42.24
N LYS H 75 16.29 -25.20 41.28
CA LYS H 75 16.18 -24.24 40.18
C LYS H 75 15.68 -24.87 38.88
N TRP H 76 16.16 -26.07 38.56
CA TRP H 76 15.90 -26.67 37.26
C TRP H 76 14.87 -27.80 37.24
N ALA H 77 14.42 -28.25 38.40
CA ALA H 77 13.42 -29.32 38.44
C ALA H 77 12.13 -28.90 37.73
N MET H 78 11.67 -27.70 38.01
CA MET H 78 10.45 -27.15 37.44
C MET H 78 10.44 -27.11 35.90
N PRO H 79 11.40 -26.44 35.27
CA PRO H 79 11.47 -26.48 33.80
C PRO H 79 11.76 -27.87 33.27
N PHE H 80 12.64 -28.63 33.91
CA PHE H 80 12.95 -29.96 33.43
C PHE H 80 11.70 -30.84 33.39
N GLN H 81 11.00 -30.96 34.52
CA GLN H 81 9.78 -31.75 34.59
C GLN H 81 8.71 -31.25 33.63
N SER H 82 8.55 -29.91 33.55
CA SER H 82 7.69 -29.29 32.56
C SER H 82 8.03 -29.78 31.16
N TYR H 83 9.33 -29.79 30.84
CA TYR H 83 9.77 -30.29 29.55
C TYR H 83 9.50 -31.78 29.37
N VAL H 84 9.72 -32.58 30.41
CA VAL H 84 9.41 -33.99 30.38
C VAL H 84 7.94 -34.19 30.01
N THR H 85 7.06 -33.48 30.71
CA THR H 85 5.64 -33.54 30.42
C THR H 85 5.38 -33.31 28.94
N LEU H 86 6.01 -32.28 28.39
CA LEU H 86 5.82 -31.97 26.97
C LEU H 86 6.24 -33.14 26.07
N THR H 87 7.44 -33.65 26.26
CA THR H 87 7.95 -34.73 25.41
C THR H 87 7.08 -35.97 25.51
N MET H 88 6.55 -36.22 26.71
CA MET H 88 5.63 -37.33 26.91
C MET H 88 4.41 -37.14 26.02
N LEU H 89 3.78 -35.96 26.10
CA LEU H 89 2.63 -35.63 25.25
C LEU H 89 2.97 -35.77 23.78
N GLN H 90 4.19 -35.39 23.42
CA GLN H 90 4.64 -35.53 22.04
C GLN H 90 4.60 -36.99 21.60
N SER H 91 5.03 -37.90 22.47
CA SER H 91 4.97 -39.35 22.20
C SER H 91 3.55 -39.88 22.23
N HIS H 92 2.80 -39.48 23.24
CA HIS H 92 1.44 -39.95 23.44
C HIS H 92 0.52 -39.64 22.28
N THR H 93 0.83 -38.58 21.52
CA THR H 93 -0.07 -38.10 20.47
C THR H 93 0.52 -38.26 19.09
N ALA H 94 1.84 -38.51 19.02
CA ALA H 94 2.51 -38.76 17.75
C ALA H 94 1.68 -39.73 16.91
N PRO H 95 1.43 -39.36 15.66
CA PRO H 95 0.54 -40.15 14.80
C PRO H 95 1.26 -41.41 14.34
N THR H 96 0.51 -42.49 14.13
CA THR H 96 1.12 -43.71 13.59
C THR H 96 0.14 -44.64 12.90
N ASN H 97 0.67 -45.34 11.90
CA ASN H 97 -0.13 -46.27 11.13
C ASN H 97 -0.16 -47.69 11.70
N LYS H 98 0.82 -48.01 12.53
CA LYS H 98 0.91 -49.33 13.18
C LYS H 98 -0.32 -49.64 14.06
N LYS H 99 -0.52 -50.93 14.34
CA LYS H 99 -1.69 -51.36 15.11
C LYS H 99 -1.41 -51.53 16.60
N LEU H 100 -0.15 -51.37 17.00
CA LEU H 100 0.23 -51.42 18.40
C LEU H 100 1.33 -50.40 18.68
N LYS H 101 1.21 -49.71 19.83
CA LYS H 101 2.18 -48.71 20.24
C LYS H 101 2.69 -49.04 21.64
N ILE H 102 4.01 -49.03 21.80
CA ILE H 102 4.64 -49.31 23.09
C ILE H 102 5.52 -48.13 23.48
N MET H 103 5.23 -47.56 24.65
CA MET H 103 5.95 -46.41 25.15
C MET H 103 6.68 -46.74 26.43
N GLU H 104 7.96 -46.36 26.50
CA GLU H 104 8.69 -46.48 27.73
C GLU H 104 8.37 -45.27 28.61
N ARG H 105 7.83 -45.54 29.79
CA ARG H 105 7.36 -44.49 30.70
C ARG H 105 6.24 -43.66 30.07
N SER H 106 5.73 -42.66 30.79
CA SER H 106 4.54 -41.95 30.34
C SER H 106 4.36 -40.66 31.08
N ILE H 107 3.39 -39.85 30.63
CA ILE H 107 2.99 -38.68 31.39
C ILE H 107 2.61 -39.05 32.83
N PHE H 108 2.07 -40.25 33.03
CA PHE H 108 1.64 -40.71 34.34
C PHE H 108 2.80 -40.94 35.32
N SER H 109 3.81 -41.70 34.92
CA SER H 109 4.97 -41.88 35.80
C SER H 109 5.64 -40.55 36.13
N ALA H 110 5.68 -39.65 35.14
CA ALA H 110 6.25 -38.33 35.35
C ALA H 110 5.49 -37.62 36.46
N ARG H 111 4.16 -37.64 36.38
CA ARG H 111 3.33 -36.92 37.32
C ARG H 111 3.30 -37.59 38.70
N TYR H 112 2.92 -38.87 38.72
CA TYR H 112 2.60 -39.58 39.96
C TYR H 112 3.82 -40.03 40.73
N CYS H 113 4.96 -40.18 40.05
CA CYS H 113 6.16 -40.64 40.74
C CYS H 113 7.22 -39.54 40.80
N PHE H 114 7.71 -39.12 39.63
CA PHE H 114 8.80 -38.17 39.63
C PHE H 114 8.42 -36.79 40.18
N VAL H 115 7.38 -36.16 39.63
CA VAL H 115 6.99 -34.85 40.11
C VAL H 115 6.65 -34.93 41.60
N GLU H 116 5.82 -35.91 41.97
CA GLU H 116 5.41 -36.10 43.35
C GLU H 116 6.60 -36.22 44.30
N ASN H 117 7.57 -37.04 43.92
CA ASN H 117 8.74 -37.22 44.77
C ASN H 117 9.57 -35.95 44.89
N MET H 118 9.70 -35.23 43.78
CA MET H 118 10.41 -33.96 43.77
C MET H 118 9.76 -32.91 44.69
N ARG H 119 8.43 -32.93 44.78
CA ARG H 119 7.71 -32.11 45.73
C ARG H 119 8.04 -32.52 47.15
N ARG H 120 7.93 -33.82 47.42
CA ARG H 120 8.19 -34.40 48.74
C ARG H 120 9.56 -34.06 49.30
N ASN H 121 10.60 -34.16 48.49
CA ASN H 121 11.95 -33.86 48.98
C ASN H 121 12.34 -32.38 48.79
N GLY H 122 11.37 -31.55 48.47
CA GLY H 122 11.58 -30.12 48.34
C GLY H 122 12.39 -29.62 47.16
N SER H 123 12.58 -30.44 46.12
CA SER H 123 13.19 -29.94 44.89
C SER H 123 12.23 -28.98 44.18
N LEU H 124 10.96 -29.37 44.10
CA LEU H 124 9.91 -28.49 43.62
C LEU H 124 9.28 -27.78 44.80
N GLU H 125 9.38 -26.46 44.83
CA GLU H 125 8.68 -25.67 45.84
C GLU H 125 7.18 -25.71 45.56
N GLN H 126 6.37 -25.31 46.54
CA GLN H 126 4.92 -25.41 46.43
C GLN H 126 4.35 -24.78 45.16
N GLY H 127 4.73 -23.53 44.88
CA GLY H 127 4.25 -22.81 43.71
C GLY H 127 4.61 -23.51 42.42
N MET H 128 5.80 -24.11 42.39
CA MET H 128 6.25 -24.83 41.22
C MET H 128 5.47 -26.11 41.01
N TYR H 129 5.31 -26.88 42.08
CA TYR H 129 4.49 -28.07 42.04
C TYR H 129 3.08 -27.71 41.59
N ASN H 130 2.48 -26.71 42.23
CA ASN H 130 1.12 -26.29 41.90
C ASN H 130 0.91 -25.94 40.43
N THR H 131 1.89 -25.26 39.83
CA THR H 131 1.87 -24.97 38.40
C THR H 131 1.88 -26.23 37.57
N LEU H 132 2.81 -27.13 37.86
CA LEU H 132 2.84 -28.40 37.14
C LEU H 132 1.50 -29.12 37.24
N GLU H 133 0.92 -29.15 38.44
CA GLU H 133 -0.32 -29.88 38.65
C GLU H 133 -1.48 -29.25 37.91
N GLU H 134 -1.54 -27.91 37.89
CA GLU H 134 -2.60 -27.20 37.18
C GLU H 134 -2.59 -27.58 35.69
N TRP H 135 -1.38 -27.68 35.15
CA TRP H 135 -1.18 -28.14 33.78
C TRP H 135 -1.70 -29.56 33.61
N TYR H 136 -1.25 -30.50 34.45
CA TYR H 136 -1.72 -31.88 34.31
C TYR H 136 -3.23 -31.94 34.25
N LYS H 137 -3.89 -31.15 35.09
CA LYS H 137 -5.34 -31.13 35.14
C LYS H 137 -5.91 -30.59 33.86
N PHE H 138 -5.29 -29.55 33.31
CA PHE H 138 -5.74 -29.02 32.04
C PHE H 138 -5.43 -30.00 30.92
N ILE H 139 -4.30 -30.69 31.04
CA ILE H 139 -3.88 -31.63 30.00
C ILE H 139 -4.88 -32.77 29.88
N GLU H 140 -5.39 -33.28 31.00
CA GLU H 140 -6.34 -34.40 30.88
C GLU H 140 -7.68 -34.00 30.30
N GLU H 141 -8.04 -32.73 30.43
CA GLU H 141 -9.28 -32.26 29.86
C GLU H 141 -9.16 -31.97 28.37
N SER H 142 -7.94 -31.85 27.86
CA SER H 142 -7.76 -31.31 26.52
C SER H 142 -6.95 -32.17 25.55
N ILE H 143 -6.08 -33.03 26.07
CA ILE H 143 -5.29 -33.90 25.23
C ILE H 143 -5.59 -35.35 25.53
N HIS H 144 -5.71 -36.16 24.48
CA HIS H 144 -6.05 -37.57 24.66
C HIS H 144 -4.81 -38.46 24.88
N VAL H 145 -4.73 -39.07 26.06
CA VAL H 145 -3.62 -39.98 26.33
C VAL H 145 -4.09 -41.42 26.32
N GLN H 146 -3.87 -42.09 25.19
CA GLN H 146 -4.24 -43.49 24.99
C GLN H 146 -3.39 -44.41 25.84
N ALA H 147 -4.04 -45.23 26.66
CA ALA H 147 -3.35 -46.20 27.52
C ALA H 147 -4.22 -47.42 27.80
N ASP H 148 -3.87 -48.56 27.21
CA ASP H 148 -4.69 -49.75 27.33
C ASP H 148 -4.13 -50.82 28.26
N LEU H 149 -2.83 -50.77 28.50
CA LEU H 149 -2.16 -51.74 29.34
C LEU H 149 -0.84 -51.20 29.84
N ILE H 150 -0.60 -51.34 31.14
CA ILE H 150 0.69 -51.01 31.70
C ILE H 150 1.42 -52.31 32.01
N ILE H 151 2.69 -52.39 31.61
CA ILE H 151 3.54 -53.48 32.06
C ILE H 151 4.47 -52.89 33.12
N TYR H 152 4.33 -53.38 34.35
CA TYR H 152 5.12 -52.89 35.47
C TYR H 152 6.30 -53.81 35.69
N LEU H 153 7.51 -53.32 35.40
CA LEU H 153 8.73 -54.05 35.70
C LEU H 153 9.05 -53.84 37.16
N ARG H 154 8.38 -54.60 38.01
CA ARG H 154 8.54 -54.53 39.46
C ARG H 154 9.86 -55.11 39.94
N THR H 155 10.54 -54.40 40.83
CA THR H 155 11.81 -54.85 41.41
C THR H 155 11.97 -54.31 42.81
N SER H 156 12.88 -54.92 43.57
CA SER H 156 13.28 -54.34 44.84
C SER H 156 14.31 -53.23 44.55
N PRO H 157 14.24 -52.13 45.30
CA PRO H 157 15.17 -51.01 45.12
C PRO H 157 16.64 -51.42 45.10
N GLU H 158 16.99 -52.45 45.87
CA GLU H 158 18.37 -52.91 46.00
C GLU H 158 18.88 -53.52 44.69
N VAL H 159 18.04 -54.35 44.08
CA VAL H 159 18.35 -54.98 42.79
C VAL H 159 18.47 -53.90 41.72
N ALA H 160 17.61 -52.89 41.79
CA ALA H 160 17.65 -51.78 40.86
C ALA H 160 18.97 -51.06 41.02
N TYR H 161 19.26 -50.63 42.24
CA TYR H 161 20.54 -50.00 42.60
C TYR H 161 21.73 -50.76 42.01
N GLU H 162 21.72 -52.08 42.18
CA GLU H 162 22.77 -52.96 41.68
C GLU H 162 22.92 -52.82 40.16
N ARG H 163 21.80 -52.94 39.43
CA ARG H 163 21.81 -52.86 37.98
C ARG H 163 22.44 -51.56 37.46
N ILE H 164 22.17 -50.45 38.14
CA ILE H 164 22.71 -49.14 37.75
C ILE H 164 24.23 -49.10 37.90
N ARG H 165 24.75 -49.75 38.93
CA ARG H 165 26.19 -49.76 39.21
C ARG H 165 27.00 -50.47 38.12
N GLN H 166 26.46 -51.55 37.57
CA GLN H 166 27.15 -52.32 36.53
C GLN H 166 27.31 -51.60 35.17
N ARG H 167 26.58 -50.50 34.97
CA ARG H 167 26.52 -49.81 33.66
C ARG H 167 27.44 -48.58 33.54
N CYS H 174 24.60 -43.31 39.55
CA CYS H 174 25.10 -43.41 40.93
C CYS H 174 24.16 -42.71 41.94
N VAL H 175 22.98 -42.38 41.45
CA VAL H 175 21.78 -42.06 42.24
C VAL H 175 21.65 -42.89 43.54
N PRO H 176 21.50 -42.19 44.66
CA PRO H 176 21.37 -42.82 45.99
C PRO H 176 20.30 -43.91 46.07
N LEU H 177 20.51 -44.91 46.93
CA LEU H 177 19.52 -45.98 47.12
C LEU H 177 18.23 -45.42 47.74
N LYS H 178 18.36 -44.40 48.57
CA LYS H 178 17.22 -43.74 49.19
C LYS H 178 16.25 -43.19 48.15
N TYR H 179 16.78 -42.57 47.11
CA TYR H 179 15.99 -42.03 45.99
C TYR H 179 15.24 -43.18 45.31
N LEU H 180 15.96 -44.27 45.02
CA LEU H 180 15.36 -45.41 44.36
C LEU H 180 14.28 -46.05 45.20
N GLN H 181 14.46 -45.99 46.52
CA GLN H 181 13.47 -46.50 47.48
C GLN H 181 12.17 -45.68 47.39
N GLU H 182 12.33 -44.36 47.44
CA GLU H 182 11.23 -43.42 47.33
C GLU H 182 10.44 -43.61 46.04
N LEU H 183 11.18 -43.68 44.92
CA LEU H 183 10.57 -43.92 43.62
C LEU H 183 9.82 -45.24 43.59
N HIS H 184 10.45 -46.29 44.12
CA HIS H 184 9.84 -47.61 44.19
C HIS H 184 8.50 -47.54 44.92
N GLU H 185 8.50 -46.94 46.12
CA GLU H 185 7.29 -46.82 46.93
C GLU H 185 6.17 -46.11 46.15
N LEU H 186 6.54 -45.08 45.41
CA LEU H 186 5.58 -44.30 44.64
C LEU H 186 5.01 -45.09 43.46
N HIS H 187 5.87 -45.87 42.81
CA HIS H 187 5.43 -46.76 41.75
C HIS H 187 4.47 -47.81 42.31
N GLU H 188 4.77 -48.29 43.50
CA GLU H 188 3.95 -49.29 44.18
C GLU H 188 2.58 -48.72 44.56
N ASP H 189 2.56 -47.52 45.13
CA ASP H 189 1.32 -46.81 45.43
C ASP H 189 0.44 -46.71 44.21
N TRP H 190 1.04 -46.36 43.07
CA TRP H 190 0.31 -46.12 41.84
C TRP H 190 -0.17 -47.43 41.21
N LEU H 191 0.74 -48.39 41.06
CA LEU H 191 0.47 -49.55 40.23
C LEU H 191 -0.03 -50.81 40.96
N ILE H 192 0.23 -50.90 42.27
CA ILE H 192 -0.19 -52.06 43.06
C ILE H 192 -1.32 -51.72 44.04
N HIS H 193 -1.02 -50.86 45.01
CA HIS H 193 -1.97 -50.46 46.05
C HIS H 193 -3.07 -49.55 45.52
N GLN H 194 -2.96 -49.18 44.24
CA GLN H 194 -3.95 -48.37 43.51
C GLN H 194 -4.39 -47.09 44.21
N CYS H 200 -6.58 -48.02 33.45
CA CYS H 200 -6.31 -49.20 32.62
C CYS H 200 -5.63 -50.33 33.41
N LYS H 201 -5.61 -51.54 32.82
CA LYS H 201 -5.10 -52.73 33.50
C LYS H 201 -3.57 -52.77 33.64
N VAL H 202 -3.11 -53.06 34.85
CA VAL H 202 -1.68 -53.19 35.14
C VAL H 202 -1.30 -54.66 35.11
N LEU H 203 -0.16 -54.96 34.53
CA LEU H 203 0.30 -56.34 34.43
C LEU H 203 1.73 -56.43 34.96
N VAL H 204 1.91 -57.13 36.08
CA VAL H 204 3.16 -57.07 36.86
C VAL H 204 4.16 -58.17 36.51
N LEU H 205 5.39 -57.78 36.18
CA LEU H 205 6.45 -58.74 35.92
C LEU H 205 7.53 -58.66 36.98
N ASP H 206 8.08 -59.82 37.33
CA ASP H 206 9.20 -59.88 38.27
C ASP H 206 10.55 -59.88 37.52
N ALA H 207 11.39 -58.88 37.81
CA ALA H 207 12.78 -58.77 37.27
C ALA H 207 13.24 -59.91 36.33
S SO4 I . 0.24 47.67 -44.96
O1 SO4 I . 0.41 49.05 -45.38
O2 SO4 I . -0.98 47.18 -45.62
O3 SO4 I . 1.45 46.90 -45.31
O4 SO4 I . 0.06 47.57 -43.49
O5' THM J . -1.80 41.11 -43.08
C5' THM J . -2.04 40.26 -44.18
C4' THM J . -3.42 39.70 -43.95
O4' THM J . -3.47 38.75 -42.88
C3' THM J . -4.46 40.77 -43.62
O3' THM J . -5.43 40.59 -44.62
C2' THM J . -5.11 40.41 -42.29
C1' THM J . -4.50 39.07 -41.95
N1 THM J . -4.28 38.73 -40.53
C2 THM J . -5.33 38.00 -39.89
O2 THM J . -6.37 37.71 -40.52
N3 THM J . -5.26 37.62 -38.62
C4 THM J . -4.18 37.91 -37.88
O4 THM J . -4.13 37.54 -36.68
C5 THM J . -3.07 38.65 -38.52
C5M THM J . -1.87 39.00 -37.69
C6 THM J . -3.16 39.04 -39.86
S SO4 K . -10.93 3.06 -20.82
O1 SO4 K . -11.77 1.95 -20.41
O2 SO4 K . -11.69 3.80 -21.81
O3 SO4 K . -10.65 3.90 -19.66
O4 SO4 K . -9.65 2.59 -21.34
O5' THM L . -11.15 9.46 -24.00
C5' THM L . -12.53 9.76 -23.91
C4' THM L . -12.93 10.25 -25.30
O4' THM L . -11.98 11.21 -25.79
C3' THM L . -12.95 9.14 -26.33
O3' THM L . -14.15 9.35 -27.03
C2' THM L . -11.94 9.42 -27.42
C1' THM L . -11.46 10.81 -27.06
N1 THM L . -10.12 11.28 -27.45
C2 THM L . -10.10 11.88 -28.73
O2 THM L . -11.13 11.90 -29.45
N3 THM L . -8.94 12.41 -29.20
C4 THM L . -7.82 12.41 -28.45
O4 THM L . -6.78 12.92 -28.94
C5 THM L . -7.85 11.80 -27.08
C5M THM L . -6.63 11.79 -26.21
C6 THM L . -9.06 11.25 -26.64
S SO4 M . -24.93 46.92 -15.07
O1 SO4 M . -23.88 46.00 -15.56
O2 SO4 M . -24.83 48.28 -15.55
O3 SO4 M . -26.22 46.33 -15.39
O4 SO4 M . -24.79 46.94 -13.64
O5' THM N . -27.57 40.52 -13.71
C5' THM N . -27.69 39.54 -14.72
C4' THM N . -29.17 39.25 -14.74
O4' THM N . -29.51 38.08 -14.00
C3' THM N . -29.88 40.42 -14.07
O3' THM N . -30.73 40.97 -15.04
C2' THM N . -30.69 39.87 -12.91
C1' THM N . -30.42 38.38 -12.94
N1 THM N . -29.88 37.94 -11.64
C2 THM N . -30.79 37.19 -10.85
O2 THM N . -31.94 36.94 -11.29
N3 THM N . -30.46 36.75 -9.66
C4 THM N . -29.22 37.01 -9.18
O4 THM N . -28.91 36.55 -8.06
C5 THM N . -28.21 37.80 -9.96
C5M THM N . -26.86 38.07 -9.35
C6 THM N . -28.63 38.26 -11.22
S SO4 O . -37.47 0.22 4.05
O1 SO4 O . -36.43 0.14 3.01
O2 SO4 O . -36.85 0.50 5.34
O3 SO4 O . -38.50 1.22 3.72
O4 SO4 O . -38.17 -1.06 4.18
O5' THM P . -37.30 7.02 1.44
C5' THM P . -38.55 7.61 1.75
C4' THM P . -39.13 8.14 0.43
O4' THM P . -38.37 9.25 -0.07
C3' THM P . -39.19 7.10 -0.68
O3' THM P . -40.56 7.01 -1.06
C2' THM P . -38.40 7.64 -1.87
C1' THM P . -37.98 9.03 -1.42
N1 THM P . -36.61 9.42 -1.69
C2 THM P . -36.40 10.20 -2.85
O2 THM P . -37.36 10.48 -3.59
N3 THM P . -35.18 10.63 -3.18
C4 THM P . -34.15 10.35 -2.41
O4 THM P . -33.04 10.77 -2.74
C5 THM P . -34.33 9.56 -1.19
C5M THM P . -33.14 9.23 -0.30
C6 THM P . -35.61 9.12 -0.87
S SO4 Q . 21.78 2.13 7.55
O1 SO4 Q . 20.62 1.27 7.37
O2 SO4 Q . 22.41 2.23 6.24
O3 SO4 Q . 21.29 3.41 8.05
O4 SO4 Q . 22.78 1.60 8.48
O5' THM R . 24.02 -4.15 8.86
C5' THM R . 24.02 -4.58 10.22
C4' THM R . 25.40 -5.07 10.71
O4' THM R . 25.73 -6.40 10.30
C3' THM R . 26.55 -4.17 10.25
O3' THM R . 27.17 -3.81 11.48
C2' THM R . 27.55 -5.03 9.49
C1' THM R . 27.01 -6.45 9.63
N1 THM R . 27.01 -7.33 8.45
C2 THM R . 28.06 -8.31 8.30
O2 THM R . 29.01 -8.40 9.13
N3 THM R . 28.10 -9.14 7.27
C4 THM R . 27.13 -9.11 6.36
O4 THM R . 27.18 -9.92 5.41
C5 THM R . 26.01 -8.12 6.50
C5M THM R . 24.90 -8.06 5.50
C6 THM R . 26.01 -7.25 7.58
S SO4 S . 36.67 -47.57 6.10
O1 SO4 S . 35.49 -47.68 6.96
O2 SO4 S . 36.28 -46.91 4.86
O3 SO4 S . 37.75 -46.85 6.79
O4 SO4 S . 37.08 -48.92 5.79
O5' THM T . 35.81 -40.87 6.68
C5' THM T . 36.93 -40.06 6.33
C4' THM T . 37.38 -39.26 7.56
O4' THM T . 36.66 -38.02 7.63
C3' THM T . 37.16 -39.96 8.89
O3' THM T . 38.39 -39.88 9.56
C2' THM T . 36.25 -39.11 9.76
C1' THM T . 36.03 -37.86 8.91
N1 THM T . 34.65 -37.36 8.77
C2 THM T . 34.22 -36.30 9.60
O2 THM T . 34.99 -35.82 10.46
N3 THM T . 32.98 -35.77 9.49
C4 THM T . 32.13 -36.25 8.56
O4 THM T . 30.98 -35.78 8.45
C5 THM T . 32.59 -37.35 7.67
C5M THM T . 31.68 -37.93 6.62
C6 THM T . 33.87 -37.87 7.81
S SO4 U . -4.47 -1.28 32.18
O1 SO4 U . -4.13 -0.17 33.09
O2 SO4 U . -3.68 -1.23 30.94
O3 SO4 U . -4.20 -2.52 32.88
O4 SO4 U . -5.90 -1.19 31.93
O5' THM V . -1.17 -7.01 33.54
C5' THM V . -1.16 -7.59 34.84
C4' THM V . 0.27 -7.85 35.36
O4' THM V . 0.76 -9.15 35.03
C3' THM V . 1.29 -6.85 34.83
O3' THM V . 1.86 -6.30 36.01
C2' THM V . 2.39 -7.63 34.13
C1' THM V . 2.02 -9.10 34.34
N1 THM V . 2.11 -10.00 33.17
C2 THM V . 3.30 -10.77 33.04
O2 THM V . 4.22 -10.59 33.89
N3 THM V . 3.48 -11.66 32.04
C4 THM V . 2.53 -11.87 31.11
O4 THM V . 2.74 -12.68 30.16
C5 THM V . 1.26 -11.08 31.22
C5M THM V . 0.15 -11.25 30.22
C6 THM V . 1.10 -10.17 32.27
S SO4 W . 16.22 -49.22 33.30
O1 SO4 W . 16.59 -48.06 34.10
O2 SO4 W . 14.85 -49.62 33.62
O3 SO4 W . 16.30 -48.89 31.88
O4 SO4 W . 17.08 -50.37 33.62
O5' THM X . 15.09 -42.40 32.79
C5' THM X . 16.03 -41.42 32.39
C4' THM X . 16.33 -40.47 33.53
O4' THM X . 15.40 -39.37 33.56
C3' THM X . 16.32 -41.12 34.92
O3' THM X . 17.61 -40.94 35.48
C2' THM X . 15.35 -40.36 35.80
C1' THM X . 14.86 -39.22 34.89
N1 THM X . 13.43 -38.92 34.92
C2 THM X . 13.03 -37.90 35.81
O2 THM X . 13.89 -37.38 36.54
N3 THM X . 11.74 -37.53 35.90
C4 THM X . 10.82 -38.11 35.12
O4 THM X . 9.62 -37.75 35.21
C5 THM X . 11.23 -39.17 34.17
C5M THM X . 10.23 -39.85 33.27
C6 THM X . 12.57 -39.53 34.11
#